data_7WR3
#
_entry.id   7WR3
#
_cell.length_a   58.846
_cell.length_b   201.866
_cell.length_c   101.515
_cell.angle_alpha   90.000
_cell.angle_beta   102.105
_cell.angle_gamma   90.000
#
_symmetry.space_group_name_H-M   'P 1 21 1'
#
loop_
_entity.id
_entity.type
_entity.pdbx_description
1 polymer 'MBP-fused OspC3'
2 polymer Calmodulin-1
3 branched alpha-D-glucopyranose-(1-4)-alpha-D-glucopyranose
4 non-polymer 'SULFATE ION'
5 non-polymer NICOTINAMIDE
6 water water
#
loop_
_entity_poly.entity_id
_entity_poly.type
_entity_poly.pdbx_seq_one_letter_code
_entity_poly.pdbx_strand_id
1 'polypeptide(L)'
;GPMKIEEGKLVIWINGDKGYNGLAEVGKKFEKDTGIKVTVEHPDKLEEKFPQVAATGDGPDIIFWAHDRFGGYAQSGLLA
EITPAAAFQDKLYPFTWDAVRYNGKLIAYPIAVEALSLIYNKDLLPNPPKTWEEIPALDKELKAKGKSALMFNLQEPYFT
WPLIAADGGYAFKYAAGKYDIKDVGVDNAGAKAGLTFLVDLIKNKHMNADTDYSIAEAAFNKGETAMTINGPWAWSNIDT
SAVNYGVTVLPTFKGQPSKPFVGVLSAGINAASPNKELAKEFLENYLLTDEGLEAVNKDKPLGAVALKSYEEELAKDPRI
AATMENAQKGEIMPNIPQMSAFWYAVRTAVINAASGRQTVDAALAAAQTNAAALDHCANTVKNFLRKSIAAQSYSKMFSQ
GTSFKSLNLSLEAPSGARSSFRSLEHLDKVSRHYISEIIQKVHPLSSDERHLLSIIINSNFNFRHQSNSNLSNNILNIKS
FDKIQSENIQTHKNTYSEDIKEISNHDFVFFGVEISNHQEKLPLNKTHHTVDFGANAYIIDHDSPYGYMTLTDHFDNAIP
PVFYHEHQSFFLDNFKEVVDEVSRYVHGNQGKTDVPIFNTKDMRLGIGLHLIDFIRKSKDQGFREFCYNKNIDPVSLDRI
INFVFQLEYHIPRMLSTDNFKKIKLRDISLEDAIKASNYEEINNKVTDKKMAHQALAYSLGNKKADIALYLLSKFNFTKQ
DVAEMEKMKNNRYCNLYDVEYLLSKDGANYKVLEYFINNGLVDVNKKFQKVNSGDTMLDNAMKSKDSKMIDFLLKNGAIL
GKRFEI
;
A,B
2 'polypeptide(L)'
;SGRPMADQLTEEQIAEFKEAFSLFDKDGDGTITTKELGTVMRSLGQNPTEAELQDMINEVDADGNGTIDFPEFLTMMARK
MKDTDSEEEIREAFRVFDKDGNGYISAAELRHVMTNLGEKLTDEEVDEMIREADIDGDGQVNYEEFVQMMTAK
;
C,D
#
# COMPACT_ATOMS: atom_id res chain seq x y z
N LYS A 4 -6.87 -39.91 22.75
CA LYS A 4 -5.82 -38.90 22.65
C LYS A 4 -5.33 -38.46 24.02
N ILE A 5 -6.25 -37.95 24.85
CA ILE A 5 -5.93 -37.62 26.23
C ILE A 5 -5.89 -38.92 27.02
N GLU A 6 -4.79 -39.19 27.69
CA GLU A 6 -4.63 -40.50 28.29
C GLU A 6 -5.22 -40.53 29.70
N GLU A 7 -5.95 -41.61 29.98
CA GLU A 7 -6.63 -41.78 31.25
C GLU A 7 -5.65 -42.22 32.32
N GLY A 8 -5.96 -41.88 33.57
CA GLY A 8 -5.17 -42.32 34.70
C GLY A 8 -4.04 -41.38 35.06
N LYS A 9 -4.03 -40.17 34.50
CA LYS A 9 -3.09 -39.14 34.91
C LYS A 9 -3.71 -37.79 34.57
N LEU A 10 -3.08 -36.73 35.08
CA LEU A 10 -3.57 -35.37 34.83
C LEU A 10 -2.46 -34.55 34.19
N VAL A 11 -2.73 -34.01 33.01
CA VAL A 11 -1.86 -33.03 32.37
C VAL A 11 -2.47 -31.64 32.60
N ILE A 12 -1.67 -30.72 33.10
CA ILE A 12 -2.13 -29.37 33.41
C ILE A 12 -1.30 -28.39 32.59
N TRP A 13 -1.96 -27.40 31.99
CA TRP A 13 -1.31 -26.30 31.30
C TRP A 13 -1.52 -25.01 32.09
N ILE A 14 -0.44 -24.23 32.28
CA ILE A 14 -0.52 -22.95 32.99
C ILE A 14 0.54 -22.03 32.40
N ASN A 15 0.28 -20.72 32.42
CA ASN A 15 1.19 -19.80 31.73
C ASN A 15 2.56 -19.79 32.41
N GLY A 16 3.59 -19.55 31.61
CA GLY A 16 4.94 -19.50 32.14
C GLY A 16 5.21 -18.39 33.14
N ASP A 17 4.35 -17.38 33.22
CA ASP A 17 4.60 -16.35 34.23
C ASP A 17 3.97 -16.69 35.59
N LYS A 18 3.32 -17.84 35.73
CA LYS A 18 2.70 -18.27 36.98
C LYS A 18 3.59 -19.28 37.71
N GLY A 19 3.16 -19.68 38.90
CA GLY A 19 3.96 -20.53 39.76
C GLY A 19 3.80 -22.01 39.48
N TYR A 20 4.28 -22.47 38.30
CA TYR A 20 4.07 -23.85 37.88
C TYR A 20 4.88 -24.86 38.70
N ASN A 21 5.97 -24.44 39.32
CA ASN A 21 6.70 -25.36 40.21
C ASN A 21 5.91 -25.63 41.49
N GLY A 22 5.30 -24.60 42.07
CA GLY A 22 4.47 -24.82 43.24
C GLY A 22 3.25 -25.68 42.91
N LEU A 23 2.69 -25.45 41.73
CA LEU A 23 1.59 -26.29 41.26
C LEU A 23 2.04 -27.73 41.10
N ALA A 24 3.25 -27.93 40.59
CA ALA A 24 3.81 -29.27 40.48
C ALA A 24 3.97 -29.94 41.85
N GLU A 25 4.33 -29.17 42.87
CA GLU A 25 4.36 -29.74 44.23
C GLU A 25 2.97 -30.19 44.69
N VAL A 26 1.95 -29.38 44.40
CA VAL A 26 0.59 -29.86 44.67
C VAL A 26 0.32 -31.18 43.93
N GLY A 27 0.76 -31.25 42.67
CA GLY A 27 0.59 -32.47 41.91
C GLY A 27 1.29 -33.66 42.53
N LYS A 28 2.48 -33.43 43.08
CA LYS A 28 3.21 -34.55 43.68
C LYS A 28 2.54 -35.02 44.97
N LYS A 29 1.90 -34.11 45.71
CA LYS A 29 1.10 -34.54 46.85
C LYS A 29 -0.12 -35.36 46.40
N PHE A 30 -0.77 -34.92 45.33
CA PHE A 30 -1.87 -35.70 44.77
C PHE A 30 -1.41 -37.11 44.39
N GLU A 31 -0.24 -37.21 43.79
CA GLU A 31 0.30 -38.52 43.40
C GLU A 31 0.61 -39.38 44.62
N LYS A 32 1.21 -38.77 45.66
CA LYS A 32 1.48 -39.52 46.88
C LYS A 32 0.20 -40.06 47.50
N ASP A 33 -0.91 -39.33 47.38
CA ASP A 33 -2.16 -39.83 47.96
C ASP A 33 -2.87 -40.83 47.06
N THR A 34 -2.73 -40.72 45.74
CA THR A 34 -3.56 -41.47 44.81
C THR A 34 -2.80 -42.40 43.89
N GLY A 35 -1.49 -42.24 43.75
CA GLY A 35 -0.75 -42.91 42.70
C GLY A 35 -0.94 -42.33 41.32
N ILE A 36 -1.69 -41.23 41.20
CA ILE A 36 -1.97 -40.64 39.89
C ILE A 36 -0.99 -39.51 39.66
N LYS A 37 -0.19 -39.63 38.60
CA LYS A 37 0.82 -38.63 38.28
C LYS A 37 0.18 -37.36 37.71
N VAL A 38 0.73 -36.21 38.12
CA VAL A 38 0.29 -34.91 37.61
C VAL A 38 1.49 -34.27 36.90
N THR A 39 1.32 -33.95 35.62
CA THR A 39 2.36 -33.29 34.83
C THR A 39 1.90 -31.87 34.54
N VAL A 40 2.74 -30.90 34.90
CA VAL A 40 2.46 -29.48 34.71
C VAL A 40 3.35 -28.96 33.57
N GLU A 41 2.74 -28.41 32.54
CA GLU A 41 3.48 -27.82 31.43
C GLU A 41 3.07 -26.37 31.23
N HIS A 42 3.94 -25.60 30.62
CA HIS A 42 3.69 -24.18 30.36
C HIS A 42 4.05 -23.84 28.92
N PRO A 43 3.30 -24.35 27.96
CA PRO A 43 3.62 -24.08 26.56
C PRO A 43 3.40 -22.61 26.21
N ASP A 44 4.20 -22.13 25.25
CA ASP A 44 4.03 -20.77 24.77
C ASP A 44 2.68 -20.62 24.07
N LYS A 45 2.12 -19.42 24.13
CA LYS A 45 0.86 -19.09 23.47
C LYS A 45 -0.24 -20.09 23.85
N LEU A 46 -0.22 -20.47 25.13
CA LEU A 46 -1.16 -21.47 25.67
C LEU A 46 -2.61 -21.15 25.32
N GLU A 47 -3.00 -19.88 25.39
CA GLU A 47 -4.41 -19.56 25.23
C GLU A 47 -4.87 -19.67 23.78
N GLU A 48 -3.93 -19.77 22.84
CA GLU A 48 -4.24 -20.08 21.45
C GLU A 48 -4.07 -21.56 21.16
N LYS A 49 -3.06 -22.19 21.77
CA LYS A 49 -2.84 -23.61 21.53
C LYS A 49 -3.93 -24.47 22.13
N PHE A 50 -4.50 -24.07 23.28
CA PHE A 50 -5.56 -24.89 23.87
C PHE A 50 -6.78 -25.03 22.97
N PRO A 51 -7.37 -23.97 22.41
CA PRO A 51 -8.54 -24.20 21.55
C PRO A 51 -8.21 -25.00 20.31
N GLN A 52 -7.00 -24.84 19.75
CA GLN A 52 -6.61 -25.62 18.57
C GLN A 52 -6.62 -27.12 18.87
N VAL A 53 -5.83 -27.55 19.86
CA VAL A 53 -5.69 -28.97 20.13
C VAL A 53 -6.96 -29.53 20.77
N ALA A 54 -7.69 -28.71 21.55
CA ALA A 54 -8.87 -29.22 22.24
C ALA A 54 -10.03 -29.42 21.28
N ALA A 55 -10.13 -28.60 20.22
CA ALA A 55 -11.19 -28.83 19.23
C ALA A 55 -11.06 -30.18 18.56
N THR A 56 -9.87 -30.78 18.56
CA THR A 56 -9.67 -32.11 18.01
C THR A 56 -9.72 -33.19 19.09
N GLY A 57 -10.12 -32.84 20.31
CA GLY A 57 -10.20 -33.82 21.37
C GLY A 57 -8.91 -34.15 22.07
N ASP A 58 -7.87 -33.32 21.90
CA ASP A 58 -6.60 -33.49 22.58
C ASP A 58 -6.38 -32.33 23.57
N GLY A 59 -5.16 -32.20 24.08
CA GLY A 59 -4.83 -31.14 24.98
C GLY A 59 -4.72 -31.60 26.42
N PRO A 60 -4.57 -30.65 27.34
CA PRO A 60 -4.42 -31.02 28.75
C PRO A 60 -5.77 -31.40 29.35
N ASP A 61 -5.70 -32.08 30.50
CA ASP A 61 -6.93 -32.31 31.27
C ASP A 61 -7.43 -31.01 31.87
N ILE A 62 -6.51 -30.18 32.36
CA ILE A 62 -6.81 -28.93 33.07
C ILE A 62 -6.07 -27.79 32.38
N ILE A 63 -6.77 -26.69 32.09
CA ILE A 63 -6.16 -25.52 31.49
C ILE A 63 -6.35 -24.33 32.43
N PHE A 64 -5.26 -23.62 32.71
CA PHE A 64 -5.28 -22.40 33.52
C PHE A 64 -5.13 -21.18 32.63
N TRP A 65 -5.98 -20.18 32.85
CA TRP A 65 -5.85 -18.88 32.20
C TRP A 65 -6.77 -17.94 32.95
N ALA A 66 -6.58 -16.63 32.72
CA ALA A 66 -7.58 -15.67 33.17
C ALA A 66 -8.94 -16.05 32.56
N HIS A 67 -10.02 -15.68 33.26
CA HIS A 67 -11.36 -16.13 32.89
C HIS A 67 -11.87 -15.57 31.57
N ASP A 68 -11.26 -14.49 31.03
CA ASP A 68 -11.84 -13.86 29.86
C ASP A 68 -11.87 -14.79 28.65
N ARG A 69 -10.90 -15.71 28.54
CA ARG A 69 -10.85 -16.64 27.43
C ARG A 69 -11.86 -17.78 27.54
N PHE A 70 -12.47 -17.99 28.71
CA PHE A 70 -13.15 -19.28 28.91
C PHE A 70 -14.53 -19.34 28.26
N GLY A 71 -15.28 -18.24 28.19
CA GLY A 71 -16.57 -18.28 27.52
C GLY A 71 -16.44 -18.73 26.08
N GLY A 72 -15.45 -18.19 25.37
CA GLY A 72 -15.15 -18.69 24.04
C GLY A 72 -14.93 -20.19 24.02
N TYR A 73 -14.06 -20.68 24.93
CA TYR A 73 -13.85 -22.12 25.03
C TYR A 73 -15.15 -22.84 25.30
N ALA A 74 -15.97 -22.30 26.20
CA ALA A 74 -17.21 -23.00 26.52
C ALA A 74 -18.12 -23.02 25.32
N GLN A 75 -18.11 -21.94 24.52
CA GLN A 75 -19.02 -21.87 23.39
C GLN A 75 -18.61 -22.86 22.32
N SER A 76 -17.31 -23.12 22.17
CA SER A 76 -16.81 -24.08 21.21
C SER A 76 -16.94 -25.52 21.69
N GLY A 77 -17.40 -25.75 22.92
CA GLY A 77 -17.56 -27.09 23.44
C GLY A 77 -16.32 -27.70 24.01
N LEU A 78 -15.36 -26.90 24.46
CA LEU A 78 -14.08 -27.43 24.91
C LEU A 78 -14.01 -27.65 26.41
N LEU A 79 -15.00 -27.22 27.17
CA LEU A 79 -14.92 -27.25 28.63
C LEU A 79 -16.05 -28.10 29.20
N ALA A 80 -15.71 -28.91 30.21
CA ALA A 80 -16.71 -29.62 30.97
C ALA A 80 -17.35 -28.68 31.99
N GLU A 81 -18.66 -28.83 32.19
CA GLU A 81 -19.30 -28.10 33.28
C GLU A 81 -18.80 -28.65 34.61
N ILE A 82 -18.48 -27.76 35.54
CA ILE A 82 -17.96 -28.23 36.82
C ILE A 82 -19.11 -28.27 37.83
N THR A 83 -18.99 -29.17 38.81
CA THR A 83 -20.13 -29.52 39.66
C THR A 83 -19.85 -29.37 41.15
N PRO A 84 -19.29 -28.24 41.61
CA PRO A 84 -19.05 -28.10 43.04
C PRO A 84 -20.37 -27.96 43.79
N ALA A 85 -20.43 -28.60 44.95
CA ALA A 85 -21.61 -28.57 45.80
C ALA A 85 -21.58 -27.34 46.70
N ALA A 86 -22.60 -27.21 47.54
CA ALA A 86 -22.79 -25.99 48.33
C ALA A 86 -21.60 -25.73 49.25
N ALA A 87 -21.15 -26.77 49.95
CA ALA A 87 -20.03 -26.65 50.88
C ALA A 87 -18.79 -26.09 50.18
N PHE A 88 -18.45 -26.62 49.00
CA PHE A 88 -17.26 -26.11 48.33
C PHE A 88 -17.48 -24.71 47.80
N GLN A 89 -18.63 -24.44 47.18
CA GLN A 89 -18.85 -23.11 46.62
C GLN A 89 -18.76 -22.05 47.71
N ASP A 90 -19.22 -22.37 48.93
CA ASP A 90 -19.16 -21.39 50.01
C ASP A 90 -17.73 -21.09 50.44
N LYS A 91 -16.73 -21.87 50.02
CA LYS A 91 -15.38 -21.56 50.44
C LYS A 91 -14.76 -20.44 49.61
N LEU A 92 -15.34 -20.08 48.48
CA LEU A 92 -14.78 -19.05 47.62
C LEU A 92 -15.67 -17.83 47.58
N TYR A 93 -15.07 -16.68 47.31
CA TYR A 93 -15.84 -15.44 47.26
C TYR A 93 -16.88 -15.51 46.14
N PRO A 94 -18.11 -15.04 46.39
CA PRO A 94 -19.14 -15.10 45.35
C PRO A 94 -18.75 -14.45 44.02
N PHE A 95 -18.10 -13.28 44.07
CA PHE A 95 -17.79 -12.61 42.80
C PHE A 95 -16.83 -13.44 41.94
N THR A 96 -16.02 -14.30 42.57
CA THR A 96 -15.11 -15.11 41.78
C THR A 96 -15.87 -16.19 40.99
N TRP A 97 -16.88 -16.82 41.61
CA TRP A 97 -17.73 -17.73 40.84
C TRP A 97 -18.42 -17.01 39.69
N ASP A 98 -18.84 -15.76 39.92
CA ASP A 98 -19.50 -15.06 38.81
C ASP A 98 -18.55 -14.91 37.62
N ALA A 99 -17.24 -14.79 37.87
CA ALA A 99 -16.33 -14.63 36.73
C ALA A 99 -16.24 -15.87 35.84
N VAL A 100 -16.58 -17.06 36.34
CA VAL A 100 -16.47 -18.30 35.58
C VAL A 100 -17.84 -18.89 35.26
N ARG A 101 -18.86 -18.06 35.24
CA ARG A 101 -20.19 -18.48 34.84
C ARG A 101 -20.41 -18.06 33.40
N TYR A 102 -20.89 -18.98 32.57
CA TYR A 102 -21.13 -18.70 31.16
C TYR A 102 -22.44 -19.37 30.78
N ASN A 103 -23.38 -18.57 30.27
CA ASN A 103 -24.73 -19.04 29.93
C ASN A 103 -25.34 -19.81 31.10
N GLY A 104 -25.18 -19.28 32.31
CA GLY A 104 -25.76 -19.82 33.51
C GLY A 104 -25.00 -20.97 34.18
N LYS A 105 -24.01 -21.54 33.52
CA LYS A 105 -23.30 -22.69 34.07
C LYS A 105 -21.89 -22.29 34.50
N LEU A 106 -21.37 -23.00 35.50
CA LEU A 106 -19.97 -22.83 35.91
C LEU A 106 -19.07 -23.60 34.95
N ILE A 107 -18.11 -22.93 34.34
CA ILE A 107 -17.25 -23.55 33.34
C ILE A 107 -15.79 -23.63 33.79
N ALA A 108 -15.49 -23.25 35.03
CA ALA A 108 -14.12 -23.35 35.55
C ALA A 108 -14.13 -23.04 37.05
N TYR A 109 -13.04 -23.44 37.73
CA TYR A 109 -12.82 -23.07 39.12
C TYR A 109 -12.02 -21.77 39.17
N PRO A 110 -12.52 -20.75 39.86
CA PRO A 110 -11.71 -19.54 40.06
C PRO A 110 -10.58 -19.80 41.04
N ILE A 111 -9.41 -19.23 40.76
CA ILE A 111 -8.21 -19.41 41.56
C ILE A 111 -7.80 -18.14 42.29
N ALA A 112 -7.66 -17.03 41.57
CA ALA A 112 -7.16 -15.82 42.21
C ALA A 112 -7.45 -14.63 41.32
N VAL A 113 -7.57 -13.46 41.95
CA VAL A 113 -7.90 -12.22 41.28
C VAL A 113 -6.61 -11.49 40.97
N GLU A 114 -6.46 -11.08 39.71
CA GLU A 114 -5.27 -10.43 39.18
C GLU A 114 -5.62 -9.03 38.72
N ALA A 115 -4.89 -8.03 39.20
CA ALA A 115 -5.04 -6.71 38.64
C ALA A 115 -3.67 -6.05 38.62
N LEU A 116 -3.45 -5.24 37.59
CA LEU A 116 -2.20 -4.51 37.48
C LEU A 116 -2.12 -3.40 38.51
N SER A 117 -0.90 -3.17 39.01
CA SER A 117 -0.61 -2.04 39.89
C SER A 117 0.61 -1.30 39.36
N LEU A 118 0.83 -0.10 39.91
CA LEU A 118 2.08 0.63 39.71
C LEU A 118 3.12 0.12 40.71
N ILE A 119 4.27 -0.34 40.20
CA ILE A 119 5.37 -0.82 41.03
C ILE A 119 6.50 0.19 40.88
N TYR A 120 7.07 0.63 42.01
CA TYR A 120 8.03 1.72 41.93
C TYR A 120 9.18 1.46 42.88
N ASN A 121 10.34 1.96 42.49
CA ASN A 121 11.58 1.78 43.23
C ASN A 121 11.62 2.88 44.28
N LYS A 122 11.49 2.49 45.55
CA LYS A 122 11.40 3.47 46.63
C LYS A 122 12.69 4.26 46.81
N ASP A 123 13.83 3.71 46.41
CA ASP A 123 15.09 4.43 46.57
C ASP A 123 15.23 5.52 45.52
N LEU A 124 14.72 5.29 44.31
CA LEU A 124 14.78 6.30 43.26
C LEU A 124 13.64 7.30 43.34
N LEU A 125 12.53 6.88 43.92
CA LEU A 125 11.25 7.58 43.78
C LEU A 125 10.48 7.35 45.06
N PRO A 126 10.84 8.06 46.13
CA PRO A 126 10.19 7.81 47.43
C PRO A 126 8.72 8.17 47.42
N ASN A 127 8.31 9.12 46.59
CA ASN A 127 6.90 9.47 46.42
C ASN A 127 6.52 9.28 44.96
N PRO A 128 5.88 8.17 44.62
CA PRO A 128 5.52 7.91 43.23
C PRO A 128 4.49 8.90 42.73
N PRO A 129 4.44 9.14 41.42
CA PRO A 129 3.50 10.13 40.88
C PRO A 129 2.06 9.69 41.01
N LYS A 130 1.19 10.65 41.31
CA LYS A 130 -0.23 10.36 41.35
C LYS A 130 -0.88 10.41 39.96
N THR A 131 -0.25 11.07 38.99
CA THR A 131 -0.87 11.28 37.69
C THR A 131 0.05 10.77 36.60
N TRP A 132 -0.56 10.30 35.51
CA TRP A 132 0.19 10.07 34.28
C TRP A 132 0.84 11.34 33.79
N GLU A 133 0.17 12.48 33.97
CA GLU A 133 0.64 13.73 33.37
C GLU A 133 1.99 14.18 33.93
N GLU A 134 2.33 13.80 35.16
CA GLU A 134 3.61 14.25 35.71
C GLU A 134 4.78 13.33 35.36
N ILE A 135 4.53 12.26 34.62
CA ILE A 135 5.59 11.30 34.31
C ILE A 135 6.62 11.86 33.33
N PRO A 136 6.26 12.64 32.30
CA PRO A 136 7.32 13.23 31.46
C PRO A 136 8.37 14.03 32.24
N ALA A 137 7.95 14.86 33.20
CA ALA A 137 8.92 15.66 33.96
C ALA A 137 9.75 14.79 34.90
N LEU A 138 9.12 13.77 35.50
CA LEU A 138 9.88 12.82 36.30
C LEU A 138 10.93 12.12 35.47
N ASP A 139 10.57 11.70 34.25
CA ASP A 139 11.52 11.04 33.38
C ASP A 139 12.68 11.96 33.05
N LYS A 140 12.37 13.21 32.75
CA LYS A 140 13.42 14.18 32.47
C LYS A 140 14.38 14.31 33.65
N GLU A 141 13.85 14.35 34.88
CA GLU A 141 14.73 14.43 36.05
C GLU A 141 15.63 13.19 36.12
N LEU A 142 15.04 12.01 35.97
CA LEU A 142 15.81 10.77 36.08
C LEU A 142 16.83 10.62 34.96
N LYS A 143 16.53 11.12 33.76
CA LYS A 143 17.45 11.03 32.63
C LYS A 143 18.74 11.80 32.85
N ALA A 144 18.74 12.75 33.78
CA ALA A 144 19.98 13.44 34.13
C ALA A 144 21.04 12.46 34.59
N LYS A 145 20.62 11.34 35.18
CA LYS A 145 21.51 10.24 35.56
C LYS A 145 21.33 9.02 34.67
N GLY A 146 20.78 9.19 33.48
CA GLY A 146 20.69 8.12 32.51
C GLY A 146 19.64 7.08 32.82
N LYS A 147 18.78 7.34 33.80
CA LYS A 147 17.67 6.46 34.19
C LYS A 147 16.36 6.98 33.62
N SER A 148 15.32 6.15 33.69
CA SER A 148 14.02 6.52 33.16
C SER A 148 12.94 6.35 34.23
N ALA A 149 11.79 6.98 33.99
CA ALA A 149 10.74 6.95 34.98
C ALA A 149 9.94 5.66 34.92
N LEU A 150 9.63 5.17 33.72
CA LEU A 150 8.64 4.09 33.59
C LEU A 150 8.92 3.18 32.42
N MET A 151 8.89 1.87 32.67
CA MET A 151 8.96 0.89 31.58
C MET A 151 7.98 -0.24 31.87
N PHE A 152 7.21 -0.62 30.86
CA PHE A 152 6.27 -1.72 31.01
C PHE A 152 5.99 -2.27 29.63
N ASN A 153 5.39 -3.47 29.59
CA ASN A 153 5.18 -4.22 28.35
C ASN A 153 4.27 -3.49 27.39
N LEU A 154 4.80 -3.07 26.23
CA LEU A 154 3.99 -2.39 25.22
C LEU A 154 3.53 -3.33 24.10
N GLN A 155 3.78 -4.63 24.22
CA GLN A 155 3.39 -5.58 23.19
C GLN A 155 2.06 -6.26 23.47
N GLU A 156 1.59 -6.22 24.71
CA GLU A 156 0.33 -6.83 25.10
C GLU A 156 -0.63 -5.73 25.53
N PRO A 157 -1.80 -5.61 24.91
CA PRO A 157 -2.69 -4.49 25.24
C PRO A 157 -3.21 -4.52 26.66
N TYR A 158 -3.15 -5.66 27.34
CA TYR A 158 -3.52 -5.73 28.76
C TYR A 158 -2.88 -4.63 29.59
N PHE A 159 -1.61 -4.30 29.30
CA PHE A 159 -0.85 -3.39 30.14
C PHE A 159 -1.14 -1.92 29.82
N THR A 160 -1.55 -1.61 28.59
CA THR A 160 -1.94 -0.26 28.19
C THR A 160 -3.42 0.01 28.40
N TRP A 161 -4.25 -1.04 28.48
CA TRP A 161 -5.68 -0.85 28.69
C TRP A 161 -6.04 0.05 29.88
N PRO A 162 -5.38 -0.01 31.05
CA PRO A 162 -5.84 0.85 32.16
C PRO A 162 -5.86 2.33 31.77
N LEU A 163 -4.87 2.74 30.97
CA LEU A 163 -4.78 4.12 30.50
C LEU A 163 -5.81 4.42 29.41
N ILE A 164 -5.96 3.51 28.45
CA ILE A 164 -7.00 3.65 27.42
C ILE A 164 -8.37 3.81 28.05
N ALA A 165 -8.62 3.07 29.13
CA ALA A 165 -9.93 3.09 29.79
C ALA A 165 -10.10 4.27 30.73
N ALA A 166 -9.01 4.85 31.23
CA ALA A 166 -9.11 5.91 32.23
C ALA A 166 -10.12 7.00 31.86
N ASP A 167 -9.99 7.58 30.67
CA ASP A 167 -10.84 8.70 30.27
C ASP A 167 -12.05 8.28 29.45
N GLY A 168 -12.38 6.99 29.41
CA GLY A 168 -13.65 6.64 28.79
C GLY A 168 -13.64 5.49 27.81
N GLY A 169 -12.46 4.97 27.46
CA GLY A 169 -12.43 3.78 26.63
C GLY A 169 -13.08 2.62 27.35
N TYR A 170 -13.73 1.74 26.58
CA TYR A 170 -14.30 0.51 27.12
C TYR A 170 -14.37 -0.53 26.02
N ALA A 171 -14.52 -1.79 26.44
CA ALA A 171 -14.58 -2.91 25.49
C ALA A 171 -16.01 -3.10 24.97
N PHE A 172 -16.90 -3.57 25.83
CA PHE A 172 -18.29 -3.80 25.46
C PHE A 172 -19.18 -3.20 26.53
N LYS A 173 -20.12 -2.37 26.13
CA LYS A 173 -21.04 -1.79 27.09
C LYS A 173 -22.01 -2.88 27.57
N TYR A 174 -22.36 -2.84 28.86
CA TYR A 174 -23.32 -3.77 29.44
C TYR A 174 -24.70 -3.13 29.44
N ALA A 175 -25.67 -3.79 28.82
CA ALA A 175 -26.99 -3.20 28.65
C ALA A 175 -28.01 -4.30 28.37
N ALA A 176 -29.21 -4.12 28.92
CA ALA A 176 -30.31 -5.05 28.72
C ALA A 176 -29.93 -6.46 29.17
N GLY A 177 -29.19 -6.54 30.27
CA GLY A 177 -28.83 -7.82 30.85
C GLY A 177 -27.72 -8.58 30.15
N LYS A 178 -26.87 -7.92 29.38
CA LYS A 178 -25.77 -8.61 28.72
C LYS A 178 -24.79 -7.58 28.18
N TYR A 179 -23.61 -8.06 27.82
CA TYR A 179 -22.67 -7.24 27.07
C TYR A 179 -23.15 -7.09 25.64
N ASP A 180 -23.35 -5.85 25.22
CA ASP A 180 -23.77 -5.52 23.87
C ASP A 180 -22.57 -5.63 22.95
N ILE A 181 -22.52 -6.71 22.15
CA ILE A 181 -21.39 -6.94 21.25
C ILE A 181 -21.32 -5.94 20.11
N LYS A 182 -22.29 -5.04 19.98
CA LYS A 182 -22.25 -4.01 18.95
C LYS A 182 -22.04 -2.60 19.53
N ASP A 183 -21.76 -2.48 20.83
CA ASP A 183 -21.46 -1.20 21.47
C ASP A 183 -20.06 -1.31 22.06
N VAL A 184 -19.08 -1.02 21.22
CA VAL A 184 -17.66 -1.12 21.55
C VAL A 184 -17.10 0.28 21.69
N GLY A 185 -16.23 0.48 22.70
CA GLY A 185 -15.73 1.79 23.02
C GLY A 185 -14.23 1.90 22.82
N VAL A 186 -13.74 1.32 21.73
CA VAL A 186 -12.32 1.32 21.44
C VAL A 186 -11.86 2.58 20.70
N ASP A 187 -12.75 3.25 19.98
CA ASP A 187 -12.37 4.45 19.23
C ASP A 187 -13.11 5.71 19.68
N ASN A 188 -13.63 5.74 20.91
CA ASN A 188 -14.27 6.95 21.39
C ASN A 188 -13.21 7.94 21.87
N ALA A 189 -13.67 9.08 22.40
CA ALA A 189 -12.77 10.17 22.75
C ALA A 189 -11.83 9.80 23.89
N GLY A 190 -12.33 9.11 24.91
CA GLY A 190 -11.46 8.73 26.03
C GLY A 190 -10.37 7.76 25.63
N ALA A 191 -10.72 6.77 24.80
CA ALA A 191 -9.71 5.82 24.32
C ALA A 191 -8.66 6.53 23.48
N LYS A 192 -9.09 7.45 22.61
CA LYS A 192 -8.13 8.20 21.81
C LYS A 192 -7.20 9.03 22.70
N ALA A 193 -7.76 9.68 23.74
CA ALA A 193 -6.91 10.49 24.60
C ALA A 193 -5.86 9.66 25.32
N GLY A 194 -6.27 8.49 25.86
CA GLY A 194 -5.30 7.66 26.57
C GLY A 194 -4.21 7.13 25.65
N LEU A 195 -4.60 6.62 24.48
CA LEU A 195 -3.56 6.10 23.59
C LEU A 195 -2.69 7.22 23.04
N THR A 196 -3.26 8.41 22.82
CA THR A 196 -2.43 9.53 22.40
C THR A 196 -1.41 9.88 23.48
N PHE A 197 -1.80 9.80 24.75
CA PHE A 197 -0.82 10.06 25.81
C PHE A 197 0.31 9.05 25.75
N LEU A 198 -0.01 7.77 25.56
CA LEU A 198 1.06 6.76 25.45
C LEU A 198 1.97 7.05 24.25
N VAL A 199 1.36 7.31 23.10
CA VAL A 199 2.16 7.57 21.90
C VAL A 199 3.06 8.79 22.10
N ASP A 200 2.55 9.82 22.78
CA ASP A 200 3.38 11.01 23.03
C ASP A 200 4.53 10.69 23.98
N LEU A 201 4.29 9.84 24.99
CA LEU A 201 5.40 9.38 25.82
C LEU A 201 6.50 8.77 24.96
N ILE A 202 6.11 7.99 23.94
CA ILE A 202 7.11 7.35 23.08
C ILE A 202 7.79 8.37 22.16
N LYS A 203 6.99 9.24 21.54
CA LYS A 203 7.54 10.27 20.66
C LYS A 203 8.55 11.16 21.39
N ASN A 204 8.29 11.46 22.65
CA ASN A 204 9.15 12.30 23.46
C ASN A 204 10.27 11.52 24.14
N LYS A 205 10.47 10.25 23.75
CA LYS A 205 11.58 9.40 24.20
C LYS A 205 11.51 9.09 25.70
N HIS A 206 10.34 9.16 26.31
CA HIS A 206 10.17 8.65 27.67
C HIS A 206 9.86 7.16 27.72
N MET A 207 9.46 6.56 26.60
CA MET A 207 9.32 5.12 26.45
C MET A 207 9.70 4.74 25.03
N ASN A 208 9.95 3.45 24.83
CA ASN A 208 10.37 2.86 23.56
C ASN A 208 9.31 1.86 23.12
N ALA A 209 8.85 1.99 21.87
CA ALA A 209 7.75 1.14 21.39
C ALA A 209 8.09 -0.34 21.39
N ASP A 210 9.37 -0.72 21.38
CA ASP A 210 9.74 -2.11 21.34
C ASP A 210 9.81 -2.77 22.72
N THR A 211 9.58 -2.02 23.80
CA THR A 211 9.66 -2.62 25.13
C THR A 211 8.61 -3.71 25.30
N ASP A 212 9.04 -4.89 25.74
CA ASP A 212 8.14 -6.01 25.99
C ASP A 212 8.23 -6.42 27.47
N TYR A 213 7.64 -7.57 27.80
CA TYR A 213 7.60 -8.01 29.19
C TYR A 213 9.01 -8.20 29.76
N SER A 214 9.84 -8.97 29.05
CA SER A 214 11.17 -9.29 29.56
C SER A 214 12.04 -8.05 29.74
N ILE A 215 11.98 -7.12 28.78
CA ILE A 215 12.83 -5.93 28.82
C ILE A 215 12.44 -5.04 29.99
N ALA A 216 11.14 -4.79 30.16
CA ALA A 216 10.68 -3.95 31.26
C ALA A 216 11.02 -4.59 32.60
N GLU A 217 10.80 -5.90 32.72
CA GLU A 217 11.11 -6.58 33.98
C GLU A 217 12.60 -6.46 34.30
N ALA A 218 13.46 -6.74 33.33
CA ALA A 218 14.90 -6.65 33.58
C ALA A 218 15.30 -5.24 33.98
N ALA A 219 14.77 -4.23 33.29
CA ALA A 219 15.13 -2.85 33.60
C ALA A 219 14.70 -2.47 35.01
N PHE A 220 13.45 -2.78 35.39
CA PHE A 220 13.04 -2.43 36.74
C PHE A 220 13.85 -3.18 37.78
N ASN A 221 14.09 -4.47 37.56
CA ASN A 221 14.75 -5.28 38.58
C ASN A 221 16.25 -4.99 38.68
N LYS A 222 16.83 -4.31 37.70
CA LYS A 222 18.23 -3.85 37.79
C LYS A 222 18.36 -2.38 38.15
N GLY A 223 17.26 -1.71 38.50
CA GLY A 223 17.32 -0.32 38.94
C GLY A 223 17.52 0.68 37.83
N GLU A 224 17.28 0.29 36.59
CA GLU A 224 17.46 1.18 35.44
C GLU A 224 16.27 2.11 35.24
N THR A 225 15.08 1.71 35.71
CA THR A 225 13.89 2.52 35.58
C THR A 225 13.20 2.56 36.93
N ALA A 226 12.55 3.69 37.23
CA ALA A 226 12.00 3.90 38.55
C ALA A 226 10.65 3.21 38.75
N MET A 227 9.96 2.83 37.67
CA MET A 227 8.60 2.33 37.80
C MET A 227 8.30 1.29 36.74
N THR A 228 7.37 0.39 37.05
CA THR A 228 6.86 -0.52 36.04
C THR A 228 5.40 -0.79 36.35
N ILE A 229 4.72 -1.43 35.40
CA ILE A 229 3.31 -1.80 35.56
C ILE A 229 3.21 -3.31 35.38
N ASN A 230 2.76 -4.02 36.42
CA ASN A 230 2.73 -5.48 36.36
C ASN A 230 1.79 -6.03 37.44
N GLY A 231 1.62 -7.34 37.40
CA GLY A 231 0.73 -7.99 38.32
C GLY A 231 1.49 -8.72 39.41
N PRO A 232 0.74 -9.34 40.31
CA PRO A 232 1.35 -9.99 41.49
C PRO A 232 2.37 -11.07 41.15
N TRP A 233 2.19 -11.77 40.02
CA TRP A 233 3.12 -12.83 39.63
C TRP A 233 4.54 -12.32 39.48
N ALA A 234 4.70 -11.03 39.17
CA ALA A 234 6.04 -10.47 38.98
C ALA A 234 6.78 -10.22 40.30
N TRP A 235 6.07 -10.17 41.43
CA TRP A 235 6.72 -9.72 42.67
C TRP A 235 7.88 -10.63 43.06
N SER A 236 7.75 -11.93 42.81
CA SER A 236 8.81 -12.86 43.24
C SER A 236 10.16 -12.47 42.64
N ASN A 237 10.18 -12.12 41.36
CA ASN A 237 11.48 -11.78 40.77
C ASN A 237 12.00 -10.46 41.32
N ILE A 238 11.10 -9.52 41.63
CA ILE A 238 11.57 -8.29 42.24
C ILE A 238 12.16 -8.58 43.60
N ASP A 239 11.56 -9.54 44.32
CA ASP A 239 12.10 -9.93 45.62
C ASP A 239 13.52 -10.45 45.45
N THR A 240 13.75 -11.24 44.40
CA THR A 240 15.07 -11.81 44.19
C THR A 240 16.08 -10.73 43.84
N SER A 241 15.66 -9.70 43.12
CA SER A 241 16.53 -8.58 42.82
C SER A 241 16.77 -7.74 44.07
N ALA A 242 17.73 -6.82 43.98
CA ALA A 242 18.02 -5.99 45.15
C ALA A 242 16.91 -5.00 45.50
N VAL A 243 15.94 -4.75 44.63
CA VAL A 243 15.25 -3.46 44.62
C VAL A 243 14.27 -3.32 45.77
N ASN A 244 14.29 -2.15 46.38
CA ASN A 244 13.36 -1.74 47.44
C ASN A 244 12.12 -1.15 46.77
N TYR A 245 11.06 -1.95 46.65
CA TYR A 245 9.91 -1.56 45.82
C TYR A 245 8.64 -1.41 46.63
N GLY A 246 7.73 -0.62 46.06
CA GLY A 246 6.37 -0.48 46.56
C GLY A 246 5.37 -0.85 45.47
N VAL A 247 4.14 -1.15 45.87
CA VAL A 247 3.05 -1.50 44.96
C VAL A 247 1.91 -0.57 45.32
N THR A 248 1.36 0.15 44.35
CA THR A 248 0.41 1.19 44.69
C THR A 248 -0.58 1.43 43.55
N VAL A 249 -1.50 2.36 43.81
CA VAL A 249 -2.53 2.71 42.85
C VAL A 249 -1.92 3.23 41.56
N LEU A 250 -2.47 2.79 40.43
CA LEU A 250 -2.03 3.30 39.15
C LEU A 250 -2.25 4.82 39.08
N PRO A 251 -1.44 5.53 38.32
CA PRO A 251 -1.65 6.98 38.20
C PRO A 251 -2.97 7.30 37.53
N THR A 252 -3.53 8.46 37.85
CA THR A 252 -4.73 8.94 37.17
C THR A 252 -4.38 9.54 35.82
N PHE A 253 -5.37 9.61 34.94
CA PHE A 253 -5.22 10.30 33.66
C PHE A 253 -6.41 11.24 33.49
N LYS A 254 -6.12 12.50 33.18
CA LYS A 254 -7.14 13.54 33.10
C LYS A 254 -8.00 13.54 34.36
N GLY A 255 -7.37 13.29 35.51
CA GLY A 255 -8.06 13.27 36.77
C GLY A 255 -8.89 12.04 37.04
N GLN A 256 -8.88 11.04 36.15
CA GLN A 256 -9.70 9.84 36.33
C GLN A 256 -8.81 8.65 36.69
N PRO A 257 -9.28 7.71 37.49
CA PRO A 257 -8.46 6.52 37.76
C PRO A 257 -8.18 5.73 36.50
N SER A 258 -6.97 5.20 36.42
CA SER A 258 -6.72 4.11 35.48
C SER A 258 -7.61 2.93 35.87
N LYS A 259 -8.09 2.21 34.85
CA LYS A 259 -9.13 1.19 35.03
C LYS A 259 -8.63 -0.12 34.45
N PRO A 260 -7.85 -0.89 35.20
CA PRO A 260 -7.31 -2.12 34.64
C PRO A 260 -8.42 -3.13 34.37
N PHE A 261 -8.28 -3.88 33.30
CA PHE A 261 -9.15 -5.04 33.11
C PHE A 261 -8.70 -6.12 34.09
N VAL A 262 -9.62 -6.58 34.93
CA VAL A 262 -9.28 -7.48 36.03
C VAL A 262 -9.54 -8.92 35.58
N GLY A 263 -8.55 -9.79 35.80
CA GLY A 263 -8.65 -11.18 35.43
C GLY A 263 -8.75 -12.07 36.65
N VAL A 264 -9.50 -13.15 36.53
CA VAL A 264 -9.58 -14.18 37.55
C VAL A 264 -8.88 -15.40 36.96
N LEU A 265 -7.65 -15.66 37.38
CA LEU A 265 -6.97 -16.89 37.03
C LEU A 265 -7.87 -18.06 37.37
N SER A 266 -8.13 -18.93 36.40
CA SER A 266 -9.17 -19.96 36.54
C SER A 266 -8.68 -21.27 35.94
N ALA A 267 -9.27 -22.37 36.40
CA ALA A 267 -8.88 -23.73 35.99
C ALA A 267 -10.09 -24.41 35.37
N GLY A 268 -10.02 -24.69 34.07
CA GLY A 268 -11.09 -25.39 33.38
C GLY A 268 -10.70 -26.83 33.11
N ILE A 269 -11.73 -27.68 32.98
CA ILE A 269 -11.54 -29.10 32.69
C ILE A 269 -11.91 -29.34 31.23
N ASN A 270 -10.97 -29.94 30.49
CA ASN A 270 -11.17 -30.26 29.08
C ASN A 270 -12.37 -31.17 28.91
N ALA A 271 -13.30 -30.80 28.02
CA ALA A 271 -14.46 -31.65 27.78
C ALA A 271 -14.07 -33.01 27.23
N ALA A 272 -12.90 -33.11 26.60
CA ALA A 272 -12.42 -34.37 26.07
C ALA A 272 -11.69 -35.21 27.11
N SER A 273 -11.53 -34.73 28.35
CA SER A 273 -10.72 -35.46 29.33
C SER A 273 -11.45 -36.70 29.82
N PRO A 274 -10.78 -37.86 29.86
CA PRO A 274 -11.33 -39.01 30.57
C PRO A 274 -11.07 -38.99 32.07
N ASN A 275 -10.57 -37.87 32.61
CA ASN A 275 -10.16 -37.78 33.99
C ASN A 275 -10.92 -36.70 34.73
N LYS A 276 -12.18 -36.46 34.36
CA LYS A 276 -12.91 -35.33 34.93
C LYS A 276 -13.08 -35.49 36.45
N GLU A 277 -13.31 -36.71 36.93
CA GLU A 277 -13.46 -36.91 38.37
C GLU A 277 -12.14 -36.69 39.10
N LEU A 278 -11.03 -37.20 38.55
CA LEU A 278 -9.73 -36.94 39.15
C LEU A 278 -9.41 -35.46 39.14
N ALA A 279 -9.75 -34.78 38.04
CA ALA A 279 -9.49 -33.34 37.94
C ALA A 279 -10.29 -32.57 38.99
N LYS A 280 -11.56 -32.94 39.18
CA LYS A 280 -12.34 -32.33 40.26
C LYS A 280 -11.71 -32.59 41.62
N GLU A 281 -11.29 -33.83 41.87
CA GLU A 281 -10.68 -34.14 43.17
C GLU A 281 -9.43 -33.31 43.38
N PHE A 282 -8.59 -33.19 42.36
CA PHE A 282 -7.36 -32.41 42.47
C PHE A 282 -7.66 -30.94 42.73
N LEU A 283 -8.56 -30.36 41.94
CA LEU A 283 -8.79 -28.92 42.04
C LEU A 283 -9.50 -28.56 43.34
N GLU A 284 -10.52 -29.34 43.73
CA GLU A 284 -11.28 -28.98 44.92
C GLU A 284 -10.55 -29.36 46.21
N ASN A 285 -9.90 -30.52 46.24
CA ASN A 285 -9.42 -31.03 47.52
C ASN A 285 -7.92 -30.96 47.69
N TYR A 286 -7.16 -30.56 46.65
CA TYR A 286 -5.73 -30.35 46.76
C TYR A 286 -5.30 -28.93 46.42
N LEU A 287 -5.73 -28.40 45.27
CA LEU A 287 -5.28 -27.05 44.89
C LEU A 287 -6.01 -25.97 45.67
N LEU A 288 -7.34 -25.95 45.63
CA LEU A 288 -8.10 -24.88 46.27
C LEU A 288 -8.25 -25.14 47.76
N THR A 289 -7.11 -25.28 48.41
CA THR A 289 -7.01 -25.44 49.86
C THR A 289 -5.93 -24.48 50.32
N ASP A 290 -5.86 -24.29 51.64
CA ASP A 290 -4.81 -23.45 52.19
C ASP A 290 -3.43 -23.94 51.76
N GLU A 291 -3.18 -25.25 51.89
CA GLU A 291 -1.85 -25.80 51.57
C GLU A 291 -1.53 -25.71 50.09
N GLY A 292 -2.49 -26.02 49.22
CA GLY A 292 -2.22 -26.00 47.79
C GLY A 292 -1.98 -24.60 47.24
N LEU A 293 -2.84 -23.66 47.62
CA LEU A 293 -2.64 -22.29 47.16
C LEU A 293 -1.38 -21.71 47.77
N GLU A 294 -1.07 -22.03 49.02
CA GLU A 294 0.17 -21.52 49.60
C GLU A 294 1.37 -21.99 48.82
N ALA A 295 1.39 -23.26 48.38
CA ALA A 295 2.56 -23.71 47.61
C ALA A 295 2.68 -22.97 46.27
N VAL A 296 1.56 -22.82 45.57
CA VAL A 296 1.62 -22.05 44.32
C VAL A 296 2.06 -20.61 44.61
N ASN A 297 1.49 -20.00 45.65
CA ASN A 297 1.74 -18.60 45.95
C ASN A 297 3.19 -18.36 46.36
N LYS A 298 3.77 -19.28 47.14
CA LYS A 298 5.17 -19.17 47.50
C LYS A 298 6.06 -19.20 46.26
N ASP A 299 5.65 -19.93 45.22
CA ASP A 299 6.44 -19.92 43.98
C ASP A 299 6.34 -18.56 43.27
N LYS A 300 5.15 -18.20 42.81
CA LYS A 300 4.89 -16.87 42.20
C LYS A 300 3.56 -16.40 42.78
N PRO A 301 3.49 -15.20 43.38
CA PRO A 301 2.26 -14.78 44.06
C PRO A 301 1.07 -14.80 43.11
N LEU A 302 -0.06 -15.29 43.62
CA LEU A 302 -1.28 -15.46 42.84
C LEU A 302 -2.10 -14.17 42.76
N GLY A 303 -1.92 -13.26 43.70
CA GLY A 303 -2.80 -12.12 43.84
C GLY A 303 -3.80 -12.36 44.94
N ALA A 304 -5.02 -11.85 44.81
CA ALA A 304 -6.06 -12.01 45.82
C ALA A 304 -6.76 -13.33 45.55
N VAL A 305 -6.43 -14.36 46.34
CA VAL A 305 -6.94 -15.70 46.04
C VAL A 305 -8.44 -15.78 46.31
N ALA A 306 -9.10 -16.69 45.58
CA ALA A 306 -10.55 -16.87 45.68
C ALA A 306 -10.95 -17.55 46.98
N LEU A 307 -10.00 -18.24 47.65
CA LEU A 307 -10.30 -19.01 48.85
C LEU A 307 -10.32 -18.07 50.05
N LYS A 308 -11.50 -17.92 50.67
CA LYS A 308 -11.69 -16.95 51.74
C LYS A 308 -10.67 -17.14 52.87
N SER A 309 -10.40 -18.40 53.25
CA SER A 309 -9.62 -18.65 54.46
C SER A 309 -8.18 -18.17 54.30
N TYR A 310 -7.62 -18.30 53.11
CA TYR A 310 -6.25 -17.86 52.86
C TYR A 310 -6.18 -16.36 52.54
N GLU A 311 -7.18 -15.88 51.80
CA GLU A 311 -7.22 -14.48 51.44
C GLU A 311 -7.39 -13.58 52.66
N GLU A 312 -8.05 -14.08 53.72
CA GLU A 312 -8.18 -13.27 54.94
C GLU A 312 -6.81 -12.78 55.39
N GLU A 313 -5.78 -13.63 55.31
CA GLU A 313 -4.44 -13.17 55.66
C GLU A 313 -3.73 -12.46 54.52
N LEU A 314 -3.84 -12.97 53.28
CA LEU A 314 -3.13 -12.32 52.18
C LEU A 314 -3.54 -10.86 52.03
N ALA A 315 -4.80 -10.53 52.32
CA ALA A 315 -5.29 -9.16 52.19
C ALA A 315 -4.69 -8.20 53.22
N LYS A 316 -4.00 -8.68 54.26
CA LYS A 316 -3.27 -7.77 55.14
C LYS A 316 -2.02 -7.21 54.48
N ASP A 317 -1.53 -7.87 53.44
CA ASP A 317 -0.38 -7.42 52.66
C ASP A 317 -0.75 -6.15 51.92
N PRO A 318 -0.05 -5.03 52.15
CA PRO A 318 -0.35 -3.81 51.37
C PRO A 318 -0.25 -4.02 49.86
N ARG A 319 0.58 -4.94 49.40
CA ARG A 319 0.67 -5.17 47.95
C ARG A 319 -0.62 -5.75 47.42
N ILE A 320 -1.25 -6.64 48.21
CA ILE A 320 -2.53 -7.21 47.82
C ILE A 320 -3.65 -6.18 47.97
N ALA A 321 -3.63 -5.40 49.07
CA ALA A 321 -4.58 -4.31 49.21
C ALA A 321 -4.54 -3.38 48.00
N ALA A 322 -3.34 -3.06 47.52
CA ALA A 322 -3.21 -2.18 46.36
C ALA A 322 -3.69 -2.86 45.09
N THR A 323 -3.38 -4.15 44.93
CA THR A 323 -3.96 -4.91 43.81
C THR A 323 -5.48 -4.78 43.79
N MET A 324 -6.11 -4.99 44.94
CA MET A 324 -7.57 -4.96 45.00
C MET A 324 -8.13 -3.54 44.86
N GLU A 325 -7.38 -2.52 45.29
CA GLU A 325 -7.81 -1.14 45.08
C GLU A 325 -7.80 -0.79 43.59
N ASN A 326 -6.73 -1.19 42.88
CA ASN A 326 -6.71 -1.04 41.42
C ASN A 326 -7.84 -1.85 40.77
N ALA A 327 -8.10 -3.07 41.26
CA ALA A 327 -9.17 -3.89 40.69
C ALA A 327 -10.52 -3.21 40.84
N GLN A 328 -10.77 -2.61 42.01
CA GLN A 328 -12.03 -1.94 42.28
C GLN A 328 -12.22 -0.72 41.40
N LYS A 329 -11.11 -0.05 41.03
CA LYS A 329 -11.22 1.02 40.05
C LYS A 329 -11.42 0.52 38.62
N GLY A 330 -10.97 -0.70 38.33
CA GLY A 330 -11.16 -1.32 37.04
C GLY A 330 -12.46 -2.09 36.95
N GLU A 331 -12.43 -3.17 36.19
CA GLU A 331 -13.63 -3.89 35.79
C GLU A 331 -13.27 -5.34 35.54
N ILE A 332 -14.08 -6.27 36.04
CA ILE A 332 -13.89 -7.68 35.70
C ILE A 332 -14.07 -7.84 34.20
N MET A 333 -13.14 -8.52 33.55
CA MET A 333 -13.26 -8.71 32.12
C MET A 333 -14.53 -9.48 31.79
N PRO A 334 -15.21 -9.14 30.69
CA PRO A 334 -16.20 -10.07 30.15
C PRO A 334 -15.53 -11.38 29.81
N ASN A 335 -16.31 -12.46 29.82
CA ASN A 335 -15.83 -13.73 29.28
C ASN A 335 -16.52 -14.12 27.98
N ILE A 336 -17.23 -13.19 27.35
CA ILE A 336 -17.96 -13.52 26.12
C ILE A 336 -17.00 -13.95 25.02
N PRO A 337 -17.45 -14.76 24.06
CA PRO A 337 -16.54 -15.23 23.01
C PRO A 337 -15.90 -14.12 22.21
N GLN A 338 -16.51 -12.93 22.17
CA GLN A 338 -15.99 -11.81 21.40
C GLN A 338 -14.74 -11.20 22.02
N MET A 339 -14.34 -11.64 23.21
CA MET A 339 -13.17 -11.05 23.87
C MET A 339 -11.90 -11.28 23.05
N SER A 340 -11.74 -12.47 22.49
CA SER A 340 -10.51 -12.78 21.76
C SER A 340 -10.29 -11.79 20.62
N ALA A 341 -11.28 -11.65 19.74
CA ALA A 341 -11.17 -10.66 18.67
C ALA A 341 -10.89 -9.27 19.23
N PHE A 342 -11.60 -8.89 20.31
CA PHE A 342 -11.35 -7.60 20.93
C PHE A 342 -9.87 -7.46 21.26
N TRP A 343 -9.31 -8.44 21.97
CA TRP A 343 -7.91 -8.28 22.39
C TRP A 343 -7.02 -8.18 21.16
N TYR A 344 -7.28 -9.02 20.15
CA TYR A 344 -6.43 -9.00 18.98
C TYR A 344 -6.47 -7.62 18.34
N ALA A 345 -7.69 -7.07 18.19
CA ALA A 345 -7.83 -5.75 17.59
C ALA A 345 -7.03 -4.73 18.38
N VAL A 346 -7.19 -4.73 19.71
CA VAL A 346 -6.54 -3.66 20.46
C VAL A 346 -5.04 -3.86 20.44
N ARG A 347 -4.59 -5.12 20.45
CA ARG A 347 -3.16 -5.35 20.37
C ARG A 347 -2.61 -4.67 19.13
N THR A 348 -3.26 -4.91 17.98
CA THR A 348 -2.76 -4.36 16.73
C THR A 348 -2.73 -2.84 16.82
N ALA A 349 -3.82 -2.26 17.31
CA ALA A 349 -3.89 -0.81 17.38
C ALA A 349 -2.74 -0.27 18.19
N VAL A 350 -2.53 -0.83 19.40
CA VAL A 350 -1.48 -0.27 20.26
C VAL A 350 -0.16 -0.35 19.54
N ILE A 351 0.14 -1.52 18.98
CA ILE A 351 1.46 -1.75 18.40
C ILE A 351 1.64 -0.84 17.19
N ASN A 352 0.56 -0.62 16.42
CA ASN A 352 0.76 0.21 15.24
C ASN A 352 0.91 1.66 15.65
N ALA A 353 0.09 2.11 16.62
CA ALA A 353 0.16 3.52 17.00
C ALA A 353 1.48 3.82 17.68
N ALA A 354 1.95 2.91 18.54
CA ALA A 354 3.24 3.08 19.18
C ALA A 354 4.37 3.14 18.16
N SER A 355 4.24 2.45 17.03
CA SER A 355 5.35 2.34 16.10
C SER A 355 5.41 3.50 15.11
N GLY A 356 4.34 4.28 14.97
CA GLY A 356 4.22 5.25 13.92
C GLY A 356 3.63 4.71 12.63
N ARG A 357 3.39 3.39 12.55
CA ARG A 357 2.83 2.82 11.33
C ARG A 357 1.43 3.36 11.05
N GLN A 358 0.67 3.67 12.09
CA GLN A 358 -0.64 4.27 11.95
C GLN A 358 -0.77 5.41 12.94
N THR A 359 -1.64 6.36 12.62
CA THR A 359 -2.04 7.33 13.63
C THR A 359 -2.95 6.65 14.66
N VAL A 360 -3.06 7.29 15.83
CA VAL A 360 -3.96 6.81 16.86
C VAL A 360 -5.37 6.70 16.31
N ASP A 361 -5.84 7.74 15.61
CA ASP A 361 -7.20 7.75 15.10
C ASP A 361 -7.44 6.60 14.14
N ALA A 362 -6.49 6.33 13.24
CA ALA A 362 -6.65 5.26 12.26
C ALA A 362 -6.57 3.90 12.92
N ALA A 363 -5.58 3.71 13.80
CA ALA A 363 -5.43 2.44 14.48
C ALA A 363 -6.68 2.09 15.28
N LEU A 364 -7.19 3.05 16.05
CA LEU A 364 -8.36 2.77 16.88
C LEU A 364 -9.63 2.64 16.05
N ALA A 365 -9.75 3.39 14.94
CA ALA A 365 -10.89 3.18 14.06
C ALA A 365 -10.91 1.74 13.52
N ALA A 366 -9.76 1.25 13.06
CA ALA A 366 -9.70 -0.12 12.55
C ALA A 366 -9.97 -1.13 13.65
N ALA A 367 -9.42 -0.90 14.85
CA ALA A 367 -9.66 -1.80 15.97
C ALA A 367 -11.14 -1.84 16.34
N GLN A 368 -11.80 -0.68 16.33
CA GLN A 368 -13.24 -0.62 16.57
C GLN A 368 -14.01 -1.47 15.57
N THR A 369 -13.71 -1.31 14.27
CA THR A 369 -14.45 -2.08 13.28
C THR A 369 -14.22 -3.58 13.46
N ASN A 370 -13.00 -3.97 13.82
CA ASN A 370 -12.73 -5.40 14.03
C ASN A 370 -13.43 -5.93 15.28
N ALA A 371 -13.30 -5.19 16.40
CA ALA A 371 -13.84 -5.66 17.69
C ALA A 371 -15.36 -5.72 17.68
N ALA A 372 -16.01 -4.77 17.01
CA ALA A 372 -17.46 -4.76 16.92
C ALA A 372 -17.99 -5.62 15.77
N ALA A 373 -17.10 -6.17 14.94
CA ALA A 373 -17.48 -7.01 13.81
C ALA A 373 -18.53 -6.32 12.92
N LEU A 374 -18.20 -5.10 12.48
CA LEU A 374 -19.12 -4.29 11.69
C LEU A 374 -19.32 -4.80 10.27
N ASP A 375 -18.52 -5.78 9.84
CA ASP A 375 -18.80 -6.45 8.57
C ASP A 375 -20.16 -7.12 8.60
N HIS A 376 -20.52 -7.74 9.73
CA HIS A 376 -21.80 -8.42 9.84
C HIS A 376 -22.96 -7.45 9.68
N CYS A 377 -22.85 -6.28 10.31
CA CYS A 377 -23.91 -5.27 10.19
C CYS A 377 -23.96 -4.71 8.79
N ALA A 378 -22.80 -4.44 8.18
CA ALA A 378 -22.79 -3.93 6.80
C ALA A 378 -23.43 -4.93 5.85
N ASN A 379 -23.19 -6.23 6.08
CA ASN A 379 -23.83 -7.26 5.26
C ASN A 379 -25.34 -7.28 5.48
N THR A 380 -25.78 -7.17 6.73
CA THR A 380 -27.21 -7.10 7.00
C THR A 380 -27.87 -5.95 6.24
N VAL A 381 -27.21 -4.78 6.24
CA VAL A 381 -27.72 -3.61 5.53
C VAL A 381 -27.79 -3.89 4.03
N LYS A 382 -26.70 -4.39 3.45
CA LYS A 382 -26.65 -4.66 2.01
C LYS A 382 -27.71 -5.66 1.59
N ASN A 383 -27.82 -6.77 2.32
CA ASN A 383 -28.82 -7.79 1.97
C ASN A 383 -30.22 -7.22 2.03
N PHE A 384 -30.51 -6.43 3.08
CA PHE A 384 -31.82 -5.83 3.18
C PHE A 384 -32.12 -4.89 2.01
N LEU A 385 -31.14 -4.07 1.61
CA LEU A 385 -31.41 -3.12 0.53
C LEU A 385 -31.55 -3.82 -0.82
N ARG A 386 -30.77 -4.89 -1.05
CA ARG A 386 -30.95 -5.70 -2.24
C ARG A 386 -32.37 -6.29 -2.31
N LYS A 387 -32.83 -6.83 -1.17
CA LYS A 387 -34.18 -7.38 -1.11
C LYS A 387 -35.23 -6.30 -1.37
N SER A 388 -35.00 -5.08 -0.88
CA SER A 388 -35.95 -4.00 -1.12
C SER A 388 -36.04 -3.63 -2.59
N ILE A 389 -34.90 -3.55 -3.27
CA ILE A 389 -34.89 -3.27 -4.72
C ILE A 389 -35.69 -4.34 -5.46
N ALA A 390 -35.41 -5.62 -5.15
CA ALA A 390 -36.13 -6.71 -5.79
C ALA A 390 -37.64 -6.61 -5.56
N ALA A 391 -38.05 -6.25 -4.33
CA ALA A 391 -39.48 -6.11 -4.04
C ALA A 391 -40.10 -5.00 -4.88
N GLN A 392 -39.36 -3.93 -5.14
CA GLN A 392 -39.89 -2.88 -6.03
C GLN A 392 -40.17 -3.44 -7.43
N SER A 393 -39.19 -4.17 -7.98
CA SER A 393 -39.40 -4.75 -9.31
C SER A 393 -40.62 -5.66 -9.35
N TYR A 394 -40.77 -6.52 -8.33
CA TYR A 394 -41.87 -7.49 -8.36
C TYR A 394 -43.22 -6.84 -8.11
N SER A 395 -43.27 -5.79 -7.28
CA SER A 395 -44.52 -5.07 -7.11
C SER A 395 -44.93 -4.37 -8.40
N LYS A 396 -43.97 -3.75 -9.09
CA LYS A 396 -44.28 -3.17 -10.39
C LYS A 396 -44.92 -4.20 -11.31
N MET A 397 -44.31 -5.38 -11.40
CA MET A 397 -44.87 -6.41 -12.28
C MET A 397 -46.28 -6.82 -11.83
N PHE A 398 -46.41 -7.26 -10.57
CA PHE A 398 -47.67 -7.85 -10.13
C PHE A 398 -48.80 -6.83 -9.97
N SER A 399 -48.48 -5.54 -9.88
CA SER A 399 -49.51 -4.53 -9.66
C SER A 399 -49.83 -3.70 -10.89
N GLN A 400 -48.98 -3.73 -11.92
CA GLN A 400 -49.29 -3.03 -13.16
C GLN A 400 -49.60 -3.97 -14.32
N GLY A 401 -49.31 -5.26 -14.19
CA GLY A 401 -49.52 -6.19 -15.27
C GLY A 401 -50.96 -6.67 -15.43
N THR A 402 -51.60 -6.26 -16.53
CA THR A 402 -53.01 -6.57 -16.73
C THR A 402 -53.27 -8.07 -16.81
N SER A 403 -52.29 -8.85 -17.28
CA SER A 403 -52.46 -10.30 -17.35
C SER A 403 -52.72 -10.90 -15.98
N PHE A 404 -52.08 -10.37 -14.94
CA PHE A 404 -52.31 -10.86 -13.60
C PHE A 404 -53.71 -10.50 -13.11
N LYS A 405 -54.26 -9.38 -13.59
CA LYS A 405 -55.62 -9.02 -13.25
C LYS A 405 -56.62 -9.94 -13.92
N SER A 406 -56.34 -10.36 -15.17
CA SER A 406 -57.19 -11.35 -15.82
C SER A 406 -57.17 -12.68 -15.07
N LEU A 407 -56.06 -13.01 -14.42
CA LEU A 407 -55.97 -14.17 -13.56
C LEU A 407 -56.30 -13.76 -12.13
N ASN A 408 -56.17 -14.71 -11.20
CA ASN A 408 -56.37 -14.43 -9.79
C ASN A 408 -55.06 -14.07 -9.09
N LEU A 409 -54.20 -13.28 -9.74
CA LEU A 409 -52.82 -13.12 -9.30
C LEU A 409 -52.37 -11.67 -9.23
N SER A 410 -53.29 -10.72 -9.18
CA SER A 410 -52.90 -9.32 -9.12
C SER A 410 -52.46 -8.93 -7.71
N LEU A 411 -51.73 -7.82 -7.63
CA LEU A 411 -51.34 -7.21 -6.37
C LEU A 411 -51.84 -5.78 -6.34
N GLU A 412 -52.46 -5.39 -5.24
CA GLU A 412 -52.85 -4.00 -5.08
C GLU A 412 -51.60 -3.12 -5.02
N ALA A 413 -51.69 -1.95 -5.65
CA ALA A 413 -50.59 -0.98 -5.65
C ALA A 413 -50.12 -0.72 -4.23
N PRO A 414 -48.83 -0.45 -4.02
CA PRO A 414 -48.31 -0.36 -2.65
C PRO A 414 -48.92 0.79 -1.88
N SER A 415 -49.13 0.55 -0.58
CA SER A 415 -49.74 1.58 0.27
C SER A 415 -48.84 2.80 0.40
N GLY A 416 -47.55 2.57 0.63
CA GLY A 416 -46.61 3.65 0.84
C GLY A 416 -45.85 4.03 -0.42
N ALA A 417 -44.83 4.87 -0.23
CA ALA A 417 -44.00 5.38 -1.33
C ALA A 417 -43.16 4.29 -1.98
N ARG A 418 -43.17 3.07 -1.44
CA ARG A 418 -42.51 1.94 -2.05
C ARG A 418 -43.21 0.67 -1.58
N SER A 419 -42.99 -0.41 -2.32
CA SER A 419 -43.59 -1.67 -1.95
C SER A 419 -42.88 -2.29 -0.76
N SER A 420 -43.65 -2.91 0.13
CA SER A 420 -43.07 -3.76 1.15
C SER A 420 -42.59 -5.07 0.53
N PHE A 421 -42.14 -5.99 1.38
CA PHE A 421 -41.71 -7.29 0.89
C PHE A 421 -42.88 -8.20 0.50
N ARG A 422 -44.13 -7.74 0.63
CA ARG A 422 -45.27 -8.58 0.28
C ARG A 422 -45.18 -9.04 -1.17
N SER A 423 -44.76 -8.15 -2.08
CA SER A 423 -44.56 -8.53 -3.48
C SER A 423 -43.69 -9.77 -3.59
N LEU A 424 -42.56 -9.78 -2.87
CA LEU A 424 -41.70 -10.96 -2.89
C LEU A 424 -42.45 -12.18 -2.38
N GLU A 425 -43.14 -12.04 -1.24
CA GLU A 425 -43.95 -13.15 -0.75
C GLU A 425 -44.96 -13.57 -1.81
N HIS A 426 -45.58 -12.58 -2.46
CA HIS A 426 -46.51 -12.88 -3.55
C HIS A 426 -45.83 -13.77 -4.58
N LEU A 427 -44.64 -13.37 -5.02
CA LEU A 427 -43.87 -14.19 -5.95
C LEU A 427 -43.82 -15.64 -5.47
N ASP A 428 -43.39 -15.84 -4.22
CA ASP A 428 -43.28 -17.20 -3.71
C ASP A 428 -44.59 -17.93 -3.87
N LYS A 429 -45.68 -17.31 -3.41
CA LYS A 429 -46.98 -17.98 -3.49
C LYS A 429 -47.33 -18.28 -4.94
N VAL A 430 -47.11 -17.31 -5.84
CA VAL A 430 -47.37 -17.55 -7.25
C VAL A 430 -46.61 -18.77 -7.73
N SER A 431 -45.29 -18.82 -7.45
CA SER A 431 -44.51 -19.98 -7.85
C SER A 431 -45.10 -21.23 -7.23
N ARG A 432 -45.45 -21.17 -5.94
CA ARG A 432 -46.11 -22.28 -5.27
C ARG A 432 -47.28 -22.78 -6.08
N HIS A 433 -48.17 -21.87 -6.47
CA HIS A 433 -49.32 -22.23 -7.29
C HIS A 433 -48.87 -23.08 -8.49
N TYR A 434 -48.00 -22.51 -9.32
CA TYR A 434 -47.65 -23.20 -10.56
C TYR A 434 -46.90 -24.49 -10.28
N ILE A 435 -46.21 -24.58 -9.14
CA ILE A 435 -45.60 -25.86 -8.77
C ILE A 435 -46.69 -26.88 -8.50
N SER A 436 -47.60 -26.57 -7.56
CA SER A 436 -48.59 -27.55 -7.13
C SER A 436 -49.37 -28.08 -8.33
N GLU A 437 -49.93 -27.17 -9.12
CA GLU A 437 -50.65 -27.54 -10.33
C GLU A 437 -49.88 -28.57 -11.14
N ILE A 438 -48.63 -28.24 -11.51
CA ILE A 438 -47.93 -29.16 -12.43
C ILE A 438 -47.66 -30.49 -11.73
N ILE A 439 -47.40 -30.46 -10.42
CA ILE A 439 -47.28 -31.72 -9.66
C ILE A 439 -48.55 -32.54 -9.82
N GLN A 440 -49.71 -31.92 -9.59
CA GLN A 440 -50.96 -32.65 -9.69
C GLN A 440 -51.17 -33.21 -11.09
N LYS A 441 -50.53 -32.64 -12.10
CA LYS A 441 -50.71 -33.13 -13.46
C LYS A 441 -49.88 -34.37 -13.74
N VAL A 442 -48.78 -34.59 -13.02
CA VAL A 442 -47.88 -35.69 -13.36
C VAL A 442 -47.52 -36.52 -12.13
N HIS A 443 -48.34 -36.46 -11.08
CA HIS A 443 -47.93 -37.02 -9.78
C HIS A 443 -47.44 -38.45 -9.86
N PRO A 444 -48.17 -39.42 -10.43
CA PRO A 444 -47.56 -40.75 -10.58
C PRO A 444 -46.43 -40.69 -11.60
N LEU A 445 -45.21 -40.51 -11.11
CA LEU A 445 -44.04 -40.35 -11.96
C LEU A 445 -43.38 -41.70 -12.20
N SER A 446 -42.96 -41.93 -13.44
CA SER A 446 -42.31 -43.18 -13.80
C SER A 446 -40.82 -43.10 -13.49
N SER A 447 -40.15 -44.25 -13.64
CA SER A 447 -38.72 -44.32 -13.32
C SER A 447 -37.90 -43.41 -14.22
N ASP A 448 -38.16 -43.46 -15.54
CA ASP A 448 -37.45 -42.60 -16.47
C ASP A 448 -37.73 -41.12 -16.20
N GLU A 449 -39.00 -40.81 -15.90
CA GLU A 449 -39.37 -39.42 -15.62
C GLU A 449 -38.69 -38.92 -14.34
N ARG A 450 -38.66 -39.75 -13.29
CA ARG A 450 -38.00 -39.36 -12.05
C ARG A 450 -36.49 -39.19 -12.25
N HIS A 451 -35.87 -40.08 -13.02
CA HIS A 451 -34.45 -39.95 -13.32
C HIS A 451 -34.16 -38.64 -14.05
N LEU A 452 -35.00 -38.29 -15.04
CA LEU A 452 -34.78 -37.05 -15.77
C LEU A 452 -34.99 -35.83 -14.88
N LEU A 453 -36.05 -35.84 -14.05
CA LEU A 453 -36.27 -34.75 -13.10
C LEU A 453 -35.07 -34.58 -12.18
N SER A 454 -34.49 -35.69 -11.71
CA SER A 454 -33.33 -35.60 -10.84
C SER A 454 -32.12 -35.02 -11.58
N ILE A 455 -31.91 -35.44 -12.84
CA ILE A 455 -30.85 -34.86 -13.65
C ILE A 455 -31.03 -33.34 -13.76
N ILE A 456 -32.26 -32.89 -13.92
CA ILE A 456 -32.49 -31.44 -14.07
C ILE A 456 -32.28 -30.72 -12.74
N ILE A 457 -32.75 -31.31 -11.64
CA ILE A 457 -32.58 -30.72 -10.31
C ILE A 457 -31.10 -30.46 -10.02
N ASN A 458 -30.24 -31.39 -10.39
CA ASN A 458 -28.82 -31.32 -10.10
C ASN A 458 -28.00 -30.60 -11.18
N SER A 459 -28.66 -29.92 -12.11
CA SER A 459 -27.96 -29.17 -13.15
C SER A 459 -27.79 -27.71 -12.73
N ASN A 460 -26.61 -27.17 -13.03
CA ASN A 460 -26.40 -25.73 -12.92
C ASN A 460 -26.71 -25.07 -14.26
N PHE A 461 -26.87 -23.75 -14.22
CA PHE A 461 -27.24 -22.98 -15.40
C PHE A 461 -26.21 -21.91 -15.71
N ASN A 462 -25.98 -21.69 -17.00
CA ASN A 462 -25.43 -20.45 -17.50
C ASN A 462 -26.59 -19.54 -17.92
N PHE A 463 -26.49 -18.27 -17.55
CA PHE A 463 -27.49 -17.28 -17.93
C PHE A 463 -26.84 -16.33 -18.92
N ARG A 464 -27.43 -16.22 -20.11
CA ARG A 464 -26.83 -15.50 -21.23
C ARG A 464 -27.66 -14.27 -21.57
N HIS A 465 -27.00 -13.12 -21.68
CA HIS A 465 -27.64 -11.91 -22.17
C HIS A 465 -26.82 -11.38 -23.32
N GLN A 466 -27.43 -11.30 -24.50
CA GLN A 466 -26.76 -10.79 -25.70
C GLN A 466 -27.17 -9.37 -25.97
N SER A 467 -26.24 -8.62 -26.55
CA SER A 467 -26.48 -7.22 -26.86
C SER A 467 -25.47 -6.78 -27.89
N ASN A 468 -25.85 -5.77 -28.67
CA ASN A 468 -24.90 -5.04 -29.49
C ASN A 468 -24.39 -3.79 -28.79
N SER A 469 -24.82 -3.54 -27.56
CA SER A 469 -24.23 -2.48 -26.75
C SER A 469 -22.99 -3.01 -26.03
N ASN A 470 -22.17 -2.07 -25.56
CA ASN A 470 -20.95 -2.38 -24.82
C ASN A 470 -21.31 -2.34 -23.34
N LEU A 471 -21.65 -3.49 -22.78
CA LEU A 471 -22.21 -3.54 -21.43
C LEU A 471 -21.17 -3.84 -20.35
N SER A 472 -19.90 -3.98 -20.70
CA SER A 472 -18.93 -4.39 -19.70
C SER A 472 -17.59 -3.74 -19.96
N ASN A 473 -16.85 -3.49 -18.88
CA ASN A 473 -15.41 -3.37 -18.91
C ASN A 473 -14.88 -4.42 -17.93
N ASN A 474 -14.27 -4.00 -16.82
CA ASN A 474 -14.01 -4.95 -15.76
C ASN A 474 -15.30 -5.35 -15.05
N ILE A 475 -16.29 -4.47 -15.06
CA ILE A 475 -17.59 -4.70 -14.44
C ILE A 475 -18.63 -4.85 -15.55
N LEU A 476 -19.45 -5.88 -15.42
CA LEU A 476 -20.62 -6.06 -16.27
C LEU A 476 -21.79 -5.30 -15.67
N ASN A 477 -22.38 -4.38 -16.44
CA ASN A 477 -23.53 -3.60 -16.02
C ASN A 477 -24.63 -3.74 -17.05
N ILE A 478 -25.70 -4.45 -16.69
CA ILE A 478 -26.90 -4.56 -17.51
C ILE A 478 -28.04 -3.89 -16.74
N LYS A 479 -28.77 -3.01 -17.42
CA LYS A 479 -29.87 -2.28 -16.81
C LYS A 479 -31.21 -2.78 -17.37
N SER A 480 -32.22 -2.77 -16.52
CA SER A 480 -33.56 -3.10 -16.99
C SER A 480 -34.07 -2.02 -17.95
N PHE A 481 -35.04 -2.40 -18.76
CA PHE A 481 -35.64 -1.46 -19.71
C PHE A 481 -36.21 -0.24 -18.98
N ASP A 482 -36.94 -0.48 -17.89
CA ASP A 482 -37.50 0.63 -17.12
C ASP A 482 -36.41 1.52 -16.55
N LYS A 483 -35.29 0.93 -16.12
CA LYS A 483 -34.20 1.73 -15.58
C LYS A 483 -33.52 2.56 -16.67
N ILE A 484 -33.41 2.00 -17.88
CA ILE A 484 -32.73 2.71 -18.97
C ILE A 484 -33.53 3.95 -19.38
N GLN A 485 -34.84 3.79 -19.57
CA GLN A 485 -35.67 4.91 -20.03
C GLN A 485 -35.79 5.98 -18.96
N SER A 486 -35.90 5.58 -17.69
CA SER A 486 -35.96 6.54 -16.60
C SER A 486 -34.74 7.45 -16.54
N GLU A 487 -33.64 7.04 -17.16
CA GLU A 487 -32.44 7.87 -17.25
C GLU A 487 -32.50 8.72 -18.52
N TYR A 496 -45.55 3.96 -21.61
CA TYR A 496 -45.22 2.67 -22.21
C TYR A 496 -46.39 2.13 -23.02
N SER A 497 -46.06 1.30 -24.02
CA SER A 497 -47.08 0.69 -24.85
C SER A 497 -47.88 -0.34 -24.06
N GLU A 498 -49.07 -0.67 -24.57
CA GLU A 498 -49.95 -1.58 -23.86
C GLU A 498 -49.42 -3.01 -23.88
N ASP A 499 -48.63 -3.37 -24.90
CA ASP A 499 -47.99 -4.68 -24.91
C ASP A 499 -46.99 -4.80 -23.76
N ILE A 500 -46.19 -3.75 -23.53
CA ILE A 500 -45.30 -3.74 -22.37
C ILE A 500 -46.11 -3.70 -21.07
N LYS A 501 -47.29 -3.08 -21.11
CA LYS A 501 -48.16 -3.05 -19.94
C LYS A 501 -48.79 -4.41 -19.64
N GLU A 502 -48.86 -5.29 -20.63
CA GLU A 502 -49.52 -6.58 -20.45
C GLU A 502 -48.87 -7.39 -19.33
N ILE A 503 -47.54 -7.38 -19.26
CA ILE A 503 -46.80 -8.09 -18.23
C ILE A 503 -46.18 -7.15 -17.22
N SER A 504 -45.63 -6.03 -17.70
CA SER A 504 -44.98 -5.02 -16.86
C SER A 504 -43.78 -5.59 -16.10
N ASN A 505 -43.07 -6.54 -16.73
CA ASN A 505 -41.79 -6.99 -16.21
C ASN A 505 -40.62 -6.21 -16.82
N HIS A 506 -40.84 -4.96 -17.19
CA HIS A 506 -39.80 -4.18 -17.84
C HIS A 506 -38.80 -3.57 -16.87
N ASP A 507 -38.93 -3.82 -15.56
CA ASP A 507 -37.87 -3.52 -14.62
C ASP A 507 -37.08 -4.77 -14.25
N PHE A 508 -37.01 -5.72 -15.16
CA PHE A 508 -36.16 -6.89 -15.03
C PHE A 508 -35.13 -6.92 -16.17
N VAL A 509 -34.00 -7.57 -15.89
CA VAL A 509 -33.01 -7.91 -16.90
C VAL A 509 -33.29 -9.34 -17.36
N PHE A 510 -33.22 -9.55 -18.67
CA PHE A 510 -33.65 -10.79 -19.30
C PHE A 510 -32.45 -11.64 -19.70
N PHE A 511 -32.56 -12.95 -19.49
CA PHE A 511 -31.49 -13.89 -19.82
C PHE A 511 -32.08 -15.12 -20.49
N GLY A 512 -31.37 -15.63 -21.50
CA GLY A 512 -31.54 -17.01 -21.92
C GLY A 512 -30.86 -17.93 -20.93
N VAL A 513 -31.16 -19.21 -21.04
CA VAL A 513 -30.73 -20.20 -20.04
C VAL A 513 -30.10 -21.38 -20.76
N GLU A 514 -28.95 -21.83 -20.27
CA GLU A 514 -28.21 -22.97 -20.83
C GLU A 514 -27.75 -23.88 -19.69
N ILE A 515 -27.65 -25.18 -20.00
CA ILE A 515 -26.96 -26.09 -19.09
C ILE A 515 -25.47 -25.78 -19.09
N SER A 516 -24.85 -25.78 -17.91
CA SER A 516 -23.49 -25.29 -17.76
C SER A 516 -22.43 -26.38 -17.65
N ASN A 517 -22.79 -27.56 -17.14
CA ASN A 517 -21.80 -28.60 -16.81
C ASN A 517 -21.33 -29.28 -18.09
N HIS A 518 -20.48 -28.58 -18.82
CA HIS A 518 -19.94 -29.10 -20.08
C HIS A 518 -18.67 -28.32 -20.41
N GLN A 519 -17.90 -28.86 -21.35
CA GLN A 519 -16.64 -28.25 -21.75
C GLN A 519 -16.67 -27.75 -23.19
N GLU A 520 -17.86 -27.59 -23.76
CA GLU A 520 -18.00 -27.03 -25.09
C GLU A 520 -17.79 -25.52 -25.06
N LYS A 521 -17.60 -24.94 -26.24
CA LYS A 521 -17.44 -23.50 -26.37
C LYS A 521 -18.76 -22.81 -26.02
N LEU A 522 -18.66 -21.67 -25.30
CA LEU A 522 -19.86 -20.95 -24.91
C LEU A 522 -20.13 -19.79 -25.86
N PRO A 523 -21.39 -19.39 -26.06
CA PRO A 523 -22.59 -20.03 -25.52
C PRO A 523 -23.04 -21.17 -26.41
N LEU A 524 -23.85 -22.08 -25.87
CA LEU A 524 -24.45 -23.13 -26.71
C LEU A 524 -25.42 -22.54 -27.71
N ASN A 525 -26.23 -21.56 -27.29
CA ASN A 525 -27.31 -21.02 -28.07
C ASN A 525 -27.15 -19.51 -28.20
N LYS A 526 -27.54 -18.99 -29.35
CA LYS A 526 -27.40 -17.58 -29.66
C LYS A 526 -28.72 -16.89 -29.98
N THR A 527 -29.83 -17.62 -29.96
CA THR A 527 -31.14 -17.06 -30.27
C THR A 527 -32.12 -17.38 -29.16
N HIS A 528 -33.04 -16.44 -28.93
CA HIS A 528 -34.15 -16.63 -28.00
C HIS A 528 -35.43 -16.25 -28.73
N HIS A 529 -36.34 -17.21 -28.86
CA HIS A 529 -37.54 -17.08 -29.71
C HIS A 529 -37.18 -16.53 -31.09
N THR A 530 -36.11 -17.10 -31.67
CA THR A 530 -35.58 -16.85 -33.01
C THR A 530 -34.82 -15.53 -33.12
N VAL A 531 -34.72 -14.74 -32.05
CA VAL A 531 -34.04 -13.45 -32.10
C VAL A 531 -32.61 -13.62 -31.58
N ASP A 532 -31.64 -13.23 -32.41
CA ASP A 532 -30.26 -13.03 -31.97
C ASP A 532 -30.17 -11.61 -31.43
N PHE A 533 -30.06 -11.48 -30.11
CA PHE A 533 -30.05 -10.14 -29.51
C PHE A 533 -28.70 -9.44 -29.59
N GLY A 534 -27.70 -10.02 -30.24
CA GLY A 534 -26.46 -9.30 -30.46
C GLY A 534 -25.16 -10.07 -30.35
N ALA A 535 -24.06 -9.44 -30.76
CA ALA A 535 -22.78 -10.11 -30.89
C ALA A 535 -22.03 -10.25 -29.58
N ASN A 536 -22.37 -9.46 -28.56
CA ASN A 536 -21.75 -9.58 -27.24
C ASN A 536 -22.62 -10.48 -26.39
N ALA A 537 -22.14 -11.69 -26.09
CA ALA A 537 -22.85 -12.61 -25.22
C ALA A 537 -22.24 -12.53 -23.83
N TYR A 538 -23.01 -12.07 -22.86
CA TYR A 538 -22.57 -11.98 -21.48
C TYR A 538 -23.17 -13.13 -20.70
N ILE A 539 -22.33 -13.88 -20.00
CA ILE A 539 -22.70 -15.12 -19.35
C ILE A 539 -22.31 -15.07 -17.88
N ILE A 540 -23.27 -15.30 -17.00
CA ILE A 540 -22.99 -15.53 -15.58
C ILE A 540 -23.39 -16.96 -15.27
N ASP A 541 -22.73 -17.56 -14.28
CA ASP A 541 -22.85 -18.98 -14.04
C ASP A 541 -23.54 -19.32 -12.72
N HIS A 542 -24.24 -18.37 -12.11
CA HIS A 542 -24.84 -18.60 -10.80
C HIS A 542 -26.22 -17.97 -10.76
N ASP A 543 -27.09 -18.58 -9.96
CA ASP A 543 -28.45 -18.08 -9.81
C ASP A 543 -28.45 -16.74 -9.07
N SER A 544 -29.55 -15.99 -9.23
CA SER A 544 -29.83 -14.80 -8.44
C SER A 544 -30.94 -15.09 -7.44
N PRO A 545 -30.80 -14.62 -6.19
CA PRO A 545 -31.77 -15.02 -5.16
C PRO A 545 -33.19 -14.54 -5.43
N TYR A 546 -33.35 -13.44 -6.17
CA TYR A 546 -34.66 -12.85 -6.41
C TYR A 546 -35.05 -12.87 -7.88
N GLY A 547 -34.52 -13.82 -8.66
CA GLY A 547 -34.91 -13.94 -10.04
C GLY A 547 -36.16 -14.78 -10.22
N TYR A 548 -36.77 -14.67 -11.39
CA TYR A 548 -37.92 -15.54 -11.69
C TYR A 548 -37.81 -16.07 -13.12
N MET A 549 -38.30 -17.29 -13.31
CA MET A 549 -38.14 -18.02 -14.56
C MET A 549 -39.49 -18.30 -15.20
N THR A 550 -39.57 -18.07 -16.52
CA THR A 550 -40.69 -18.55 -17.34
C THR A 550 -40.17 -19.54 -18.35
N LEU A 551 -41.07 -20.43 -18.82
CA LEU A 551 -40.69 -21.45 -19.77
C LEU A 551 -40.62 -20.92 -21.19
N THR A 552 -41.10 -19.70 -21.41
CA THR A 552 -41.07 -19.02 -22.68
C THR A 552 -40.82 -17.55 -22.40
N ASP A 553 -40.71 -16.76 -23.46
CA ASP A 553 -40.90 -15.33 -23.31
C ASP A 553 -42.21 -15.10 -22.57
N HIS A 554 -42.19 -14.23 -21.56
CA HIS A 554 -43.36 -14.07 -20.70
C HIS A 554 -44.56 -13.49 -21.46
N PHE A 555 -44.29 -12.54 -22.37
CA PHE A 555 -45.38 -11.90 -23.10
C PHE A 555 -45.86 -12.75 -24.28
N ASP A 556 -44.97 -13.51 -24.91
CA ASP A 556 -45.31 -14.38 -26.05
C ASP A 556 -44.91 -15.81 -25.70
N ASN A 557 -45.86 -16.59 -25.20
CA ASN A 557 -45.56 -17.96 -24.77
C ASN A 557 -45.80 -19.01 -25.87
N ALA A 558 -45.40 -18.70 -27.12
CA ALA A 558 -45.61 -19.61 -28.24
C ALA A 558 -44.26 -20.15 -28.73
N ILE A 559 -44.12 -21.47 -28.73
CA ILE A 559 -42.96 -22.13 -29.33
C ILE A 559 -43.19 -22.26 -30.82
N PRO A 560 -42.26 -21.82 -31.67
CA PRO A 560 -42.51 -21.82 -33.13
C PRO A 560 -42.22 -23.16 -33.77
N PRO A 561 -42.65 -23.36 -35.02
CA PRO A 561 -42.28 -24.57 -35.75
C PRO A 561 -40.76 -24.73 -35.86
N VAL A 562 -40.35 -25.98 -36.09
CA VAL A 562 -38.94 -26.37 -35.94
C VAL A 562 -38.05 -25.63 -36.94
N PHE A 563 -38.55 -25.32 -38.14
CA PHE A 563 -37.68 -24.65 -39.11
C PHE A 563 -37.28 -23.24 -38.67
N TYR A 564 -37.88 -22.70 -37.60
CA TYR A 564 -37.41 -21.45 -37.00
C TYR A 564 -36.32 -21.65 -35.96
N HIS A 565 -36.17 -22.87 -35.41
CA HIS A 565 -35.28 -23.09 -34.28
C HIS A 565 -33.83 -23.00 -34.71
N GLU A 566 -32.98 -22.60 -33.76
CA GLU A 566 -31.57 -22.37 -34.05
C GLU A 566 -30.87 -23.64 -34.50
N HIS A 567 -31.21 -24.78 -33.90
CA HIS A 567 -30.59 -26.04 -34.29
C HIS A 567 -31.57 -26.91 -35.07
N GLN A 568 -32.20 -26.34 -36.11
CA GLN A 568 -33.33 -27.02 -36.74
C GLN A 568 -32.92 -28.36 -37.34
N SER A 569 -31.72 -28.43 -37.92
CA SER A 569 -31.33 -29.63 -38.62
C SER A 569 -31.13 -30.81 -37.67
N PHE A 570 -30.63 -30.56 -36.46
CA PHE A 570 -30.48 -31.66 -35.49
C PHE A 570 -31.82 -32.36 -35.24
N PHE A 571 -32.87 -31.57 -35.02
CA PHE A 571 -34.17 -32.16 -34.70
C PHE A 571 -34.88 -32.71 -35.94
N LEU A 572 -34.75 -32.03 -37.09
CA LEU A 572 -35.33 -32.56 -38.33
C LEU A 572 -34.62 -33.84 -38.78
N ASP A 573 -33.34 -33.99 -38.46
CA ASP A 573 -32.59 -35.18 -38.81
C ASP A 573 -32.94 -36.34 -37.89
N ASN A 574 -32.98 -36.10 -36.57
CA ASN A 574 -32.93 -37.21 -35.64
C ASN A 574 -34.30 -37.65 -35.10
N PHE A 575 -35.37 -36.89 -35.36
CA PHE A 575 -36.66 -37.17 -34.75
C PHE A 575 -37.75 -37.15 -35.81
N LYS A 576 -38.99 -37.41 -35.36
CA LYS A 576 -40.11 -37.55 -36.29
C LYS A 576 -41.33 -36.79 -35.80
N GLU A 577 -42.19 -37.47 -35.01
CA GLU A 577 -43.47 -36.88 -34.63
C GLU A 577 -43.31 -35.63 -33.76
N VAL A 578 -42.25 -35.57 -32.96
CA VAL A 578 -42.07 -34.43 -32.07
C VAL A 578 -41.91 -33.13 -32.86
N VAL A 579 -41.53 -33.22 -34.14
CA VAL A 579 -41.44 -32.00 -34.95
C VAL A 579 -42.80 -31.34 -35.08
N ASP A 580 -43.87 -32.13 -35.10
CA ASP A 580 -45.21 -31.59 -35.24
C ASP A 580 -45.92 -31.38 -33.91
N GLU A 581 -45.24 -31.61 -32.78
CA GLU A 581 -45.82 -31.41 -31.46
C GLU A 581 -45.25 -30.21 -30.72
N VAL A 582 -43.99 -29.85 -30.98
CA VAL A 582 -43.29 -28.89 -30.13
C VAL A 582 -43.87 -27.47 -30.29
N SER A 583 -44.42 -27.14 -31.45
CA SER A 583 -44.95 -25.80 -31.68
C SER A 583 -46.31 -25.70 -31.01
N ARG A 584 -46.40 -24.88 -29.97
CA ARG A 584 -47.57 -24.92 -29.11
C ARG A 584 -47.51 -23.70 -28.19
N TYR A 585 -48.61 -23.46 -27.49
CA TYR A 585 -48.63 -22.49 -26.41
C TYR A 585 -48.28 -23.20 -25.11
N VAL A 586 -47.33 -22.63 -24.37
CA VAL A 586 -46.91 -23.16 -23.08
C VAL A 586 -47.63 -22.35 -22.00
N HIS A 587 -48.57 -22.98 -21.30
CA HIS A 587 -49.41 -22.25 -20.36
C HIS A 587 -50.00 -23.21 -19.34
N GLY A 588 -50.68 -22.63 -18.36
CA GLY A 588 -51.32 -23.39 -17.30
C GLY A 588 -52.80 -23.57 -17.53
N ASN A 589 -53.49 -23.98 -16.45
CA ASN A 589 -54.89 -24.39 -16.55
C ASN A 589 -55.82 -23.23 -16.89
N GLN A 590 -55.45 -22.00 -16.55
CA GLN A 590 -56.36 -20.88 -16.77
C GLN A 590 -56.42 -20.42 -18.22
N GLY A 591 -55.63 -21.01 -19.11
CA GLY A 591 -55.75 -20.73 -20.52
C GLY A 591 -54.43 -20.32 -21.14
N LYS A 592 -54.53 -19.73 -22.33
CA LYS A 592 -53.34 -19.40 -23.11
C LYS A 592 -52.47 -18.35 -22.42
N THR A 593 -53.09 -17.37 -21.75
CA THR A 593 -52.33 -16.32 -21.07
C THR A 593 -51.88 -16.72 -19.67
N ASP A 594 -52.12 -17.97 -19.26
CA ASP A 594 -51.75 -18.45 -17.93
C ASP A 594 -50.29 -18.91 -17.98
N VAL A 595 -49.39 -17.93 -17.94
CA VAL A 595 -47.95 -18.20 -18.05
C VAL A 595 -47.42 -18.67 -16.69
N PRO A 596 -46.87 -19.89 -16.59
CA PRO A 596 -46.28 -20.31 -15.32
C PRO A 596 -45.09 -19.44 -14.94
N ILE A 597 -45.01 -19.13 -13.64
CA ILE A 597 -43.98 -18.27 -13.09
C ILE A 597 -43.33 -19.00 -11.91
N PHE A 598 -42.02 -19.14 -11.94
CA PHE A 598 -41.28 -19.83 -10.90
C PHE A 598 -40.21 -18.91 -10.31
N ASN A 599 -40.09 -18.92 -8.98
CA ASN A 599 -38.98 -18.22 -8.36
C ASN A 599 -37.71 -19.05 -8.54
N THR A 600 -36.58 -18.51 -8.08
CA THR A 600 -35.30 -19.22 -8.25
C THR A 600 -35.29 -20.54 -7.51
N LYS A 601 -35.96 -20.62 -6.35
CA LYS A 601 -36.03 -21.88 -5.61
C LYS A 601 -36.72 -22.96 -6.43
N ASP A 602 -37.86 -22.63 -7.03
CA ASP A 602 -38.72 -23.62 -7.68
C ASP A 602 -38.38 -23.86 -9.15
N MET A 603 -37.42 -23.13 -9.72
CA MET A 603 -37.14 -23.19 -11.16
C MET A 603 -36.95 -24.61 -11.66
N ARG A 604 -35.98 -25.32 -11.09
CA ARG A 604 -35.58 -26.60 -11.67
C ARG A 604 -36.70 -27.63 -11.57
N LEU A 605 -37.42 -27.64 -10.46
CA LEU A 605 -38.56 -28.54 -10.31
C LEU A 605 -39.63 -28.27 -11.37
N GLY A 606 -39.99 -27.00 -11.56
CA GLY A 606 -41.03 -26.67 -12.52
C GLY A 606 -40.62 -26.96 -13.96
N ILE A 607 -39.36 -26.65 -14.30
CA ILE A 607 -38.86 -26.99 -15.63
C ILE A 607 -38.92 -28.50 -15.85
N GLY A 608 -38.40 -29.27 -14.89
CA GLY A 608 -38.39 -30.72 -15.04
C GLY A 608 -39.79 -31.29 -15.20
N LEU A 609 -40.74 -30.81 -14.38
CA LEU A 609 -42.08 -31.36 -14.45
C LEU A 609 -42.78 -31.00 -15.76
N HIS A 610 -42.60 -29.76 -16.24
CA HIS A 610 -43.21 -29.42 -17.53
C HIS A 610 -42.56 -30.20 -18.68
N LEU A 611 -41.24 -30.42 -18.60
CA LEU A 611 -40.59 -31.27 -19.60
C LEU A 611 -41.13 -32.68 -19.57
N ILE A 612 -41.32 -33.23 -18.37
CA ILE A 612 -41.90 -34.56 -18.20
C ILE A 612 -43.27 -34.62 -18.84
N ASP A 613 -44.10 -33.60 -18.61
CA ASP A 613 -45.44 -33.57 -19.19
C ASP A 613 -45.39 -33.59 -20.72
N PHE A 614 -44.56 -32.72 -21.32
CA PHE A 614 -44.46 -32.71 -22.77
C PHE A 614 -44.00 -34.07 -23.30
N ILE A 615 -42.94 -34.63 -22.72
CA ILE A 615 -42.42 -35.91 -23.20
C ILE A 615 -43.47 -37.00 -23.07
N ARG A 616 -44.21 -37.01 -21.95
CA ARG A 616 -45.24 -38.02 -21.74
C ARG A 616 -46.35 -37.91 -22.77
N LYS A 617 -46.67 -36.70 -23.22
CA LYS A 617 -47.70 -36.52 -24.24
C LYS A 617 -47.19 -36.76 -25.67
N SER A 618 -45.97 -37.26 -25.84
CA SER A 618 -45.36 -37.36 -27.18
C SER A 618 -45.56 -38.75 -27.77
N LYS A 619 -45.86 -38.78 -29.07
CA LYS A 619 -45.92 -40.01 -29.84
C LYS A 619 -44.60 -40.34 -30.52
N ASP A 620 -43.59 -39.49 -30.37
CA ASP A 620 -42.26 -39.70 -30.96
C ASP A 620 -41.46 -40.56 -30.01
N GLN A 621 -41.43 -41.87 -30.26
CA GLN A 621 -40.76 -42.76 -29.33
C GLN A 621 -39.25 -42.57 -29.36
N GLY A 622 -38.69 -42.26 -30.54
CA GLY A 622 -37.28 -41.94 -30.60
C GLY A 622 -36.95 -40.72 -29.76
N PHE A 623 -37.81 -39.71 -29.77
CA PHE A 623 -37.62 -38.55 -28.92
C PHE A 623 -37.66 -38.92 -27.45
N ARG A 624 -38.69 -39.68 -27.04
CA ARG A 624 -38.81 -40.13 -25.67
C ARG A 624 -37.56 -40.87 -25.21
N GLU A 625 -37.08 -41.81 -26.02
CA GLU A 625 -35.88 -42.56 -25.67
C GLU A 625 -34.64 -41.65 -25.62
N PHE A 626 -34.57 -40.65 -26.49
CA PHE A 626 -33.48 -39.68 -26.42
C PHE A 626 -33.49 -38.95 -25.09
N CYS A 627 -34.68 -38.57 -24.61
CA CYS A 627 -34.78 -37.82 -23.36
C CYS A 627 -34.55 -38.70 -22.15
N TYR A 628 -35.03 -39.94 -22.19
CA TYR A 628 -34.93 -40.86 -21.05
C TYR A 628 -33.63 -41.65 -21.06
N ASN A 629 -32.68 -41.28 -21.91
CA ASN A 629 -31.34 -41.84 -21.86
C ASN A 629 -30.73 -41.58 -20.49
N LYS A 630 -30.43 -42.66 -19.76
CA LYS A 630 -29.93 -42.54 -18.39
C LYS A 630 -28.63 -41.77 -18.34
N ASN A 631 -27.81 -41.86 -19.39
CA ASN A 631 -26.52 -41.17 -19.46
C ASN A 631 -26.55 -40.01 -20.46
N ILE A 632 -27.65 -39.27 -20.50
CA ILE A 632 -27.74 -38.12 -21.39
C ILE A 632 -26.71 -37.09 -20.97
N ASP A 633 -25.88 -36.65 -21.92
CA ASP A 633 -24.88 -35.66 -21.58
C ASP A 633 -25.51 -34.27 -21.53
N PRO A 634 -24.88 -33.34 -20.81
CA PRO A 634 -25.51 -32.02 -20.63
C PRO A 634 -25.74 -31.24 -21.91
N VAL A 635 -24.95 -31.46 -22.96
CA VAL A 635 -25.19 -30.74 -24.21
C VAL A 635 -26.49 -31.22 -24.87
N SER A 636 -26.71 -32.55 -24.90
CA SER A 636 -27.97 -33.06 -25.40
C SER A 636 -29.14 -32.60 -24.55
N LEU A 637 -28.95 -32.58 -23.23
CA LEU A 637 -29.99 -32.09 -22.33
C LEU A 637 -30.35 -30.65 -22.65
N ASP A 638 -29.35 -29.80 -22.86
CA ASP A 638 -29.63 -28.42 -23.23
C ASP A 638 -30.35 -28.35 -24.56
N ARG A 639 -29.92 -29.16 -25.52
CA ARG A 639 -30.63 -29.26 -26.79
C ARG A 639 -32.12 -29.49 -26.57
N ILE A 640 -32.44 -30.48 -25.72
CA ILE A 640 -33.84 -30.84 -25.50
C ILE A 640 -34.59 -29.70 -24.80
N ILE A 641 -34.00 -29.12 -23.77
CA ILE A 641 -34.69 -28.08 -23.01
C ILE A 641 -34.93 -26.84 -23.87
N ASN A 642 -33.93 -26.45 -24.66
CA ASN A 642 -34.03 -25.29 -25.55
C ASN A 642 -34.83 -25.58 -26.80
N PHE A 643 -35.21 -26.84 -27.03
CA PHE A 643 -36.16 -27.23 -28.06
C PHE A 643 -37.59 -27.19 -27.55
N VAL A 644 -37.86 -27.88 -26.44
CA VAL A 644 -39.19 -27.92 -25.85
C VAL A 644 -39.59 -26.55 -25.31
N PHE A 645 -38.63 -25.76 -24.84
CA PHE A 645 -38.90 -24.48 -24.20
C PHE A 645 -38.02 -23.39 -24.78
N GLN A 646 -38.34 -22.15 -24.42
CA GLN A 646 -37.42 -21.02 -24.55
C GLN A 646 -37.31 -20.35 -23.18
N LEU A 647 -36.63 -21.05 -22.26
CA LEU A 647 -36.51 -20.58 -20.88
C LEU A 647 -36.05 -19.12 -20.87
N GLU A 648 -36.68 -18.35 -19.98
CA GLU A 648 -36.37 -16.93 -19.83
C GLU A 648 -36.22 -16.64 -18.35
N TYR A 649 -35.02 -16.24 -17.94
CA TYR A 649 -34.72 -15.90 -16.55
C TYR A 649 -34.69 -14.38 -16.39
N HIS A 650 -35.20 -13.88 -15.26
CA HIS A 650 -35.36 -12.46 -15.05
C HIS A 650 -34.73 -12.07 -13.71
N ILE A 651 -33.90 -11.03 -13.73
CA ILE A 651 -33.22 -10.55 -12.54
C ILE A 651 -33.70 -9.13 -12.25
N PRO A 652 -34.15 -8.83 -11.04
CA PRO A 652 -34.72 -7.50 -10.76
C PRO A 652 -33.75 -6.36 -11.00
N ARG A 653 -34.28 -5.29 -11.62
CA ARG A 653 -33.66 -3.98 -11.75
C ARG A 653 -32.38 -3.94 -12.58
N MET A 654 -31.39 -4.76 -12.24
CA MET A 654 -30.07 -4.60 -12.83
C MET A 654 -29.18 -5.78 -12.48
N LEU A 655 -28.15 -5.98 -13.29
CA LEU A 655 -27.06 -6.89 -12.98
C LEU A 655 -25.76 -6.08 -12.99
N SER A 656 -25.05 -6.09 -11.86
CA SER A 656 -23.77 -5.40 -11.76
C SER A 656 -22.79 -6.35 -11.07
N THR A 657 -21.77 -6.79 -11.79
CA THR A 657 -20.92 -7.84 -11.26
C THR A 657 -19.55 -7.79 -11.94
N ASP A 658 -18.53 -8.24 -11.21
CA ASP A 658 -17.22 -8.50 -11.78
C ASP A 658 -17.01 -9.98 -12.10
N ASN A 659 -18.03 -10.81 -11.91
CA ASN A 659 -17.93 -12.26 -12.07
C ASN A 659 -18.80 -12.64 -13.27
N PHE A 660 -18.18 -12.63 -14.46
CA PHE A 660 -18.90 -12.89 -15.71
C PHE A 660 -17.91 -13.29 -16.79
N LYS A 661 -18.45 -13.79 -17.90
CA LYS A 661 -17.71 -14.00 -19.13
C LYS A 661 -18.35 -13.17 -20.23
N LYS A 662 -17.53 -12.58 -21.10
CA LYS A 662 -17.97 -11.95 -22.33
C LYS A 662 -17.43 -12.72 -23.52
N ILE A 663 -18.30 -13.08 -24.45
CA ILE A 663 -17.92 -13.82 -25.65
C ILE A 663 -18.37 -13.01 -26.85
N LYS A 664 -17.42 -12.64 -27.71
CA LYS A 664 -17.72 -11.91 -28.92
C LYS A 664 -18.07 -12.92 -30.02
N LEU A 665 -19.36 -13.00 -30.36
CA LEU A 665 -19.86 -14.02 -31.28
C LEU A 665 -19.47 -13.72 -32.73
N ARG A 666 -19.26 -12.46 -33.06
CA ARG A 666 -19.06 -12.00 -34.43
C ARG A 666 -18.71 -10.52 -34.36
N ASP A 667 -18.37 -9.96 -35.51
CA ASP A 667 -18.30 -8.50 -35.62
C ASP A 667 -19.71 -7.93 -35.49
N ILE A 668 -19.82 -6.79 -34.83
CA ILE A 668 -21.06 -6.02 -34.84
C ILE A 668 -21.08 -5.20 -36.11
N SER A 669 -22.16 -5.29 -36.88
CA SER A 669 -22.23 -4.49 -38.11
C SER A 669 -22.37 -3.01 -37.77
N LEU A 670 -22.09 -2.17 -38.76
CA LEU A 670 -22.25 -0.73 -38.56
C LEU A 670 -23.68 -0.37 -38.18
N GLU A 671 -24.66 -0.97 -38.86
CA GLU A 671 -26.05 -0.65 -38.55
C GLU A 671 -26.44 -1.15 -37.17
N ASP A 672 -25.97 -2.35 -36.78
CA ASP A 672 -26.28 -2.83 -35.44
C ASP A 672 -25.65 -1.96 -34.36
N ALA A 673 -24.43 -1.48 -34.60
CA ALA A 673 -23.79 -0.55 -33.69
C ALA A 673 -24.59 0.75 -33.58
N ILE A 674 -25.04 1.29 -34.72
CA ILE A 674 -25.87 2.50 -34.69
C ILE A 674 -27.12 2.26 -33.88
N LYS A 675 -27.80 1.14 -34.14
CA LYS A 675 -29.06 0.85 -33.46
C LYS A 675 -28.86 0.67 -31.96
N ALA A 676 -27.71 0.17 -31.54
CA ALA A 676 -27.44 -0.03 -30.12
C ALA A 676 -26.76 1.17 -29.45
N SER A 677 -26.56 2.26 -30.19
CA SER A 677 -25.82 3.42 -29.68
C SER A 677 -24.46 3.02 -29.11
N ASN A 678 -23.79 2.08 -29.79
CA ASN A 678 -22.50 1.58 -29.34
C ASN A 678 -21.43 2.52 -29.88
N TYR A 679 -21.10 3.55 -29.09
CA TYR A 679 -20.17 4.56 -29.56
C TYR A 679 -18.78 3.98 -29.80
N GLU A 680 -18.41 2.94 -29.07
CA GLU A 680 -17.11 2.30 -29.29
C GLU A 680 -17.02 1.74 -30.71
N GLU A 681 -18.00 0.91 -31.08
CA GLU A 681 -18.02 0.37 -32.44
C GLU A 681 -18.15 1.47 -33.48
N ILE A 682 -18.97 2.49 -33.19
CA ILE A 682 -19.19 3.56 -34.16
C ILE A 682 -17.89 4.30 -34.44
N ASN A 683 -17.18 4.70 -33.38
CA ASN A 683 -15.91 5.39 -33.55
C ASN A 683 -14.89 4.49 -34.23
N ASN A 684 -14.90 3.19 -33.91
CA ASN A 684 -13.98 2.26 -34.57
C ASN A 684 -14.27 2.16 -36.06
N LYS A 685 -15.53 2.25 -36.46
CA LYS A 685 -15.91 2.02 -37.85
C LYS A 685 -15.95 3.29 -38.69
N VAL A 686 -16.45 4.39 -38.12
CA VAL A 686 -16.76 5.59 -38.91
C VAL A 686 -15.53 6.50 -38.82
N THR A 687 -14.57 6.24 -39.71
CA THR A 687 -13.31 6.98 -39.70
C THR A 687 -13.16 7.95 -40.86
N ASP A 688 -13.87 7.75 -41.97
CA ASP A 688 -13.79 8.66 -43.12
C ASP A 688 -15.20 9.04 -43.57
N LYS A 689 -15.27 9.85 -44.62
CA LYS A 689 -16.54 10.46 -45.02
C LYS A 689 -17.52 9.45 -45.62
N LYS A 690 -17.04 8.43 -46.33
CA LYS A 690 -17.98 7.47 -46.92
C LYS A 690 -18.61 6.59 -45.85
N MET A 691 -17.83 6.15 -44.86
CA MET A 691 -18.42 5.44 -43.74
C MET A 691 -19.39 6.33 -42.97
N ALA A 692 -19.09 7.62 -42.88
CA ALA A 692 -20.01 8.56 -42.24
C ALA A 692 -21.31 8.69 -43.04
N HIS A 693 -21.21 8.71 -44.37
CA HIS A 693 -22.40 8.66 -45.21
C HIS A 693 -23.29 7.47 -44.84
N GLN A 694 -22.69 6.28 -44.84
CA GLN A 694 -23.43 5.07 -44.49
C GLN A 694 -24.03 5.17 -43.09
N ALA A 695 -23.23 5.63 -42.12
CA ALA A 695 -23.67 5.66 -40.73
C ALA A 695 -24.78 6.67 -40.52
N LEU A 696 -24.74 7.80 -41.24
CA LEU A 696 -25.81 8.78 -41.14
C LEU A 696 -27.10 8.26 -41.75
N ALA A 697 -27.01 7.60 -42.90
CA ALA A 697 -28.20 6.97 -43.47
C ALA A 697 -28.80 5.96 -42.51
N TYR A 698 -27.95 5.14 -41.88
CA TYR A 698 -28.44 4.15 -40.91
C TYR A 698 -29.06 4.82 -39.69
N SER A 699 -28.50 5.94 -39.24
CA SER A 699 -29.10 6.64 -38.11
C SER A 699 -30.48 7.18 -38.47
N LEU A 700 -30.61 7.76 -39.66
CA LEU A 700 -31.91 8.29 -40.07
C LEU A 700 -32.93 7.16 -40.23
N GLY A 701 -32.52 6.06 -40.86
CA GLY A 701 -33.46 4.97 -41.09
C GLY A 701 -33.96 4.31 -39.82
N ASN A 702 -33.11 4.26 -38.79
CA ASN A 702 -33.49 3.69 -37.51
C ASN A 702 -33.89 4.76 -36.49
N LYS A 703 -34.04 6.00 -36.92
CA LYS A 703 -34.51 7.10 -36.07
C LYS A 703 -33.61 7.29 -34.85
N LYS A 704 -32.31 7.21 -35.06
CA LYS A 704 -31.33 7.40 -33.98
C LYS A 704 -30.81 8.84 -34.07
N ALA A 705 -31.65 9.77 -33.61
CA ALA A 705 -31.37 11.20 -33.81
C ALA A 705 -30.10 11.62 -33.07
N ASP A 706 -29.91 11.14 -31.84
CA ASP A 706 -28.69 11.47 -31.10
C ASP A 706 -27.45 10.98 -31.82
N ILE A 707 -27.50 9.76 -32.38
CA ILE A 707 -26.35 9.26 -33.15
C ILE A 707 -26.12 10.11 -34.39
N ALA A 708 -27.19 10.47 -35.10
CA ALA A 708 -27.06 11.34 -36.27
C ALA A 708 -26.37 12.64 -35.90
N LEU A 709 -26.79 13.27 -34.80
CA LEU A 709 -26.21 14.55 -34.42
C LEU A 709 -24.75 14.40 -33.98
N TYR A 710 -24.43 13.29 -33.31
CA TYR A 710 -23.02 13.00 -32.99
C TYR A 710 -22.18 12.93 -34.27
N LEU A 711 -22.65 12.16 -35.25
CA LEU A 711 -21.92 12.04 -36.51
C LEU A 711 -21.75 13.39 -37.19
N LEU A 712 -22.80 14.21 -37.19
CA LEU A 712 -22.70 15.52 -37.80
C LEU A 712 -21.74 16.43 -37.05
N SER A 713 -21.59 16.21 -35.74
CA SER A 713 -20.61 16.99 -34.98
C SER A 713 -19.19 16.52 -35.26
N LYS A 714 -19.00 15.25 -35.61
CA LYS A 714 -17.67 14.74 -35.89
C LYS A 714 -17.21 14.94 -37.32
N PHE A 715 -18.12 15.12 -38.27
CA PHE A 715 -17.76 15.32 -39.67
C PHE A 715 -18.48 16.57 -40.18
N ASN A 716 -17.83 17.27 -41.11
CA ASN A 716 -18.41 18.48 -41.70
C ASN A 716 -19.15 18.09 -42.98
N PHE A 717 -20.45 17.88 -42.87
CA PHE A 717 -21.24 17.46 -44.01
C PHE A 717 -21.55 18.63 -44.92
N THR A 718 -21.65 18.33 -46.21
CA THR A 718 -21.94 19.33 -47.22
C THR A 718 -23.11 18.85 -48.08
N LYS A 719 -23.59 19.75 -48.95
CA LYS A 719 -24.53 19.38 -50.00
C LYS A 719 -24.00 18.20 -50.81
N GLN A 720 -22.71 18.24 -51.18
CA GLN A 720 -22.15 17.17 -51.97
C GLN A 720 -22.16 15.84 -51.21
N ASP A 721 -22.02 15.88 -49.88
CA ASP A 721 -22.17 14.67 -49.09
C ASP A 721 -23.58 14.08 -49.24
N VAL A 722 -24.60 14.94 -49.24
CA VAL A 722 -25.97 14.47 -49.41
C VAL A 722 -26.14 13.85 -50.79
N ALA A 723 -25.58 14.49 -51.82
CA ALA A 723 -25.62 13.92 -53.17
C ALA A 723 -24.95 12.55 -53.21
N GLU A 724 -23.83 12.39 -52.49
CA GLU A 724 -23.18 11.08 -52.45
C GLU A 724 -24.05 10.05 -51.72
N MET A 725 -24.67 10.44 -50.61
CA MET A 725 -25.55 9.53 -49.89
C MET A 725 -26.65 9.01 -50.80
N GLU A 726 -27.18 9.87 -51.68
CA GLU A 726 -28.23 9.42 -52.59
C GLU A 726 -27.78 8.27 -53.48
N LYS A 727 -26.48 8.12 -53.71
CA LYS A 727 -25.97 7.11 -54.62
C LYS A 727 -25.59 5.80 -53.92
N MET A 728 -25.96 5.63 -52.64
CA MET A 728 -25.59 4.45 -51.87
C MET A 728 -26.63 3.34 -52.06
N LYS A 729 -26.53 2.64 -53.19
CA LYS A 729 -27.41 1.48 -53.39
C LYS A 729 -27.08 0.34 -52.43
N ASN A 730 -25.85 0.29 -51.91
CA ASN A 730 -25.47 -0.73 -50.94
C ASN A 730 -25.94 -0.43 -49.53
N ASN A 731 -26.61 0.70 -49.32
CA ASN A 731 -27.25 0.99 -48.04
C ASN A 731 -28.75 0.76 -48.18
N ARG A 732 -29.31 -0.08 -47.30
CA ARG A 732 -30.69 -0.50 -47.47
C ARG A 732 -31.66 0.68 -47.43
N TYR A 733 -31.30 1.76 -46.74
CA TYR A 733 -32.22 2.90 -46.65
C TYR A 733 -32.08 3.82 -47.86
N CYS A 734 -30.87 4.28 -48.17
CA CYS A 734 -30.73 5.15 -49.32
C CYS A 734 -30.95 4.43 -50.64
N ASN A 735 -30.90 3.09 -50.64
CA ASN A 735 -31.25 2.36 -51.85
C ASN A 735 -32.70 2.61 -52.24
N LEU A 736 -33.56 2.74 -51.24
CA LEU A 736 -35.01 2.84 -51.41
C LEU A 736 -35.51 4.27 -51.33
N TYR A 737 -34.88 5.13 -50.53
CA TYR A 737 -35.45 6.39 -50.09
C TYR A 737 -34.49 7.55 -50.31
N ASP A 738 -35.05 8.72 -50.62
CA ASP A 738 -34.31 9.97 -50.64
C ASP A 738 -33.87 10.34 -49.22
N VAL A 739 -32.75 11.09 -49.13
CA VAL A 739 -32.33 11.60 -47.84
C VAL A 739 -33.43 12.45 -47.22
N GLU A 740 -34.08 13.31 -48.01
CA GLU A 740 -35.13 14.18 -47.48
C GLU A 740 -36.34 13.38 -46.98
N TYR A 741 -36.67 12.29 -47.68
CA TYR A 741 -37.65 11.34 -47.17
C TYR A 741 -37.26 10.82 -45.79
N LEU A 742 -36.00 10.39 -45.65
CA LEU A 742 -35.53 9.85 -44.37
C LEU A 742 -35.55 10.91 -43.28
N LEU A 743 -35.24 12.16 -43.65
CA LEU A 743 -35.27 13.26 -42.71
C LEU A 743 -36.68 13.52 -42.22
N SER A 744 -37.70 13.22 -43.03
CA SER A 744 -39.05 13.71 -42.73
C SER A 744 -40.09 12.63 -42.45
N LYS A 745 -39.77 11.36 -42.65
CA LYS A 745 -40.79 10.31 -42.53
C LYS A 745 -41.27 10.14 -41.10
N ASP A 746 -40.38 10.22 -40.13
CA ASP A 746 -40.79 10.10 -38.74
C ASP A 746 -40.32 11.32 -37.95
N GLY A 747 -41.22 11.84 -37.12
CA GLY A 747 -40.90 12.98 -36.28
C GLY A 747 -39.69 12.79 -35.41
N ALA A 748 -39.32 11.54 -35.12
CA ALA A 748 -38.15 11.30 -34.28
C ALA A 748 -36.87 11.88 -34.89
N ASN A 749 -36.86 12.15 -36.19
CA ASN A 749 -35.68 12.72 -36.83
C ASN A 749 -35.73 14.25 -36.93
N TYR A 750 -36.67 14.89 -36.22
CA TYR A 750 -36.89 16.32 -36.36
C TYR A 750 -35.60 17.12 -36.15
N LYS A 751 -34.88 16.86 -35.07
CA LYS A 751 -33.69 17.65 -34.78
C LYS A 751 -32.62 17.48 -35.85
N VAL A 752 -32.60 16.32 -36.51
CA VAL A 752 -31.70 16.13 -37.64
C VAL A 752 -32.18 16.97 -38.81
N LEU A 753 -33.48 16.91 -39.11
CA LEU A 753 -34.05 17.73 -40.17
C LEU A 753 -33.69 19.19 -39.97
N GLU A 754 -33.94 19.70 -38.77
CA GLU A 754 -33.58 21.07 -38.42
C GLU A 754 -32.12 21.35 -38.75
N TYR A 755 -31.21 20.46 -38.30
CA TYR A 755 -29.81 20.64 -38.61
C TYR A 755 -29.62 20.79 -40.12
N PHE A 756 -30.14 19.83 -40.88
CA PHE A 756 -29.93 19.86 -42.33
C PHE A 756 -30.50 21.13 -42.93
N ILE A 757 -31.67 21.57 -42.45
CA ILE A 757 -32.24 22.77 -43.04
C ILE A 757 -31.42 23.99 -42.65
N ASN A 758 -31.03 24.07 -41.37
CA ASN A 758 -30.43 25.31 -40.89
C ASN A 758 -29.03 25.49 -41.44
N ASN A 759 -28.34 24.38 -41.75
CA ASN A 759 -27.01 24.44 -42.33
C ASN A 759 -27.02 24.34 -43.86
N GLY A 760 -28.17 24.47 -44.49
CA GLY A 760 -28.22 24.52 -45.94
C GLY A 760 -27.80 23.25 -46.66
N LEU A 761 -27.96 22.10 -46.02
CA LEU A 761 -27.53 20.84 -46.62
C LEU A 761 -28.60 20.24 -47.54
N VAL A 762 -29.87 20.60 -47.35
CA VAL A 762 -30.94 20.12 -48.21
C VAL A 762 -31.82 21.29 -48.60
N ASP A 763 -32.43 21.16 -49.78
CA ASP A 763 -33.45 22.10 -50.24
C ASP A 763 -34.77 21.66 -49.64
N VAL A 764 -35.43 22.56 -48.92
CA VAL A 764 -36.71 22.24 -48.29
C VAL A 764 -37.73 21.73 -49.29
N ASN A 765 -37.62 22.15 -50.56
CA ASN A 765 -38.59 21.80 -51.58
C ASN A 765 -38.10 20.71 -52.54
N LYS A 766 -37.00 20.03 -52.22
CA LYS A 766 -36.49 18.98 -53.08
C LYS A 766 -37.59 17.93 -53.32
N LYS A 767 -37.87 17.64 -54.58
CA LYS A 767 -38.84 16.59 -54.89
C LYS A 767 -38.16 15.23 -54.81
N PHE A 768 -38.77 14.32 -54.05
CA PHE A 768 -38.25 12.96 -53.95
C PHE A 768 -38.09 12.36 -55.34
N GLN A 769 -37.00 11.63 -55.53
CA GLN A 769 -36.76 10.90 -56.76
C GLN A 769 -36.97 9.40 -56.62
N LYS A 770 -37.07 8.89 -55.40
CA LYS A 770 -37.27 7.47 -55.17
C LYS A 770 -38.70 7.19 -54.70
N VAL A 771 -38.88 6.55 -53.54
CA VAL A 771 -40.23 6.23 -53.08
C VAL A 771 -41.01 7.51 -52.85
N ASN A 772 -42.27 7.50 -53.29
CA ASN A 772 -43.13 8.69 -53.24
C ASN A 772 -42.54 9.82 -54.07
N SER A 773 -42.05 9.48 -55.26
CA SER A 773 -41.38 10.48 -56.11
C SER A 773 -42.35 11.61 -56.44
N GLY A 774 -41.81 12.81 -56.47
CA GLY A 774 -42.62 13.98 -56.66
C GLY A 774 -43.11 14.64 -55.39
N ASP A 775 -43.11 13.90 -54.27
CA ASP A 775 -43.47 14.48 -52.99
C ASP A 775 -42.30 15.31 -52.43
N THR A 776 -42.60 16.08 -51.40
CA THR A 776 -41.60 16.82 -50.65
C THR A 776 -41.68 16.44 -49.18
N MET A 777 -40.74 16.97 -48.39
CA MET A 777 -40.76 16.68 -46.96
C MET A 777 -42.08 17.09 -46.32
N LEU A 778 -42.71 18.14 -46.82
CA LEU A 778 -43.99 18.56 -46.27
C LEU A 778 -45.05 17.46 -46.41
N ASP A 779 -45.02 16.72 -47.53
CA ASP A 779 -45.96 15.59 -47.67
C ASP A 779 -45.78 14.57 -46.56
N ASN A 780 -44.52 14.16 -46.29
CA ASN A 780 -44.26 13.22 -45.20
C ASN A 780 -44.74 13.78 -43.86
N ALA A 781 -44.41 15.05 -43.60
CA ALA A 781 -44.82 15.69 -42.34
C ALA A 781 -46.32 15.65 -42.17
N MET A 782 -47.06 15.93 -43.25
CA MET A 782 -48.51 15.94 -43.14
C MET A 782 -49.06 14.53 -42.97
N LYS A 783 -48.46 13.55 -43.65
CA LYS A 783 -48.86 12.16 -43.48
C LYS A 783 -48.73 11.73 -42.02
N SER A 784 -47.61 12.05 -41.40
CA SER A 784 -47.43 11.67 -40.01
C SER A 784 -48.20 12.56 -39.04
N LYS A 785 -48.85 13.63 -39.53
CA LYS A 785 -49.57 14.58 -38.69
C LYS A 785 -48.65 15.19 -37.65
N ASP A 786 -47.40 15.43 -38.04
CA ASP A 786 -46.35 15.97 -37.17
C ASP A 786 -46.44 17.50 -37.23
N SER A 787 -47.24 18.09 -36.35
CA SER A 787 -47.50 19.52 -36.42
C SER A 787 -46.23 20.35 -36.34
N LYS A 788 -45.29 19.92 -35.49
CA LYS A 788 -44.07 20.69 -35.30
C LYS A 788 -43.22 20.68 -36.56
N MET A 789 -43.07 19.51 -37.18
CA MET A 789 -42.32 19.44 -38.43
C MET A 789 -43.02 20.19 -39.56
N ILE A 790 -44.35 20.03 -39.66
CA ILE A 790 -45.12 20.79 -40.66
C ILE A 790 -44.83 22.28 -40.53
N ASP A 791 -44.92 22.79 -39.31
CA ASP A 791 -44.73 24.22 -39.11
C ASP A 791 -43.29 24.63 -39.40
N PHE A 792 -42.31 23.81 -38.99
CA PHE A 792 -40.92 24.13 -39.29
C PHE A 792 -40.68 24.24 -40.78
N LEU A 793 -41.18 23.26 -41.54
CA LEU A 793 -40.98 23.28 -42.99
C LEU A 793 -41.59 24.51 -43.62
N LEU A 794 -42.84 24.81 -43.24
CA LEU A 794 -43.53 25.97 -43.83
C LEU A 794 -42.84 27.28 -43.45
N LYS A 795 -42.42 27.43 -42.18
CA LYS A 795 -41.68 28.63 -41.78
C LYS A 795 -40.41 28.83 -42.59
N ASN A 796 -39.81 27.74 -43.09
CA ASN A 796 -38.55 27.80 -43.80
C ASN A 796 -38.70 27.68 -45.31
N GLY A 797 -39.87 28.00 -45.84
CA GLY A 797 -40.04 28.19 -47.27
C GLY A 797 -40.60 27.01 -48.03
N ALA A 798 -41.14 26.01 -47.34
CA ALA A 798 -41.83 24.92 -48.04
C ALA A 798 -42.95 25.48 -48.90
N ILE A 799 -43.08 24.89 -50.08
CA ILE A 799 -44.22 25.15 -50.96
C ILE A 799 -45.42 24.34 -50.47
N LEU A 800 -46.58 24.97 -50.45
CA LEU A 800 -47.85 24.32 -50.18
C LEU A 800 -48.56 24.03 -51.50
N GLY A 801 -48.97 22.78 -51.69
CA GLY A 801 -49.71 22.40 -52.88
C GLY A 801 -48.81 21.85 -53.97
N LYS A 802 -49.46 21.39 -55.04
CA LYS A 802 -48.76 20.74 -56.16
C LYS A 802 -49.40 21.19 -57.47
N ARG A 803 -48.65 21.89 -58.31
CA ARG A 803 -49.12 22.21 -59.65
C ARG A 803 -48.48 21.26 -60.66
N PHE A 804 -49.04 21.24 -61.88
CA PHE A 804 -48.45 20.47 -62.98
C PHE A 804 -47.07 20.98 -63.36
N GLU A 805 -46.02 20.27 -62.97
CA GLU A 805 -44.64 20.69 -63.28
C GLU A 805 -44.35 22.12 -62.85
N LYS B 4 37.21 -16.36 18.39
CA LYS B 4 38.59 -16.85 18.41
C LYS B 4 39.33 -16.43 19.68
N ILE B 5 38.61 -15.80 20.62
CA ILE B 5 39.20 -15.50 21.92
C ILE B 5 39.33 -16.79 22.69
N GLU B 6 40.52 -17.06 23.21
CA GLU B 6 40.74 -18.36 23.82
C GLU B 6 40.25 -18.38 25.28
N GLU B 7 39.53 -19.43 25.61
CA GLU B 7 38.95 -19.61 26.93
C GLU B 7 40.05 -19.96 27.93
N GLY B 8 39.83 -19.59 29.20
CA GLY B 8 40.72 -20.01 30.28
C GLY B 8 41.87 -19.08 30.55
N LYS B 9 41.81 -17.84 30.08
CA LYS B 9 42.80 -16.82 30.36
C LYS B 9 42.10 -15.49 30.16
N LEU B 10 42.74 -14.41 30.60
CA LEU B 10 42.21 -13.07 30.38
C LEU B 10 43.23 -12.24 29.61
N VAL B 11 42.83 -11.72 28.47
CA VAL B 11 43.61 -10.77 27.71
C VAL B 11 42.99 -9.39 27.94
N ILE B 12 43.79 -8.43 28.39
CA ILE B 12 43.31 -7.09 28.71
C ILE B 12 44.03 -6.06 27.85
N TRP B 13 43.28 -5.12 27.27
CA TRP B 13 43.87 -4.00 26.55
C TRP B 13 43.71 -2.71 27.33
N ILE B 14 44.77 -1.91 27.43
CA ILE B 14 44.72 -0.62 28.10
C ILE B 14 45.73 0.30 27.41
N ASN B 15 45.44 1.61 27.38
CA ASN B 15 46.28 2.51 26.61
C ASN B 15 47.68 2.59 27.20
N GLY B 16 48.65 2.84 26.33
CA GLY B 16 50.06 2.88 26.72
C GLY B 16 50.43 4.02 27.65
N ASP B 17 49.56 5.00 27.86
CA ASP B 17 49.86 6.03 28.85
C ASP B 17 49.39 5.68 30.26
N LYS B 18 48.72 4.54 30.46
CA LYS B 18 48.24 4.15 31.78
C LYS B 18 49.18 3.15 32.45
N GLY B 19 48.81 2.77 33.67
CA GLY B 19 49.64 1.91 34.51
C GLY B 19 49.56 0.41 34.21
N TYR B 20 49.99 0.01 33.02
CA TYR B 20 49.78 -1.38 32.61
C TYR B 20 50.68 -2.37 33.35
N ASN B 21 51.84 -1.95 33.84
CA ASN B 21 52.63 -2.85 34.67
C ASN B 21 51.98 -3.08 36.02
N GLY B 22 51.42 -2.02 36.61
CA GLY B 22 50.63 -2.20 37.83
C GLY B 22 49.44 -3.10 37.60
N LEU B 23 48.76 -2.93 36.47
CA LEU B 23 47.64 -3.79 36.13
C LEU B 23 48.10 -5.24 35.98
N ALA B 24 49.27 -5.44 35.38
CA ALA B 24 49.82 -6.79 35.29
C ALA B 24 50.10 -7.37 36.68
N GLU B 25 50.51 -6.53 37.64
CA GLU B 25 50.68 -7.04 39.00
C GLU B 25 49.36 -7.54 39.56
N VAL B 26 48.27 -6.82 39.31
CA VAL B 26 46.96 -7.32 39.71
C VAL B 26 46.67 -8.65 39.02
N GLY B 27 47.02 -8.76 37.74
CA GLY B 27 46.81 -10.02 37.03
C GLY B 27 47.62 -11.16 37.63
N LYS B 28 48.82 -10.85 38.13
CA LYS B 28 49.65 -11.87 38.75
C LYS B 28 49.04 -12.35 40.06
N LYS B 29 48.46 -11.44 40.85
CA LYS B 29 47.70 -11.87 42.02
C LYS B 29 46.51 -12.76 41.63
N PHE B 30 45.80 -12.38 40.56
CA PHE B 30 44.67 -13.19 40.09
C PHE B 30 45.11 -14.59 39.70
N GLU B 31 46.25 -14.68 39.01
CA GLU B 31 46.79 -15.97 38.60
C GLU B 31 47.21 -16.81 39.80
N LYS B 32 47.86 -16.18 40.78
CA LYS B 32 48.25 -16.90 41.99
C LYS B 32 47.04 -17.50 42.69
N ASP B 33 45.92 -16.77 42.72
CA ASP B 33 44.74 -17.30 43.39
C ASP B 33 43.98 -18.33 42.53
N THR B 34 44.04 -18.21 41.20
CA THR B 34 43.16 -19.01 40.36
C THR B 34 43.86 -19.92 39.38
N GLY B 35 45.15 -19.69 39.09
CA GLY B 35 45.79 -20.38 37.99
C GLY B 35 45.44 -19.86 36.62
N ILE B 36 44.62 -18.80 36.52
CA ILE B 36 44.27 -18.22 35.25
C ILE B 36 45.23 -17.07 34.96
N LYS B 37 45.94 -17.15 33.83
CA LYS B 37 46.91 -16.13 33.49
C LYS B 37 46.22 -14.90 32.90
N VAL B 38 46.78 -13.74 33.19
CA VAL B 38 46.25 -12.47 32.72
C VAL B 38 47.35 -11.81 31.89
N THR B 39 47.05 -11.53 30.62
CA THR B 39 48.00 -10.85 29.74
C THR B 39 47.51 -9.42 29.48
N VAL B 40 48.33 -8.43 29.84
CA VAL B 40 48.01 -7.02 29.62
C VAL B 40 48.78 -6.55 28.39
N GLU B 41 48.06 -5.99 27.42
CA GLU B 41 48.68 -5.41 26.24
C GLU B 41 48.26 -3.95 26.11
N HIS B 42 49.08 -3.17 25.40
CA HIS B 42 48.78 -1.77 25.12
C HIS B 42 49.04 -1.46 23.65
N PRO B 43 48.19 -1.96 22.76
CA PRO B 43 48.41 -1.72 21.33
C PRO B 43 48.13 -0.28 20.94
N ASP B 44 48.81 0.15 19.88
CA ASP B 44 48.52 1.46 19.30
C ASP B 44 47.08 1.49 18.79
N LYS B 45 46.50 2.70 18.80
CA LYS B 45 45.15 2.92 18.24
C LYS B 45 44.14 1.95 18.83
N LEU B 46 44.30 1.66 20.14
CA LEU B 46 43.46 0.70 20.84
C LEU B 46 41.98 0.96 20.60
N GLU B 47 41.56 2.22 20.70
CA GLU B 47 40.15 2.56 20.61
C GLU B 47 39.59 2.37 19.20
N GLU B 48 40.45 2.32 18.19
CA GLU B 48 40.05 2.00 16.83
C GLU B 48 40.18 0.51 16.54
N LYS B 49 41.21 -0.13 17.07
CA LYS B 49 41.40 -1.56 16.83
C LYS B 49 40.32 -2.38 17.51
N PHE B 50 39.91 -2.00 18.72
CA PHE B 50 38.90 -2.81 19.43
C PHE B 50 37.63 -2.99 18.62
N PRO B 51 36.97 -1.94 18.10
CA PRO B 51 35.76 -2.19 17.32
C PRO B 51 36.00 -3.06 16.09
N GLN B 52 37.18 -2.93 15.46
CA GLN B 52 37.47 -3.73 14.26
C GLN B 52 37.55 -5.22 14.59
N VAL B 53 38.36 -5.58 15.58
CA VAL B 53 38.56 -7.00 15.86
C VAL B 53 37.37 -7.59 16.62
N ALA B 54 36.75 -6.80 17.51
CA ALA B 54 35.59 -7.31 18.23
C ALA B 54 34.38 -7.43 17.32
N ALA B 55 34.34 -6.69 16.21
CA ALA B 55 33.27 -6.90 15.24
C ALA B 55 33.31 -8.30 14.65
N THR B 56 34.51 -8.87 14.51
CA THR B 56 34.70 -10.20 13.94
C THR B 56 34.74 -11.30 15.01
N GLY B 57 34.45 -10.97 16.26
CA GLY B 57 34.50 -11.93 17.33
C GLY B 57 35.87 -12.15 17.95
N ASP B 58 36.83 -11.27 17.69
CA ASP B 58 38.18 -11.39 18.21
C ASP B 58 38.43 -10.27 19.23
N GLY B 59 39.67 -10.20 19.72
CA GLY B 59 40.08 -9.13 20.58
C GLY B 59 40.34 -9.55 22.01
N PRO B 60 40.43 -8.57 22.91
CA PRO B 60 40.69 -8.88 24.32
C PRO B 60 39.40 -9.30 25.02
N ASP B 61 39.57 -9.93 26.19
CA ASP B 61 38.42 -10.15 27.05
C ASP B 61 37.93 -8.86 27.68
N ILE B 62 38.86 -7.99 28.08
CA ILE B 62 38.56 -6.75 28.79
C ILE B 62 39.20 -5.60 28.02
N ILE B 63 38.45 -4.51 27.84
CA ILE B 63 38.96 -3.31 27.20
C ILE B 63 38.86 -2.14 28.16
N PHE B 64 39.96 -1.40 28.30
CA PHE B 64 40.01 -0.20 29.12
C PHE B 64 40.08 1.02 28.20
N TRP B 65 39.20 1.99 28.44
CA TRP B 65 39.26 3.27 27.73
C TRP B 65 38.37 4.24 28.49
N ALA B 66 38.53 5.53 28.20
CA ALA B 66 37.57 6.49 28.74
C ALA B 66 36.17 6.12 28.25
N HIS B 67 35.17 6.46 29.07
CA HIS B 67 33.81 5.99 28.87
C HIS B 67 33.16 6.49 27.57
N ASP B 68 33.69 7.56 26.95
CA ASP B 68 33.00 8.16 25.80
C ASP B 68 32.86 7.19 24.63
N ARG B 69 33.74 6.21 24.50
CA ARG B 69 33.66 5.30 23.37
C ARG B 69 32.70 4.14 23.60
N PHE B 70 32.26 3.94 24.84
CA PHE B 70 31.62 2.66 25.15
C PHE B 70 30.19 2.57 24.65
N GLY B 71 29.46 3.69 24.61
CA GLY B 71 28.14 3.66 24.00
C GLY B 71 28.22 3.17 22.56
N GLY B 72 29.24 3.61 21.82
CA GLY B 72 29.40 3.11 20.47
C GLY B 72 29.58 1.61 20.48
N TYR B 73 30.47 1.13 21.37
CA TYR B 73 30.69 -0.31 21.47
C TYR B 73 29.40 -1.02 21.82
N ALA B 74 28.60 -0.43 22.71
CA ALA B 74 27.37 -1.11 23.10
C ALA B 74 26.41 -1.16 21.94
N GLN B 75 26.31 -0.06 21.17
CA GLN B 75 25.37 -0.03 20.07
C GLN B 75 25.74 -1.06 19.00
N SER B 76 27.03 -1.30 18.81
CA SER B 76 27.48 -2.30 17.85
C SER B 76 27.44 -3.73 18.39
N GLY B 77 26.95 -3.92 19.61
CA GLY B 77 26.88 -5.24 20.22
C GLY B 77 28.21 -5.84 20.61
N LEU B 78 29.23 -5.01 20.88
CA LEU B 78 30.56 -5.53 21.15
C LEU B 78 30.80 -5.79 22.63
N LEU B 79 29.86 -5.44 23.50
CA LEU B 79 30.04 -5.50 24.94
C LEU B 79 29.08 -6.50 25.56
N ALA B 80 29.61 -7.30 26.49
CA ALA B 80 28.75 -8.14 27.31
C ALA B 80 27.99 -7.31 28.32
N GLU B 81 26.84 -7.82 28.75
CA GLU B 81 26.17 -7.19 29.88
C GLU B 81 27.03 -7.39 31.12
N ILE B 82 27.00 -6.42 32.03
CA ILE B 82 27.66 -6.60 33.32
C ILE B 82 26.59 -6.62 34.38
N THR B 83 26.86 -7.34 35.46
CA THR B 83 25.87 -7.57 36.52
C THR B 83 26.45 -7.30 37.90
N PRO B 84 27.00 -6.10 38.15
CA PRO B 84 27.43 -5.80 39.52
C PRO B 84 26.23 -5.72 40.45
N ALA B 85 26.35 -6.36 41.61
CA ALA B 85 25.29 -6.32 42.59
C ALA B 85 25.30 -4.99 43.34
N ALA B 86 24.19 -4.71 44.01
CA ALA B 86 24.05 -3.45 44.74
C ALA B 86 25.20 -3.23 45.71
N ALA B 87 25.62 -4.29 46.41
CA ALA B 87 26.73 -4.17 47.35
C ALA B 87 28.01 -3.71 46.67
N PHE B 88 28.30 -4.25 45.48
CA PHE B 88 29.50 -3.78 44.79
C PHE B 88 29.31 -2.36 44.28
N GLN B 89 28.12 -2.05 43.72
CA GLN B 89 27.90 -0.73 43.17
C GLN B 89 28.05 0.34 44.23
N ASP B 90 27.60 0.04 45.45
CA ASP B 90 27.68 0.97 46.55
C ASP B 90 29.11 1.32 46.96
N LYS B 91 30.11 0.56 46.51
CA LYS B 91 31.50 0.88 46.82
C LYS B 91 32.08 2.00 45.96
N LEU B 92 31.41 2.35 44.86
CA LEU B 92 31.89 3.36 43.94
C LEU B 92 31.02 4.60 44.05
N TYR B 93 31.59 5.77 43.72
CA TYR B 93 30.82 7.01 43.73
C TYR B 93 29.69 6.93 42.70
N PRO B 94 28.48 7.37 43.05
CA PRO B 94 27.35 7.26 42.12
C PRO B 94 27.57 7.90 40.74
N PHE B 95 28.24 9.07 40.69
CA PHE B 95 28.38 9.72 39.38
C PHE B 95 29.24 8.89 38.42
N THR B 96 30.12 8.03 38.95
CA THR B 96 30.93 7.23 38.06
C THR B 96 30.09 6.15 37.39
N TRP B 97 29.08 5.62 38.10
CA TRP B 97 28.14 4.72 37.43
C TRP B 97 27.34 5.47 36.38
N ASP B 98 26.97 6.74 36.67
CA ASP B 98 26.23 7.52 35.66
C ASP B 98 26.99 7.54 34.33
N ALA B 99 28.32 7.72 34.40
CA ALA B 99 29.12 7.80 33.18
C ALA B 99 29.10 6.52 32.34
N VAL B 100 28.80 5.35 32.92
CA VAL B 100 28.87 4.11 32.16
C VAL B 100 27.48 3.52 31.91
N ARG B 101 26.47 4.37 31.93
CA ARG B 101 25.10 3.98 31.67
C ARG B 101 24.76 4.41 30.25
N TYR B 102 24.18 3.49 29.49
CA TYR B 102 23.82 3.73 28.10
C TYR B 102 22.49 3.07 27.83
N ASN B 103 21.51 3.86 27.37
CA ASN B 103 20.12 3.41 27.24
C ASN B 103 19.62 2.78 28.54
N GLY B 104 20.07 3.35 29.66
CA GLY B 104 19.67 2.92 30.99
C GLY B 104 20.50 1.77 31.57
N LYS B 105 21.25 1.06 30.74
CA LYS B 105 21.97 -0.13 31.18
C LYS B 105 23.41 0.20 31.54
N LEU B 106 23.89 -0.35 32.65
CA LEU B 106 25.31 -0.28 32.97
C LEU B 106 26.07 -1.15 31.98
N ILE B 107 27.00 -0.55 31.24
CA ILE B 107 27.71 -1.26 30.18
C ILE B 107 29.20 -1.44 30.44
N ALA B 108 29.74 -0.86 31.52
CA ALA B 108 31.15 -1.04 31.85
C ALA B 108 31.38 -0.70 33.33
N TYR B 109 32.56 -1.09 33.82
CA TYR B 109 32.95 -0.80 35.19
C TYR B 109 33.76 0.50 35.21
N PRO B 110 33.33 1.51 35.95
CA PRO B 110 34.13 2.73 36.02
C PRO B 110 35.33 2.55 36.95
N ILE B 111 36.46 3.09 36.54
CA ILE B 111 37.72 2.93 37.25
C ILE B 111 38.17 4.23 37.88
N ALA B 112 38.23 5.30 37.09
CA ALA B 112 38.75 6.54 37.66
C ALA B 112 38.36 7.74 36.81
N VAL B 113 38.30 8.90 37.44
CA VAL B 113 37.94 10.14 36.74
C VAL B 113 39.22 10.85 36.27
N GLU B 114 39.25 11.21 34.99
CA GLU B 114 40.36 11.90 34.36
C GLU B 114 39.92 13.28 33.87
N ALA B 115 40.68 14.31 34.25
CA ALA B 115 40.50 15.63 33.69
C ALA B 115 41.86 16.26 33.50
N LEU B 116 41.99 17.02 32.42
CA LEU B 116 43.22 17.78 32.17
C LEU B 116 43.38 18.90 33.19
N SER B 117 44.64 19.18 33.55
CA SER B 117 44.95 20.34 34.35
C SER B 117 46.10 21.09 33.71
N LEU B 118 46.32 22.32 34.22
CA LEU B 118 47.51 23.07 33.86
C LEU B 118 48.64 22.60 34.77
N ILE B 119 49.74 22.15 34.19
CA ILE B 119 50.90 21.68 34.93
C ILE B 119 51.97 22.71 34.70
N TYR B 120 52.60 23.19 35.78
CA TYR B 120 53.52 24.31 35.61
C TYR B 120 54.79 24.12 36.43
N ASN B 121 55.87 24.70 35.92
CA ASN B 121 57.19 24.62 36.57
C ASN B 121 57.27 25.78 37.58
N LYS B 122 57.23 25.43 38.88
CA LYS B 122 57.22 26.44 39.94
C LYS B 122 58.52 27.25 39.98
N ASP B 123 59.63 26.64 39.55
CA ASP B 123 60.90 27.36 39.56
C ASP B 123 60.94 28.43 38.48
N LEU B 124 60.40 28.13 37.29
CA LEU B 124 60.36 29.09 36.19
C LEU B 124 59.19 30.06 36.33
N LEU B 125 58.12 29.64 36.98
CA LEU B 125 56.84 30.33 36.91
C LEU B 125 56.13 30.16 38.24
N PRO B 126 56.58 30.89 39.26
CA PRO B 126 55.95 30.74 40.58
C PRO B 126 54.50 31.21 40.61
N ASN B 127 54.10 32.11 39.70
CA ASN B 127 52.73 32.62 39.63
C ASN B 127 52.22 32.39 38.22
N PRO B 128 51.73 31.18 37.94
CA PRO B 128 51.27 30.84 36.58
C PRO B 128 50.10 31.71 36.15
N PRO B 129 49.90 31.86 34.84
CA PRO B 129 48.85 32.76 34.34
C PRO B 129 47.45 32.25 34.62
N LYS B 130 46.56 33.18 34.95
CA LYS B 130 45.16 32.84 35.15
C LYS B 130 44.36 32.88 33.85
N THR B 131 44.88 33.53 32.81
CA THR B 131 44.19 33.68 31.54
C THR B 131 45.05 33.16 30.41
N TRP B 132 44.37 32.66 29.37
CA TRP B 132 45.03 32.35 28.13
C TRP B 132 45.60 33.60 27.49
N GLU B 133 44.90 34.73 27.65
CA GLU B 133 45.27 35.94 26.93
C GLU B 133 46.66 36.45 27.31
N GLU B 134 47.11 36.18 28.53
CA GLU B 134 48.42 36.66 28.94
C GLU B 134 49.56 35.72 28.52
N ILE B 135 49.26 34.61 27.85
CA ILE B 135 50.31 33.66 27.46
C ILE B 135 51.26 34.22 26.40
N PRO B 136 50.81 34.95 25.37
CA PRO B 136 51.80 35.45 24.38
C PRO B 136 52.90 36.29 25.00
N ALA B 137 52.55 37.23 25.88
CA ALA B 137 53.56 38.07 26.53
C ALA B 137 54.46 37.26 27.45
N LEU B 138 53.87 36.33 28.19
CA LEU B 138 54.68 35.44 29.03
C LEU B 138 55.66 34.65 28.19
N ASP B 139 55.24 34.20 27.00
CA ASP B 139 56.15 33.46 26.15
C ASP B 139 57.29 34.35 25.65
N LYS B 140 56.99 35.59 25.28
CA LYS B 140 58.06 36.53 24.91
C LYS B 140 59.11 36.64 26.02
N GLU B 141 58.66 36.85 27.26
CA GLU B 141 59.60 36.92 28.39
C GLU B 141 60.40 35.62 28.52
N LEU B 142 59.72 34.49 28.50
CA LEU B 142 60.42 33.22 28.73
C LEU B 142 61.40 32.92 27.61
N LYS B 143 61.02 33.27 26.38
CA LYS B 143 61.90 33.05 25.22
C LYS B 143 63.17 33.84 25.38
N ALA B 144 63.06 35.08 25.88
CA ALA B 144 64.28 35.85 26.16
C ALA B 144 65.11 35.21 27.27
N LYS B 145 64.49 34.42 28.15
CA LYS B 145 65.24 33.70 29.18
C LYS B 145 65.64 32.29 28.77
N GLY B 146 65.54 31.93 27.49
CA GLY B 146 65.95 30.62 27.05
C GLY B 146 64.92 29.52 27.21
N LYS B 147 63.64 29.86 27.31
CA LYS B 147 62.59 28.88 27.60
C LYS B 147 61.39 29.17 26.70
N SER B 148 60.27 28.48 26.94
CA SER B 148 59.00 28.81 26.31
C SER B 148 57.91 28.72 27.38
N ALA B 149 56.76 29.31 27.08
CA ALA B 149 55.70 29.36 28.07
C ALA B 149 54.93 28.05 28.14
N LEU B 150 54.51 27.52 27.00
CA LEU B 150 53.54 26.41 27.02
C LEU B 150 53.74 25.47 25.84
N MET B 151 53.73 24.16 26.13
CA MET B 151 53.76 23.15 25.09
C MET B 151 52.85 22.01 25.51
N PHE B 152 51.94 21.63 24.62
CA PHE B 152 51.03 20.53 24.88
C PHE B 152 50.64 19.90 23.56
N ASN B 153 50.06 18.69 23.65
CA ASN B 153 49.79 17.86 22.48
C ASN B 153 48.77 18.52 21.57
N LEU B 154 49.18 18.88 20.34
CA LEU B 154 48.29 19.49 19.37
C LEU B 154 47.75 18.49 18.34
N GLN B 155 48.07 17.20 18.47
CA GLN B 155 47.57 16.21 17.52
C GLN B 155 46.30 15.51 17.97
N GLU B 156 45.95 15.59 19.25
CA GLU B 156 44.71 15.00 19.76
C GLU B 156 43.79 16.11 20.22
N PRO B 157 42.57 16.21 19.70
CA PRO B 157 41.72 17.33 20.06
C PRO B 157 41.34 17.36 21.53
N TYR B 158 41.49 16.23 22.25
CA TYR B 158 41.24 16.21 23.69
C TYR B 158 41.93 17.37 24.41
N PHE B 159 43.15 17.71 24.00
CA PHE B 159 43.97 18.70 24.71
C PHE B 159 43.61 20.14 24.37
N THR B 160 43.07 20.37 23.17
CA THR B 160 42.60 21.70 22.77
C THR B 160 41.13 21.93 23.10
N TRP B 161 40.35 20.88 23.30
CA TRP B 161 38.94 21.06 23.62
C TRP B 161 38.66 22.01 24.79
N PRO B 162 39.43 22.03 25.90
CA PRO B 162 39.05 22.93 27.00
C PRO B 162 38.98 24.38 26.55
N LEU B 163 39.88 24.76 25.65
CA LEU B 163 39.91 26.11 25.12
C LEU B 163 38.79 26.35 24.12
N ILE B 164 38.51 25.38 23.25
CA ILE B 164 37.39 25.50 22.31
C ILE B 164 36.07 25.64 23.06
N ALA B 165 35.92 24.90 24.15
CA ALA B 165 34.68 24.92 24.90
C ALA B 165 34.55 26.13 25.82
N ALA B 166 35.66 26.80 26.16
CA ALA B 166 35.61 27.88 27.13
C ALA B 166 34.55 28.93 26.82
N ASP B 167 34.51 29.42 25.57
CA ASP B 167 33.62 30.52 25.21
C ASP B 167 32.34 30.05 24.55
N GLY B 168 32.09 28.73 24.53
CA GLY B 168 30.79 28.27 24.09
C GLY B 168 30.77 27.10 23.14
N GLY B 169 31.93 26.61 22.69
CA GLY B 169 31.93 25.40 21.88
C GLY B 169 31.34 24.24 22.67
N TYR B 170 30.66 23.34 21.95
CA TYR B 170 30.14 22.13 22.59
C TYR B 170 30.04 21.01 21.56
N ALA B 171 30.02 19.78 22.05
CA ALA B 171 29.86 18.63 21.17
C ALA B 171 28.40 18.48 20.74
N PHE B 172 27.58 17.85 21.59
CA PHE B 172 26.16 17.66 21.31
C PHE B 172 25.36 18.36 22.39
N LYS B 173 24.32 19.09 21.97
CA LYS B 173 23.48 19.76 22.95
C LYS B 173 22.65 18.71 23.68
N TYR B 174 22.45 18.92 24.98
CA TYR B 174 21.58 18.07 25.78
C TYR B 174 20.28 18.81 26.07
N ALA B 175 19.16 18.19 25.72
CA ALA B 175 17.86 18.81 25.91
C ALA B 175 16.80 17.71 25.95
N ALA B 176 15.75 17.97 26.71
CA ALA B 176 14.56 17.10 26.73
C ALA B 176 14.97 15.65 27.04
N GLY B 177 15.89 15.51 27.99
CA GLY B 177 16.29 14.21 28.46
C GLY B 177 17.21 13.44 27.54
N LYS B 178 17.82 14.07 26.53
CA LYS B 178 18.73 13.31 25.67
C LYS B 178 19.69 14.25 24.95
N TYR B 179 20.74 13.67 24.39
CA TYR B 179 21.63 14.40 23.49
C TYR B 179 21.02 14.47 22.10
N ASP B 180 20.97 15.68 21.55
CA ASP B 180 20.43 15.91 20.23
C ASP B 180 21.56 15.77 19.22
N ILE B 181 21.54 14.69 18.44
CA ILE B 181 22.67 14.36 17.59
C ILE B 181 22.71 15.27 16.37
N LYS B 182 21.72 16.14 16.23
CA LYS B 182 21.73 17.11 15.14
C LYS B 182 22.03 18.53 15.62
N ASP B 183 22.27 18.73 16.92
CA ASP B 183 22.61 20.05 17.45
C ASP B 183 24.05 20.00 17.95
N VAL B 184 24.98 20.38 17.08
CA VAL B 184 26.41 20.30 17.33
C VAL B 184 26.97 21.71 17.46
N GLY B 185 27.96 21.89 18.34
CA GLY B 185 28.43 23.22 18.66
C GLY B 185 29.87 23.42 18.26
N VAL B 186 30.27 22.81 17.14
CA VAL B 186 31.66 22.82 16.73
C VAL B 186 32.03 24.04 15.88
N ASP B 187 31.06 24.70 15.24
CA ASP B 187 31.38 25.90 14.46
C ASP B 187 30.64 27.14 14.96
N ASN B 188 30.22 27.16 16.23
CA ASN B 188 29.61 28.38 16.74
C ASN B 188 30.68 29.42 17.05
N ALA B 189 30.26 30.60 17.51
CA ALA B 189 31.20 31.71 17.70
C ALA B 189 32.22 31.39 18.78
N GLY B 190 31.81 30.67 19.83
CA GLY B 190 32.73 30.33 20.91
C GLY B 190 33.80 29.35 20.47
N ALA B 191 33.40 28.29 19.74
CA ALA B 191 34.39 27.35 19.23
C ALA B 191 35.39 28.05 18.32
N LYS B 192 34.89 28.95 17.46
CA LYS B 192 35.78 29.70 16.57
C LYS B 192 36.72 30.59 17.36
N ALA B 193 36.23 31.27 18.40
CA ALA B 193 37.09 32.15 19.18
C ALA B 193 38.21 31.38 19.86
N GLY B 194 37.88 30.21 20.43
CA GLY B 194 38.91 29.41 21.06
C GLY B 194 39.95 28.89 20.08
N LEU B 195 39.48 28.32 18.95
CA LEU B 195 40.43 27.78 18.00
C LEU B 195 41.24 28.87 17.31
N THR B 196 40.64 30.05 17.09
CA THR B 196 41.40 31.18 16.56
C THR B 196 42.48 31.62 17.53
N PHE B 197 42.20 31.57 18.83
CA PHE B 197 43.26 31.91 19.79
C PHE B 197 44.41 30.91 19.72
N LEU B 198 44.10 29.62 19.59
CA LEU B 198 45.17 28.62 19.45
C LEU B 198 45.98 28.84 18.17
N VAL B 199 45.28 29.05 17.05
CA VAL B 199 45.94 29.27 15.77
C VAL B 199 46.83 30.51 15.82
N ASP B 200 46.36 31.56 16.50
CA ASP B 200 47.17 32.76 16.64
C ASP B 200 48.42 32.49 17.49
N LEU B 201 48.27 31.71 18.56
CA LEU B 201 49.47 31.29 19.30
C LEU B 201 50.50 30.68 18.36
N ILE B 202 50.04 29.82 17.46
CA ILE B 202 50.96 29.14 16.54
C ILE B 202 51.53 30.12 15.51
N LYS B 203 50.68 30.97 14.94
CA LYS B 203 51.13 31.94 13.94
C LYS B 203 52.19 32.87 14.53
N ASN B 204 52.07 33.21 15.81
CA ASN B 204 53.01 34.08 16.48
C ASN B 204 54.16 33.32 17.11
N LYS B 205 54.31 32.03 16.78
CA LYS B 205 55.43 31.18 17.18
C LYS B 205 55.51 30.97 18.69
N HIS B 206 54.40 31.17 19.40
CA HIS B 206 54.37 30.76 20.81
C HIS B 206 54.15 29.27 20.94
N MET B 207 53.65 28.61 19.89
CA MET B 207 53.52 27.16 19.82
C MET B 207 53.78 26.71 18.39
N ASN B 208 54.05 25.42 18.24
CA ASN B 208 54.43 24.79 16.98
C ASN B 208 53.38 23.75 16.63
N ALA B 209 52.80 23.85 15.44
CA ALA B 209 51.70 22.96 15.07
C ALA B 209 52.09 21.48 15.09
N ASP B 210 53.39 21.17 15.07
CA ASP B 210 53.85 19.79 15.04
C ASP B 210 53.91 19.14 16.42
N THR B 211 53.85 19.93 17.50
CA THR B 211 53.98 19.38 18.85
C THR B 211 52.95 18.28 19.09
N ASP B 212 53.42 17.13 19.53
CA ASP B 212 52.59 15.99 19.86
C ASP B 212 52.80 15.65 21.34
N TYR B 213 52.33 14.47 21.74
CA TYR B 213 52.39 14.11 23.15
C TYR B 213 53.84 13.97 23.62
N SER B 214 54.66 13.27 22.84
CA SER B 214 56.03 13.02 23.27
C SER B 214 56.85 14.30 23.31
N ILE B 215 56.67 15.17 22.32
CA ILE B 215 57.47 16.39 22.26
C ILE B 215 57.14 17.29 23.44
N ALA B 216 55.85 17.51 23.70
CA ALA B 216 55.47 18.36 24.80
C ALA B 216 55.90 17.77 26.14
N GLU B 217 55.76 16.45 26.30
CA GLU B 217 56.20 15.83 27.54
C GLU B 217 57.71 15.99 27.73
N ALA B 218 58.48 15.77 26.67
CA ALA B 218 59.93 15.92 26.77
C ALA B 218 60.30 17.35 27.13
N ALA B 219 59.64 18.31 26.50
CA ALA B 219 59.99 19.70 26.76
C ALA B 219 59.68 20.09 28.20
N PHE B 220 58.52 19.68 28.73
CA PHE B 220 58.23 20.03 30.11
C PHE B 220 59.17 19.30 31.07
N ASN B 221 59.37 18.00 30.85
CA ASN B 221 60.13 17.24 31.81
C ASN B 221 61.63 17.50 31.73
N LYS B 222 62.09 18.13 30.65
CA LYS B 222 63.49 18.60 30.55
C LYS B 222 63.64 20.07 30.91
N GLY B 223 62.59 20.70 31.45
CA GLY B 223 62.69 22.06 31.94
C GLY B 223 62.76 23.15 30.89
N GLU B 224 62.37 22.85 29.66
CA GLU B 224 62.46 23.79 28.55
C GLU B 224 61.23 24.66 28.39
N THR B 225 60.06 24.18 28.84
CA THR B 225 58.82 24.92 28.77
C THR B 225 58.23 25.03 30.16
N ALA B 226 57.60 26.18 30.45
CA ALA B 226 57.16 26.43 31.81
C ALA B 226 55.83 25.77 32.14
N MET B 227 55.08 25.38 31.12
CA MET B 227 53.73 24.84 31.33
C MET B 227 53.42 23.74 30.32
N THR B 228 52.57 22.82 30.75
CA THR B 228 52.01 21.87 29.82
C THR B 228 50.56 21.63 30.24
N ILE B 229 49.82 20.94 29.41
CA ILE B 229 48.44 20.58 29.74
C ILE B 229 48.34 19.07 29.67
N ASN B 230 48.02 18.42 30.79
CA ASN B 230 48.01 16.96 30.74
C ASN B 230 47.15 16.40 31.87
N GLY B 231 47.01 15.07 31.87
CA GLY B 231 46.23 14.37 32.86
C GLY B 231 47.08 13.69 33.91
N PRO B 232 46.41 13.07 34.88
CA PRO B 232 47.13 12.52 36.04
C PRO B 232 48.16 11.46 35.67
N TRP B 233 47.93 10.72 34.59
CA TRP B 233 48.84 9.67 34.18
C TRP B 233 50.24 10.21 33.93
N ALA B 234 50.34 11.49 33.54
CA ALA B 234 51.64 12.07 33.19
C ALA B 234 52.48 12.38 34.42
N TRP B 235 51.87 12.49 35.61
CA TRP B 235 52.64 12.97 36.76
C TRP B 235 53.84 12.08 37.05
N SER B 236 53.69 10.78 36.84
CA SER B 236 54.75 9.84 37.17
C SER B 236 56.04 10.20 36.44
N ASN B 237 55.94 10.48 35.13
CA ASN B 237 57.18 10.82 34.42
C ASN B 237 57.75 12.14 34.93
N ILE B 238 56.88 13.10 35.30
CA ILE B 238 57.38 14.35 35.86
C ILE B 238 58.08 14.11 37.18
N ASP B 239 57.52 13.21 38.01
CA ASP B 239 58.21 12.89 39.27
C ASP B 239 59.62 12.40 38.98
N THR B 240 59.78 11.57 37.93
CA THR B 240 61.09 11.02 37.64
C THR B 240 62.05 12.11 37.19
N SER B 241 61.54 13.16 36.54
CA SER B 241 62.39 14.21 36.01
C SER B 241 62.96 15.12 37.09
N ALA B 242 62.35 15.12 38.28
CA ALA B 242 62.68 15.99 39.41
C ALA B 242 62.39 17.46 39.14
N VAL B 243 61.75 17.79 38.01
CA VAL B 243 61.26 19.15 37.80
C VAL B 243 60.27 19.52 38.91
N ASN B 244 60.41 20.73 39.44
CA ASN B 244 59.57 21.20 40.54
C ASN B 244 58.25 21.71 39.95
N TYR B 245 57.19 20.90 40.00
CA TYR B 245 55.96 21.25 39.31
C TYR B 245 54.76 21.36 40.25
N GLY B 246 53.75 22.08 39.76
CA GLY B 246 52.47 22.16 40.43
C GLY B 246 51.36 21.86 39.44
N VAL B 247 50.18 21.57 39.98
CA VAL B 247 49.01 21.21 39.16
C VAL B 247 47.87 22.13 39.56
N THR B 248 47.27 22.83 38.59
CA THR B 248 46.34 23.89 38.96
C THR B 248 45.25 24.03 37.90
N VAL B 249 44.37 25.02 38.15
CA VAL B 249 43.22 25.26 37.30
C VAL B 249 43.69 25.75 35.94
N LEU B 250 43.04 25.26 34.87
CA LEU B 250 43.38 25.74 33.55
C LEU B 250 43.15 27.24 33.45
N PRO B 251 43.87 27.93 32.57
CA PRO B 251 43.63 29.37 32.37
C PRO B 251 42.24 29.61 31.82
N THR B 252 41.68 30.78 32.13
CA THR B 252 40.41 31.18 31.53
C THR B 252 40.64 31.74 30.13
N PHE B 253 39.55 31.80 29.36
CA PHE B 253 39.55 32.41 28.04
C PHE B 253 38.31 33.30 27.95
N LYS B 254 38.52 34.57 27.59
CA LYS B 254 37.46 35.57 27.58
C LYS B 254 36.72 35.57 28.91
N GLY B 255 37.48 35.44 29.99
CA GLY B 255 36.95 35.46 31.33
C GLY B 255 36.20 34.22 31.77
N GLN B 256 36.07 33.21 30.90
CA GLN B 256 35.33 31.98 31.21
C GLN B 256 36.29 30.84 31.52
N PRO B 257 35.94 29.93 32.42
CA PRO B 257 36.80 28.76 32.66
C PRO B 257 36.97 27.93 31.40
N SER B 258 38.19 27.42 31.19
CA SER B 258 38.37 26.36 30.23
C SER B 258 37.58 25.15 30.71
N LYS B 259 36.99 24.42 29.77
CA LYS B 259 36.04 23.35 30.08
C LYS B 259 36.53 22.04 29.49
N PRO B 260 37.40 21.31 30.19
CA PRO B 260 37.90 20.04 29.65
C PRO B 260 36.77 19.03 29.54
N PHE B 261 36.82 18.20 28.50
CA PHE B 261 35.91 17.06 28.41
C PHE B 261 36.41 15.99 29.37
N VAL B 262 35.59 15.64 30.36
CA VAL B 262 36.00 14.78 31.48
C VAL B 262 35.78 13.32 31.07
N GLY B 263 36.78 12.48 31.29
CA GLY B 263 36.68 11.07 30.96
C GLY B 263 36.65 10.23 32.22
N VAL B 264 35.92 9.13 32.18
CA VAL B 264 35.96 8.16 33.26
C VAL B 264 36.58 6.92 32.65
N LEU B 265 37.84 6.67 32.98
CA LEU B 265 38.47 5.41 32.59
C LEU B 265 37.60 4.26 33.08
N SER B 266 37.27 3.35 32.15
CA SER B 266 36.27 2.30 32.33
C SER B 266 36.77 1.00 31.70
N ALA B 267 36.25 -0.12 32.22
CA ALA B 267 36.59 -1.45 31.72
C ALA B 267 35.32 -2.17 31.28
N GLY B 268 35.28 -2.53 30.01
CA GLY B 268 34.17 -3.29 29.43
C GLY B 268 34.59 -4.71 29.14
N ILE B 269 33.63 -5.63 29.06
CA ILE B 269 33.90 -7.02 28.75
C ILE B 269 33.43 -7.29 27.33
N ASN B 270 34.31 -7.90 26.53
CA ASN B 270 34.00 -8.19 25.13
C ASN B 270 32.82 -9.15 25.06
N ALA B 271 31.85 -8.84 24.18
CA ALA B 271 30.70 -9.73 24.04
C ALA B 271 31.08 -11.09 23.48
N ALA B 272 32.21 -11.19 22.79
CA ALA B 272 32.69 -12.46 22.24
C ALA B 272 33.59 -13.23 23.20
N SER B 273 33.81 -12.73 24.41
CA SER B 273 34.70 -13.42 25.34
C SER B 273 34.02 -14.66 25.89
N PRO B 274 34.69 -15.83 25.90
CA PRO B 274 34.16 -16.98 26.65
C PRO B 274 34.53 -16.96 28.12
N ASN B 275 35.07 -15.84 28.61
CA ASN B 275 35.60 -15.70 29.96
C ASN B 275 34.88 -14.61 30.75
N LYS B 276 33.59 -14.43 30.52
CA LYS B 276 32.91 -13.29 31.11
C LYS B 276 32.86 -13.40 32.63
N GLU B 277 32.69 -14.62 33.15
CA GLU B 277 32.63 -14.78 34.60
C GLU B 277 34.00 -14.51 35.23
N LEU B 278 35.07 -15.01 34.61
CA LEU B 278 36.42 -14.69 35.07
C LEU B 278 36.69 -13.19 35.01
N ALA B 279 36.24 -12.53 33.95
CA ALA B 279 36.47 -11.09 33.84
C ALA B 279 35.75 -10.35 34.95
N LYS B 280 34.50 -10.73 35.25
CA LYS B 280 33.79 -10.11 36.34
C LYS B 280 34.52 -10.31 37.67
N GLU B 281 34.99 -11.53 37.92
CA GLU B 281 35.71 -11.80 39.15
C GLU B 281 36.96 -10.94 39.27
N PHE B 282 37.72 -10.84 38.18
CA PHE B 282 38.93 -10.03 38.16
C PHE B 282 38.61 -8.56 38.40
N LEU B 283 37.62 -8.02 37.68
CA LEU B 283 37.32 -6.59 37.78
C LEU B 283 36.77 -6.24 39.16
N GLU B 284 35.78 -6.98 39.65
CA GLU B 284 35.13 -6.60 40.89
C GLU B 284 35.96 -6.95 42.12
N ASN B 285 36.64 -8.11 42.12
CA ASN B 285 37.25 -8.58 43.36
C ASN B 285 38.76 -8.49 43.38
N TYR B 286 39.40 -8.12 42.27
CA TYR B 286 40.84 -7.91 42.25
C TYR B 286 41.22 -6.49 41.88
N LEU B 287 40.72 -5.97 40.76
CA LEU B 287 41.14 -4.63 40.34
C LEU B 287 40.46 -3.54 41.16
N LEU B 288 39.13 -3.56 41.23
CA LEU B 288 38.40 -2.48 41.90
C LEU B 288 38.38 -2.70 43.42
N THR B 289 39.58 -2.77 43.98
CA THR B 289 39.81 -2.89 45.41
C THR B 289 40.89 -1.89 45.80
N ASP B 290 41.03 -1.66 47.10
CA ASP B 290 42.11 -0.80 47.57
C ASP B 290 43.45 -1.26 47.01
N GLU B 291 43.75 -2.55 47.15
CA GLU B 291 45.04 -3.08 46.73
C GLU B 291 45.22 -3.03 45.21
N GLY B 292 44.18 -3.38 44.45
CA GLY B 292 44.32 -3.38 42.99
C GLY B 292 44.52 -1.99 42.42
N LEU B 293 43.67 -1.05 42.83
CA LEU B 293 43.82 0.31 42.35
C LEU B 293 45.12 0.93 42.83
N GLU B 294 45.53 0.62 44.06
CA GLU B 294 46.80 1.16 44.52
C GLU B 294 47.96 0.69 43.64
N ALA B 295 47.95 -0.59 43.24
CA ALA B 295 49.03 -1.09 42.39
C ALA B 295 49.05 -0.38 41.04
N VAL B 296 47.88 -0.19 40.43
CA VAL B 296 47.84 0.53 39.15
C VAL B 296 48.28 1.99 39.35
N ASN B 297 47.74 2.64 40.38
CA ASN B 297 47.99 4.05 40.65
C ASN B 297 49.46 4.30 40.94
N LYS B 298 50.12 3.37 41.62
CA LYS B 298 51.56 3.49 41.84
C LYS B 298 52.33 3.39 40.55
N ASP B 299 51.84 2.61 39.58
CA ASP B 299 52.50 2.63 38.28
C ASP B 299 52.33 4.00 37.61
N LYS B 300 51.10 4.34 37.24
CA LYS B 300 50.79 5.65 36.66
C LYS B 300 49.52 6.14 37.36
N PRO B 301 49.50 7.35 37.91
CA PRO B 301 48.32 7.80 38.66
C PRO B 301 47.04 7.75 37.82
N LEU B 302 45.98 7.22 38.43
CA LEU B 302 44.71 7.05 37.71
C LEU B 302 43.88 8.31 37.65
N GLY B 303 44.12 9.26 38.55
CA GLY B 303 43.20 10.36 38.75
C GLY B 303 42.35 10.14 39.99
N ALA B 304 41.11 10.61 39.98
CA ALA B 304 40.21 10.47 41.12
C ALA B 304 39.49 9.13 40.99
N VAL B 305 39.94 8.13 41.77
CA VAL B 305 39.47 6.77 41.52
C VAL B 305 38.00 6.65 41.92
N ALA B 306 37.31 5.71 41.27
CA ALA B 306 35.89 5.51 41.51
C ALA B 306 35.61 4.88 42.87
N LEU B 307 36.58 4.16 43.43
CA LEU B 307 36.41 3.48 44.72
C LEU B 307 36.48 4.47 45.88
N LYS B 308 35.40 4.57 46.64
CA LYS B 308 35.29 5.60 47.67
C LYS B 308 36.38 5.49 48.73
N SER B 309 36.69 4.26 49.16
CA SER B 309 37.63 4.09 50.27
C SER B 309 39.01 4.64 49.95
N TYR B 310 39.52 4.36 48.75
CA TYR B 310 40.84 4.84 48.35
C TYR B 310 40.81 6.34 48.01
N GLU B 311 39.74 6.78 47.34
CA GLU B 311 39.67 8.18 46.91
C GLU B 311 39.57 9.13 48.10
N GLU B 312 38.98 8.69 49.22
CA GLU B 312 38.95 9.56 50.40
C GLU B 312 40.33 10.10 50.75
N GLU B 313 41.37 9.28 50.60
CA GLU B 313 42.72 9.77 50.84
C GLU B 313 43.33 10.42 49.60
N LEU B 314 43.11 9.85 48.42
CA LEU B 314 43.69 10.45 47.22
C LEU B 314 43.23 11.90 47.02
N ALA B 315 42.00 12.22 47.40
CA ALA B 315 41.46 13.57 47.22
C ALA B 315 42.10 14.60 48.13
N LYS B 316 42.87 14.18 49.14
CA LYS B 316 43.65 15.14 49.93
C LYS B 316 44.87 15.65 49.17
N ASP B 317 45.25 14.99 48.09
CA ASP B 317 46.39 15.40 47.26
C ASP B 317 45.99 16.64 46.48
N PRO B 318 46.70 17.76 46.61
CA PRO B 318 46.34 18.97 45.86
C PRO B 318 46.25 18.76 44.35
N ARG B 319 47.06 17.84 43.81
CA ARG B 319 47.00 17.57 42.38
C ARG B 319 45.67 16.94 41.99
N ILE B 320 45.14 16.08 42.86
CA ILE B 320 43.85 15.44 42.62
C ILE B 320 42.72 16.42 42.83
N ALA B 321 42.82 17.24 43.88
CA ALA B 321 41.85 18.31 44.08
C ALA B 321 41.77 19.22 42.87
N ALA B 322 42.92 19.55 42.26
CA ALA B 322 42.91 20.39 41.07
C ALA B 322 42.29 19.66 39.89
N THR B 323 42.62 18.37 39.74
CA THR B 323 41.98 17.56 38.71
C THR B 323 40.45 17.67 38.81
N MET B 324 39.93 17.49 40.01
CA MET B 324 38.49 17.53 40.21
C MET B 324 37.91 18.94 40.06
N GLU B 325 38.67 19.99 40.43
CA GLU B 325 38.20 21.35 40.19
C GLU B 325 38.08 21.66 38.69
N ASN B 326 39.07 21.26 37.91
CA ASN B 326 38.97 21.36 36.46
C ASN B 326 37.84 20.51 35.92
N ALA B 327 37.64 19.29 36.46
CA ALA B 327 36.56 18.45 35.98
C ALA B 327 35.21 19.09 36.24
N GLN B 328 35.06 19.72 37.40
CA GLN B 328 33.77 20.33 37.76
C GLN B 328 33.47 21.51 36.86
N LYS B 329 34.52 22.20 36.38
CA LYS B 329 34.29 23.25 35.39
C LYS B 329 34.03 22.73 34.00
N GLY B 330 34.45 21.51 33.71
CA GLY B 330 34.25 20.91 32.41
C GLY B 330 32.95 20.14 32.34
N GLU B 331 32.92 19.19 31.42
CA GLU B 331 31.72 18.43 31.08
C GLU B 331 32.09 16.96 30.97
N ILE B 332 31.31 16.10 31.64
CA ILE B 332 31.41 14.66 31.41
C ILE B 332 31.12 14.39 29.94
N MET B 333 32.03 13.70 29.26
CA MET B 333 31.82 13.41 27.85
C MET B 333 30.52 12.64 27.65
N PRO B 334 29.78 12.90 26.58
CA PRO B 334 28.72 11.97 26.18
C PRO B 334 29.34 10.62 25.87
N ASN B 335 28.56 9.56 26.03
CA ASN B 335 29.00 8.24 25.61
C ASN B 335 28.22 7.74 24.39
N ILE B 336 27.51 8.62 23.70
CA ILE B 336 26.67 8.20 22.58
C ILE B 336 27.53 7.74 21.42
N PRO B 337 27.01 6.88 20.53
CA PRO B 337 27.85 6.33 19.46
C PRO B 337 28.41 7.38 18.52
N GLN B 338 27.80 8.56 18.44
CA GLN B 338 28.26 9.60 17.53
C GLN B 338 29.55 10.28 18.00
N MET B 339 30.00 9.99 19.23
CA MET B 339 31.22 10.63 19.74
C MET B 339 32.44 10.30 18.90
N SER B 340 32.57 9.05 18.45
CA SER B 340 33.67 8.70 17.57
C SER B 340 33.73 9.67 16.38
N ALA B 341 32.60 9.86 15.70
CA ALA B 341 32.66 10.70 14.51
C ALA B 341 32.93 12.14 14.90
N PHE B 342 32.46 12.55 16.08
CA PHE B 342 32.76 13.90 16.54
C PHE B 342 34.27 14.06 16.73
N TRP B 343 34.91 13.10 17.41
CA TRP B 343 36.33 13.29 17.72
C TRP B 343 37.16 13.33 16.46
N TYR B 344 36.99 12.33 15.59
CA TYR B 344 37.66 12.34 14.29
C TYR B 344 37.51 13.70 13.63
N ALA B 345 36.27 14.21 13.57
CA ALA B 345 36.04 15.47 12.87
C ALA B 345 36.84 16.58 13.51
N VAL B 346 36.71 16.73 14.83
CA VAL B 346 37.40 17.85 15.48
C VAL B 346 38.90 17.67 15.35
N ARG B 347 39.38 16.42 15.40
CA ARG B 347 40.81 16.21 15.23
C ARG B 347 41.27 16.83 13.91
N THR B 348 40.58 16.46 12.82
CA THR B 348 40.94 17.02 11.51
C THR B 348 40.97 18.53 11.58
N ALA B 349 39.89 19.12 12.11
CA ALA B 349 39.79 20.57 12.09
C ALA B 349 40.99 21.19 12.79
N VAL B 350 41.29 20.71 14.00
CA VAL B 350 42.37 21.34 14.76
C VAL B 350 43.65 21.22 13.97
N ILE B 351 43.96 20.01 13.49
CA ILE B 351 45.22 19.80 12.79
C ILE B 351 45.29 20.73 11.58
N ASN B 352 44.19 20.81 10.83
CA ASN B 352 44.25 21.60 9.60
C ASN B 352 44.36 23.08 9.93
N ALA B 353 43.57 23.54 10.92
CA ALA B 353 43.65 24.94 11.29
C ALA B 353 45.03 25.23 11.84
N ALA B 354 45.63 24.26 12.51
CA ALA B 354 46.95 24.52 13.09
C ALA B 354 48.00 24.61 12.01
N SER B 355 47.81 23.86 10.92
CA SER B 355 48.85 23.77 9.90
C SER B 355 48.71 24.82 8.81
N GLY B 356 47.58 25.51 8.77
CA GLY B 356 47.28 26.42 7.68
C GLY B 356 46.58 25.79 6.50
N ARG B 357 46.44 24.46 6.47
CA ARG B 357 45.75 23.82 5.35
C ARG B 357 44.34 24.38 5.16
N GLN B 358 43.68 24.75 6.25
CA GLN B 358 42.37 25.40 6.19
C GLN B 358 42.37 26.59 7.14
N THR B 359 41.49 27.55 6.85
CA THR B 359 41.17 28.58 7.81
C THR B 359 40.40 27.96 8.98
N VAL B 360 40.37 28.69 10.10
CA VAL B 360 39.58 28.25 11.25
C VAL B 360 38.11 28.08 10.84
N ASP B 361 37.56 29.07 10.14
CA ASP B 361 36.16 29.00 9.74
C ASP B 361 35.87 27.77 8.88
N ALA B 362 36.71 27.51 7.87
CA ALA B 362 36.45 26.37 6.99
C ALA B 362 36.66 25.05 7.73
N ALA B 363 37.72 24.97 8.53
CA ALA B 363 37.99 23.75 9.30
C ALA B 363 36.79 23.41 10.19
N LEU B 364 36.26 24.39 10.91
CA LEU B 364 35.15 24.10 11.81
C LEU B 364 33.84 23.90 11.06
N ALA B 365 33.65 24.53 9.91
CA ALA B 365 32.45 24.24 9.13
C ALA B 365 32.43 22.78 8.68
N ALA B 366 33.57 22.30 8.17
CA ALA B 366 33.67 20.90 7.76
C ALA B 366 33.48 19.96 8.95
N ALA B 367 34.12 20.26 10.08
CA ALA B 367 33.96 19.41 11.25
C ALA B 367 32.51 19.39 11.74
N GLN B 368 31.82 20.53 11.65
CA GLN B 368 30.41 20.58 12.05
C GLN B 368 29.56 19.67 11.17
N THR B 369 29.74 19.74 9.86
CA THR B 369 28.93 18.87 8.98
C THR B 369 29.26 17.40 9.23
N ASN B 370 30.53 17.09 9.51
CA ASN B 370 30.90 15.70 9.75
C ASN B 370 30.37 15.17 11.07
N ALA B 371 30.50 15.95 12.15
CA ALA B 371 30.07 15.51 13.47
C ALA B 371 28.55 15.41 13.58
N ALA B 372 27.81 16.29 12.90
CA ALA B 372 26.35 16.24 12.91
C ALA B 372 25.79 15.33 11.82
N ALA B 373 26.64 14.70 11.02
CA ALA B 373 26.22 13.78 9.95
C ALA B 373 25.15 14.40 9.06
N LEU B 374 25.39 15.64 8.65
CA LEU B 374 24.39 16.38 7.88
C LEU B 374 24.25 15.86 6.46
N ASP B 375 25.15 14.99 5.99
CA ASP B 375 24.95 14.34 4.71
C ASP B 375 23.63 13.57 4.69
N HIS B 376 23.26 12.96 5.82
CA HIS B 376 22.01 12.21 5.89
C HIS B 376 20.80 13.12 5.71
N CYS B 377 20.79 14.27 6.39
CA CYS B 377 19.68 15.20 6.22
C CYS B 377 19.66 15.78 4.80
N ALA B 378 20.83 16.07 4.21
CA ALA B 378 20.87 16.53 2.83
C ALA B 378 20.28 15.50 1.88
N ASN B 379 20.58 14.21 2.11
CA ASN B 379 19.99 13.14 1.31
C ASN B 379 18.48 13.06 1.51
N THR B 380 18.01 13.22 2.75
CA THR B 380 16.57 13.23 2.99
C THR B 380 15.90 14.36 2.19
N VAL B 381 16.52 15.55 2.20
CA VAL B 381 15.96 16.70 1.50
C VAL B 381 15.94 16.45 -0.01
N LYS B 382 17.05 15.94 -0.54
CA LYS B 382 17.14 15.72 -1.98
C LYS B 382 16.17 14.65 -2.45
N ASN B 383 16.09 13.53 -1.73
CA ASN B 383 15.11 12.50 -2.08
C ASN B 383 13.70 13.08 -2.06
N PHE B 384 13.39 13.89 -1.05
CA PHE B 384 12.07 14.51 -0.96
C PHE B 384 11.78 15.43 -2.15
N LEU B 385 12.74 16.28 -2.50
CA LEU B 385 12.50 17.23 -3.58
C LEU B 385 12.41 16.54 -4.94
N ARG B 386 13.19 15.48 -5.14
CA ARG B 386 13.02 14.66 -6.34
C ARG B 386 11.61 14.10 -6.42
N LYS B 387 11.14 13.52 -5.31
CA LYS B 387 9.78 12.97 -5.28
C LYS B 387 8.74 14.05 -5.55
N SER B 388 8.98 15.28 -5.07
CA SER B 388 8.05 16.39 -5.28
C SER B 388 7.95 16.77 -6.76
N ILE B 389 9.11 16.88 -7.42
CA ILE B 389 9.12 17.12 -8.87
C ILE B 389 8.30 16.06 -9.60
N ALA B 390 8.56 14.79 -9.26
CA ALA B 390 7.84 13.70 -9.94
C ALA B 390 6.33 13.82 -9.73
N ALA B 391 5.91 14.14 -8.50
CA ALA B 391 4.49 14.33 -8.23
C ALA B 391 3.90 15.44 -9.09
N GLN B 392 4.68 16.49 -9.37
CA GLN B 392 4.18 17.54 -10.26
C GLN B 392 3.90 17.00 -11.66
N SER B 393 4.86 16.28 -12.23
CA SER B 393 4.68 15.73 -13.58
C SER B 393 3.45 14.82 -13.65
N TYR B 394 3.29 13.93 -12.67
CA TYR B 394 2.17 13.00 -12.70
C TYR B 394 0.84 13.72 -12.46
N SER B 395 0.82 14.75 -11.62
CA SER B 395 -0.40 15.53 -11.45
C SER B 395 -0.82 16.16 -12.77
N LYS B 396 0.13 16.78 -13.48
CA LYS B 396 -0.23 17.35 -14.78
C LYS B 396 -0.89 16.30 -15.66
N MET B 397 -0.26 15.11 -15.75
CA MET B 397 -0.82 14.08 -16.62
C MET B 397 -2.23 13.66 -16.18
N PHE B 398 -2.36 13.25 -14.92
CA PHE B 398 -3.62 12.65 -14.47
C PHE B 398 -4.75 13.68 -14.33
N SER B 399 -4.44 14.96 -14.15
CA SER B 399 -5.50 15.95 -13.94
C SER B 399 -5.80 16.77 -15.19
N GLN B 400 -4.96 16.72 -16.22
CA GLN B 400 -5.24 17.46 -17.44
C GLN B 400 -5.45 16.59 -18.67
N GLY B 401 -5.04 15.32 -18.63
CA GLY B 401 -5.25 14.45 -19.77
C GLY B 401 -6.71 14.07 -19.90
N THR B 402 -7.36 14.45 -21.01
CA THR B 402 -8.79 14.16 -21.16
C THR B 402 -9.06 12.66 -21.21
N SER B 403 -8.10 11.89 -21.74
CA SER B 403 -8.26 10.44 -21.82
C SER B 403 -8.58 9.84 -20.47
N PHE B 404 -7.94 10.32 -19.40
CA PHE B 404 -8.20 9.76 -18.08
C PHE B 404 -9.61 10.09 -17.59
N LYS B 405 -10.14 11.25 -18.00
CA LYS B 405 -11.53 11.57 -17.68
C LYS B 405 -12.48 10.65 -18.44
N SER B 406 -12.15 10.31 -19.69
CA SER B 406 -12.97 9.35 -20.41
C SER B 406 -12.96 7.98 -19.73
N LEU B 407 -11.79 7.53 -19.30
CA LEU B 407 -11.69 6.34 -18.46
C LEU B 407 -12.07 6.76 -17.04
N ASN B 408 -11.91 5.87 -16.06
CA ASN B 408 -12.22 6.32 -14.71
C ASN B 408 -10.94 6.48 -13.91
N LEU B 409 -10.04 7.36 -14.38
CA LEU B 409 -8.71 7.44 -13.79
C LEU B 409 -8.21 8.87 -13.63
N SER B 410 -9.09 9.86 -13.69
CA SER B 410 -8.60 11.23 -13.58
C SER B 410 -8.37 11.62 -12.12
N LEU B 411 -7.56 12.65 -11.93
CA LEU B 411 -7.40 13.32 -10.65
C LEU B 411 -7.89 14.76 -10.77
N GLU B 412 -8.39 15.29 -9.67
CA GLU B 412 -8.69 16.71 -9.65
C GLU B 412 -7.39 17.51 -9.65
N ALA B 413 -7.46 18.73 -10.19
CA ALA B 413 -6.36 19.65 -10.04
C ALA B 413 -6.01 19.79 -8.56
N PRO B 414 -4.74 20.03 -8.24
CA PRO B 414 -4.36 20.17 -6.83
C PRO B 414 -4.99 21.41 -6.21
N SER B 415 -5.21 21.34 -4.89
CA SER B 415 -5.74 22.49 -4.17
C SER B 415 -4.70 23.60 -4.08
N GLY B 416 -3.49 23.26 -3.66
CA GLY B 416 -2.44 24.24 -3.46
C GLY B 416 -1.65 24.52 -4.72
N ALA B 417 -0.60 25.33 -4.57
CA ALA B 417 0.22 25.77 -5.69
C ALA B 417 1.01 24.64 -6.32
N ARG B 418 0.98 23.45 -5.74
CA ARG B 418 1.64 22.27 -6.29
C ARG B 418 0.90 21.04 -5.81
N SER B 419 1.04 19.97 -6.58
CA SER B 419 0.39 18.71 -6.20
C SER B 419 1.09 18.09 -5.00
N SER B 420 0.30 17.47 -4.15
CA SER B 420 0.84 16.60 -3.12
C SER B 420 1.26 15.27 -3.74
N PHE B 421 1.75 14.36 -2.90
CA PHE B 421 2.16 13.03 -3.33
C PHE B 421 0.98 12.15 -3.77
N ARG B 422 -0.27 12.62 -3.67
CA ARG B 422 -1.38 11.76 -4.10
C ARG B 422 -1.23 11.35 -5.57
N SER B 423 -0.69 12.26 -6.40
CA SER B 423 -0.48 11.92 -7.80
C SER B 423 0.45 10.71 -7.97
N LEU B 424 1.41 10.55 -7.06
CA LEU B 424 2.24 9.34 -7.11
C LEU B 424 1.47 8.14 -6.59
N GLU B 425 0.72 8.33 -5.49
CA GLU B 425 -0.11 7.24 -5.00
C GLU B 425 -1.07 6.78 -6.08
N HIS B 426 -1.73 7.73 -6.73
CA HIS B 426 -2.58 7.44 -7.87
C HIS B 426 -1.85 6.57 -8.88
N LEU B 427 -0.64 6.98 -9.27
CA LEU B 427 0.13 6.18 -10.23
C LEU B 427 0.20 4.74 -9.78
N ASP B 428 0.60 4.54 -8.52
CA ASP B 428 0.67 3.17 -7.99
C ASP B 428 -0.67 2.48 -8.15
N LYS B 429 -1.74 3.13 -7.70
CA LYS B 429 -3.07 2.55 -7.85
C LYS B 429 -3.33 2.20 -9.30
N VAL B 430 -3.07 3.14 -10.21
CA VAL B 430 -3.32 2.89 -11.63
C VAL B 430 -2.56 1.65 -12.07
N SER B 431 -1.28 1.58 -11.70
CA SER B 431 -0.46 0.43 -12.08
C SER B 431 -1.10 -0.85 -11.56
N ARG B 432 -1.47 -0.84 -10.27
CA ARG B 432 -2.09 -2.02 -9.68
C ARG B 432 -3.30 -2.44 -10.51
N HIS B 433 -4.15 -1.47 -10.85
CA HIS B 433 -5.34 -1.74 -11.64
C HIS B 433 -4.97 -2.55 -12.89
N TYR B 434 -4.02 -2.04 -13.68
CA TYR B 434 -3.76 -2.70 -14.95
C TYR B 434 -3.08 -4.04 -14.72
N ILE B 435 -2.22 -4.12 -13.70
CA ILE B 435 -1.65 -5.42 -13.38
C ILE B 435 -2.76 -6.40 -13.09
N SER B 436 -3.71 -5.97 -12.24
CA SER B 436 -4.83 -6.84 -11.89
C SER B 436 -5.63 -7.23 -13.12
N GLU B 437 -5.76 -6.33 -14.09
CA GLU B 437 -6.50 -6.69 -15.29
C GLU B 437 -5.81 -7.86 -16.00
N ILE B 438 -4.52 -7.70 -16.28
CA ILE B 438 -3.88 -8.66 -17.18
C ILE B 438 -3.70 -10.00 -16.48
N ILE B 439 -3.38 -9.98 -15.18
CA ILE B 439 -3.37 -11.22 -14.39
C ILE B 439 -4.70 -11.94 -14.56
N GLN B 440 -5.81 -11.23 -14.35
CA GLN B 440 -7.11 -11.87 -14.47
C GLN B 440 -7.29 -12.45 -15.86
N LYS B 441 -6.75 -11.77 -16.87
CA LYS B 441 -6.95 -12.24 -18.23
C LYS B 441 -6.17 -13.51 -18.51
N VAL B 442 -5.01 -13.71 -17.87
CA VAL B 442 -4.18 -14.83 -18.28
C VAL B 442 -3.87 -15.81 -17.15
N HIS B 443 -4.40 -15.56 -15.95
CA HIS B 443 -3.84 -16.10 -14.71
C HIS B 443 -3.35 -17.54 -14.80
N PRO B 444 -4.17 -18.54 -15.16
CA PRO B 444 -3.64 -19.91 -15.23
C PRO B 444 -2.57 -20.00 -16.30
N LEU B 445 -1.31 -19.86 -15.89
CA LEU B 445 -0.20 -19.81 -16.82
C LEU B 445 0.36 -21.21 -17.09
N SER B 446 0.70 -21.45 -18.34
CA SER B 446 1.39 -22.68 -18.70
C SER B 446 2.87 -22.57 -18.32
N SER B 447 3.56 -23.72 -18.39
CA SER B 447 4.98 -23.74 -18.04
C SER B 447 5.81 -22.90 -19.02
N ASP B 448 5.51 -22.98 -20.32
CA ASP B 448 6.22 -22.16 -21.29
C ASP B 448 6.04 -20.67 -21.00
N GLU B 449 4.79 -20.27 -20.76
CA GLU B 449 4.51 -18.87 -20.44
C GLU B 449 5.22 -18.44 -19.18
N ARG B 450 5.19 -19.28 -18.13
CA ARG B 450 5.83 -18.93 -16.87
C ARG B 450 7.33 -18.77 -17.05
N HIS B 451 7.95 -19.65 -17.85
CA HIS B 451 9.38 -19.54 -18.12
C HIS B 451 9.72 -18.22 -18.82
N LEU B 452 8.93 -17.85 -19.83
CA LEU B 452 9.17 -16.60 -20.53
C LEU B 452 8.97 -15.40 -19.61
N LEU B 453 7.90 -15.42 -18.82
CA LEU B 453 7.65 -14.37 -17.85
C LEU B 453 8.83 -14.20 -16.90
N SER B 454 9.36 -15.32 -16.40
CA SER B 454 10.51 -15.27 -15.50
C SER B 454 11.72 -14.66 -16.19
N ILE B 455 11.94 -15.00 -17.46
CA ILE B 455 13.05 -14.38 -18.19
C ILE B 455 12.88 -12.87 -18.25
N ILE B 456 11.66 -12.41 -18.50
CA ILE B 456 11.43 -10.97 -18.61
C ILE B 456 11.60 -10.28 -17.25
N ILE B 457 11.10 -10.89 -16.19
CA ILE B 457 11.27 -10.32 -14.85
C ILE B 457 12.75 -10.15 -14.52
N ASN B 458 13.59 -11.09 -14.95
CA ASN B 458 15.00 -11.07 -14.61
C ASN B 458 15.86 -10.33 -15.63
N SER B 459 15.26 -9.69 -16.63
CA SER B 459 16.01 -8.93 -17.62
C SER B 459 16.18 -7.48 -17.18
N ASN B 460 17.38 -6.95 -17.39
CA ASN B 460 17.63 -5.52 -17.25
C ASN B 460 17.33 -4.82 -18.58
N PHE B 461 17.15 -3.50 -18.51
CA PHE B 461 16.77 -2.69 -19.65
C PHE B 461 17.81 -1.61 -19.93
N ASN B 462 17.98 -1.31 -21.22
CA ASN B 462 18.57 -0.06 -21.67
C ASN B 462 17.46 0.88 -22.11
N PHE B 463 17.56 2.14 -21.71
CA PHE B 463 16.59 3.15 -22.11
C PHE B 463 17.26 4.11 -23.09
N ARG B 464 16.64 4.30 -24.25
CA ARG B 464 17.26 5.00 -25.37
C ARG B 464 16.48 6.27 -25.69
N HIS B 465 17.17 7.40 -25.72
CA HIS B 465 16.62 8.66 -26.20
C HIS B 465 17.47 9.12 -27.38
N GLN B 466 16.84 9.26 -28.53
CA GLN B 466 17.50 9.77 -29.73
C GLN B 466 17.13 11.22 -29.98
N SER B 467 18.09 11.96 -30.50
CA SER B 467 17.88 13.38 -30.77
C SER B 467 18.93 13.83 -31.77
N ASN B 468 18.58 14.87 -32.51
CA ASN B 468 19.56 15.60 -33.32
C ASN B 468 20.09 16.83 -32.62
N SER B 469 19.56 17.16 -31.44
CA SER B 469 20.16 18.20 -30.60
C SER B 469 21.40 17.65 -29.89
N ASN B 470 22.23 18.58 -29.42
CA ASN B 470 23.44 18.25 -28.66
C ASN B 470 23.09 18.26 -27.18
N LEU B 471 22.68 17.10 -26.67
CA LEU B 471 22.15 17.01 -25.31
C LEU B 471 23.21 16.72 -24.24
N SER B 472 24.46 16.48 -24.63
CA SER B 472 25.46 16.07 -23.64
C SER B 472 26.80 16.74 -23.89
N ASN B 473 27.51 16.97 -22.78
CA ASN B 473 28.96 17.01 -22.77
C ASN B 473 29.44 15.95 -21.78
N ASN B 474 30.07 16.36 -20.68
CA ASN B 474 30.28 15.42 -19.59
C ASN B 474 28.95 15.04 -18.93
N ILE B 475 27.98 15.95 -18.97
CA ILE B 475 26.67 15.75 -18.38
C ILE B 475 25.66 15.60 -19.50
N LEU B 476 24.83 14.57 -19.41
CA LEU B 476 23.67 14.43 -20.27
C LEU B 476 22.50 15.17 -19.64
N ASN B 477 21.90 16.10 -20.39
CA ASN B 477 20.73 16.86 -19.94
C ASN B 477 19.60 16.72 -20.96
N ILE B 478 18.57 15.95 -20.62
CA ILE B 478 17.38 15.85 -21.45
C ILE B 478 16.22 16.49 -20.71
N LYS B 479 15.52 17.40 -21.37
CA LYS B 479 14.42 18.14 -20.77
C LYS B 479 13.10 17.67 -21.39
N SER B 480 12.05 17.69 -20.58
CA SER B 480 10.74 17.39 -21.10
C SER B 480 10.29 18.50 -22.06
N PHE B 481 9.32 18.16 -22.91
CA PHE B 481 8.76 19.17 -23.81
C PHE B 481 8.23 20.36 -23.04
N ASP B 482 7.55 20.11 -21.91
CA ASP B 482 6.98 21.21 -21.14
C ASP B 482 8.06 22.06 -20.48
N LYS B 483 9.19 21.46 -20.10
CA LYS B 483 10.28 22.26 -19.53
C LYS B 483 10.97 23.06 -20.63
N ILE B 484 11.17 22.46 -21.81
CA ILE B 484 11.76 23.15 -22.95
C ILE B 484 10.95 24.39 -23.34
N GLN B 485 9.69 24.47 -22.91
CA GLN B 485 8.89 25.68 -23.07
C GLN B 485 9.31 26.76 -22.08
N SER B 486 10.62 27.02 -22.04
CA SER B 486 11.20 28.15 -21.33
C SER B 486 11.35 29.38 -22.21
N GLU B 487 10.59 29.45 -23.31
CA GLU B 487 10.61 30.61 -24.19
C GLU B 487 9.72 31.72 -23.63
N SER B 497 -1.60 22.13 -28.25
CA SER B 497 -2.60 21.67 -29.21
C SER B 497 -3.52 20.63 -28.58
N GLU B 498 -4.64 20.37 -29.26
CA GLU B 498 -5.64 19.44 -28.74
C GLU B 498 -5.07 18.04 -28.56
N ASP B 499 -4.14 17.63 -29.43
CA ASP B 499 -3.59 16.27 -29.34
C ASP B 499 -2.65 16.09 -28.16
N ILE B 500 -2.05 17.17 -27.66
CA ILE B 500 -1.20 17.06 -26.48
C ILE B 500 -2.04 16.93 -25.22
N LYS B 501 -3.23 17.53 -25.18
CA LYS B 501 -4.10 17.47 -24.00
C LYS B 501 -4.79 16.11 -23.83
N GLU B 502 -4.65 15.20 -24.79
CA GLU B 502 -5.27 13.88 -24.64
C GLU B 502 -4.65 13.10 -23.49
N ILE B 503 -3.32 13.07 -23.43
CA ILE B 503 -2.59 12.36 -22.38
C ILE B 503 -1.97 13.33 -21.38
N SER B 504 -1.45 14.46 -21.87
CA SER B 504 -0.80 15.48 -21.06
C SER B 504 0.42 14.94 -20.32
N ASN B 505 1.18 14.05 -20.97
CA ASN B 505 2.44 13.56 -20.42
C ASN B 505 3.64 14.33 -20.97
N HIS B 506 3.43 15.57 -21.40
CA HIS B 506 4.49 16.35 -22.00
C HIS B 506 5.48 16.94 -21.00
N ASP B 507 5.29 16.72 -19.69
CA ASP B 507 6.34 16.99 -18.70
C ASP B 507 7.11 15.72 -18.35
N PHE B 508 7.22 14.79 -19.30
CA PHE B 508 8.05 13.60 -19.16
C PHE B 508 9.08 13.57 -20.28
N VAL B 509 10.24 13.03 -19.98
CA VAL B 509 11.23 12.66 -20.98
C VAL B 509 10.94 11.25 -21.45
N PHE B 510 11.02 11.02 -22.75
CA PHE B 510 10.58 9.78 -23.39
C PHE B 510 11.78 8.93 -23.78
N PHE B 511 11.61 7.60 -23.65
CA PHE B 511 12.65 6.65 -23.99
C PHE B 511 12.05 5.44 -24.69
N GLY B 512 12.75 4.93 -25.70
CA GLY B 512 12.55 3.56 -26.12
C GLY B 512 13.22 2.63 -25.14
N VAL B 513 12.92 1.34 -25.26
CA VAL B 513 13.33 0.34 -24.28
C VAL B 513 13.96 -0.86 -25.01
N GLU B 514 15.10 -1.33 -24.51
CA GLU B 514 15.80 -2.49 -25.06
C GLU B 514 16.29 -3.39 -23.94
N ILE B 515 16.31 -4.70 -24.21
CA ILE B 515 17.04 -5.64 -23.36
C ILE B 515 18.52 -5.26 -23.38
N SER B 516 19.15 -5.30 -22.20
CA SER B 516 20.50 -4.78 -22.06
C SER B 516 21.60 -5.84 -21.93
N ASN B 517 21.26 -7.09 -21.65
CA ASN B 517 22.28 -8.09 -21.31
C ASN B 517 22.80 -8.80 -22.58
N HIS B 518 23.60 -8.07 -23.33
CA HIS B 518 24.14 -8.60 -24.58
C HIS B 518 25.45 -7.88 -24.88
N GLN B 519 26.16 -8.38 -25.90
CA GLN B 519 27.42 -7.77 -26.33
C GLN B 519 27.34 -7.18 -27.73
N GLU B 520 26.15 -7.11 -28.33
CA GLU B 520 26.02 -6.47 -29.63
C GLU B 520 26.23 -4.97 -29.51
N LYS B 521 26.50 -4.33 -30.64
CA LYS B 521 26.69 -2.89 -30.65
C LYS B 521 25.36 -2.20 -30.35
N LEU B 522 25.43 -1.12 -29.64
CA LEU B 522 24.28 -0.36 -29.19
C LEU B 522 24.00 0.82 -30.12
N PRO B 523 22.73 1.21 -30.28
CA PRO B 523 21.54 0.55 -29.74
C PRO B 523 21.06 -0.56 -30.66
N LEU B 524 20.27 -1.49 -30.12
CA LEU B 524 19.69 -2.52 -30.97
C LEU B 524 18.67 -1.94 -31.95
N ASN B 525 17.94 -0.91 -31.53
CA ASN B 525 16.86 -0.35 -32.31
C ASN B 525 17.06 1.17 -32.42
N LYS B 526 16.60 1.72 -33.54
CA LYS B 526 16.78 3.14 -33.83
C LYS B 526 15.48 3.83 -34.20
N THR B 527 14.34 3.14 -34.13
CA THR B 527 13.04 3.75 -34.42
C THR B 527 12.06 3.44 -33.31
N HIS B 528 11.10 4.35 -33.13
CA HIS B 528 10.02 4.15 -32.18
C HIS B 528 8.74 4.62 -32.86
N HIS B 529 7.76 3.72 -32.98
CA HIS B 529 6.58 3.93 -33.82
C HIS B 529 6.98 4.49 -35.17
N THR B 530 7.97 3.84 -35.79
CA THR B 530 8.52 4.07 -37.12
C THR B 530 9.33 5.36 -37.25
N VAL B 531 9.52 6.12 -36.17
CA VAL B 531 10.22 7.40 -36.26
C VAL B 531 11.64 7.23 -35.73
N ASP B 532 12.61 7.70 -36.52
CA ASP B 532 13.99 7.84 -36.08
C ASP B 532 14.13 9.24 -35.50
N PHE B 533 14.23 9.33 -34.17
CA PHE B 533 14.21 10.63 -33.51
C PHE B 533 15.54 11.36 -33.52
N GLY B 534 16.58 10.79 -34.11
CA GLY B 534 17.81 11.56 -34.28
C GLY B 534 19.04 10.67 -34.26
N ALA B 535 20.16 11.29 -34.66
CA ALA B 535 21.42 10.59 -34.86
C ALA B 535 22.20 10.39 -33.57
N ASN B 536 21.98 11.22 -32.55
CA ASN B 536 22.60 11.03 -31.24
C ASN B 536 21.70 10.11 -30.42
N ALA B 537 22.15 8.88 -30.20
CA ALA B 537 21.42 7.91 -29.37
C ALA B 537 22.01 7.96 -27.96
N TYR B 538 21.22 8.40 -26.99
CA TYR B 538 21.64 8.49 -25.61
C TYR B 538 21.01 7.33 -24.83
N ILE B 539 21.85 6.57 -24.12
CA ILE B 539 21.43 5.32 -23.50
C ILE B 539 21.81 5.35 -22.03
N ILE B 540 20.85 5.08 -21.16
CA ILE B 540 21.12 4.83 -19.74
C ILE B 540 20.71 3.39 -19.46
N ASP B 541 21.37 2.78 -18.47
CA ASP B 541 21.22 1.36 -18.22
C ASP B 541 20.55 1.05 -16.89
N HIS B 542 19.81 2.01 -16.32
CA HIS B 542 19.20 1.81 -15.01
C HIS B 542 17.82 2.44 -15.00
N ASP B 543 16.92 1.79 -14.27
CA ASP B 543 15.55 2.28 -14.10
C ASP B 543 15.54 3.62 -13.36
N SER B 544 14.40 4.29 -13.45
CA SER B 544 14.16 5.49 -12.70
C SER B 544 13.08 5.22 -11.66
N PRO B 545 13.26 5.66 -10.42
CA PRO B 545 12.30 5.30 -9.37
C PRO B 545 10.89 5.81 -9.63
N TYR B 546 10.72 6.92 -10.35
CA TYR B 546 9.40 7.47 -10.61
C TYR B 546 9.02 7.39 -12.08
N GLY B 547 9.60 6.49 -12.84
CA GLY B 547 9.23 6.35 -14.23
C GLY B 547 7.94 5.58 -14.40
N TYR B 548 7.34 5.70 -15.58
CA TYR B 548 6.20 4.85 -15.91
C TYR B 548 6.35 4.35 -17.33
N MET B 549 5.79 3.18 -17.58
CA MET B 549 5.94 2.45 -18.83
C MET B 549 4.58 2.24 -19.47
N THR B 550 4.52 2.47 -20.78
CA THR B 550 3.39 2.00 -21.58
C THR B 550 3.90 1.03 -22.63
N LEU B 551 2.99 0.19 -23.13
CA LEU B 551 3.35 -0.83 -24.11
C LEU B 551 3.45 -0.27 -25.52
N THR B 552 2.93 0.92 -25.74
CA THR B 552 3.01 1.63 -27.01
C THR B 552 3.31 3.08 -26.68
N ASP B 553 3.46 3.89 -27.72
CA ASP B 553 3.30 5.32 -27.51
C ASP B 553 1.99 5.55 -26.76
N HIS B 554 2.07 6.38 -25.71
CA HIS B 554 0.88 6.56 -24.88
C HIS B 554 -0.27 7.19 -25.65
N PHE B 555 0.03 8.08 -26.61
CA PHE B 555 -1.00 8.74 -27.40
C PHE B 555 -1.52 7.89 -28.55
N ASP B 556 -0.68 7.04 -29.12
CA ASP B 556 -1.02 6.24 -30.29
C ASP B 556 -0.73 4.78 -29.99
N ASN B 557 -1.75 4.03 -29.56
CA ASN B 557 -1.55 2.65 -29.14
C ASN B 557 -1.77 1.64 -30.27
N ALA B 558 -1.53 2.04 -31.52
CA ALA B 558 -1.64 1.14 -32.66
C ALA B 558 -0.26 0.60 -33.03
N ILE B 559 -0.11 -0.71 -33.04
CA ILE B 559 1.06 -1.33 -33.68
C ILE B 559 0.79 -1.43 -35.17
N PRO B 560 1.69 -0.94 -36.03
CA PRO B 560 1.39 -0.86 -37.47
C PRO B 560 1.67 -2.17 -38.19
N PRO B 561 1.29 -2.29 -39.46
CA PRO B 561 1.65 -3.47 -40.25
C PRO B 561 3.17 -3.68 -40.29
N VAL B 562 3.56 -4.93 -40.56
CA VAL B 562 4.97 -5.33 -40.38
C VAL B 562 5.90 -4.59 -41.33
N PHE B 563 5.42 -4.17 -42.51
CA PHE B 563 6.34 -3.47 -43.40
C PHE B 563 6.76 -2.11 -42.88
N TYR B 564 6.10 -1.58 -41.84
CA TYR B 564 6.56 -0.37 -41.15
C TYR B 564 7.58 -0.64 -40.05
N HIS B 565 7.78 -1.89 -39.66
CA HIS B 565 8.66 -2.18 -38.54
C HIS B 565 10.12 -2.08 -38.96
N GLU B 566 10.97 -1.73 -38.01
CA GLU B 566 12.39 -1.49 -38.29
C GLU B 566 13.08 -2.75 -38.79
N HIS B 567 12.88 -3.87 -38.12
CA HIS B 567 13.48 -5.15 -38.53
C HIS B 567 12.49 -6.00 -39.32
N GLN B 568 11.83 -5.39 -40.30
CA GLN B 568 10.71 -6.06 -40.99
C GLN B 568 11.14 -7.38 -41.61
N SER B 569 12.33 -7.42 -42.22
CA SER B 569 12.73 -8.61 -42.99
C SER B 569 12.87 -9.83 -42.09
N PHE B 570 13.37 -9.65 -40.86
CA PHE B 570 13.52 -10.79 -39.95
C PHE B 570 12.18 -11.49 -39.72
N PHE B 571 11.12 -10.71 -39.49
CA PHE B 571 9.83 -11.31 -39.19
C PHE B 571 9.13 -11.81 -40.45
N LEU B 572 9.27 -11.09 -41.57
CA LEU B 572 8.63 -11.55 -42.81
C LEU B 572 9.31 -12.83 -43.32
N ASP B 573 10.62 -12.96 -43.13
CA ASP B 573 11.34 -14.14 -43.60
C ASP B 573 11.20 -15.32 -42.66
N ASN B 574 10.96 -15.11 -41.37
CA ASN B 574 11.01 -16.26 -40.46
C ASN B 574 9.67 -16.70 -39.89
N PHE B 575 8.59 -15.96 -40.11
CA PHE B 575 7.30 -16.28 -39.50
C PHE B 575 6.18 -16.20 -40.53
N LYS B 576 4.97 -16.54 -40.10
CA LYS B 576 3.83 -16.65 -40.99
C LYS B 576 2.64 -15.86 -40.49
N GLU B 577 1.72 -16.53 -39.78
CA GLU B 577 0.46 -15.90 -39.38
C GLU B 577 0.67 -14.68 -38.48
N VAL B 578 1.78 -14.65 -37.72
CA VAL B 578 1.95 -13.56 -36.75
C VAL B 578 2.05 -12.22 -37.47
N VAL B 579 2.50 -12.23 -38.73
CA VAL B 579 2.58 -11.00 -39.52
C VAL B 579 1.21 -10.34 -39.64
N ASP B 580 0.15 -11.14 -39.75
CA ASP B 580 -1.19 -10.59 -39.88
C ASP B 580 -1.93 -10.53 -38.54
N GLU B 581 -1.23 -10.80 -37.44
CA GLU B 581 -1.76 -10.67 -36.08
C GLU B 581 -1.22 -9.48 -35.32
N VAL B 582 0.04 -9.09 -35.57
CA VAL B 582 0.72 -8.15 -34.68
C VAL B 582 0.13 -6.75 -34.80
N SER B 583 -0.42 -6.38 -35.97
CA SER B 583 -0.94 -5.03 -36.15
C SER B 583 -2.31 -4.94 -35.48
N ARG B 584 -2.42 -4.08 -34.48
CA ARG B 584 -3.56 -4.11 -33.57
C ARG B 584 -3.42 -2.92 -32.64
N TYR B 585 -4.51 -2.61 -31.95
CA TYR B 585 -4.48 -1.69 -30.82
C TYR B 585 -4.14 -2.46 -29.56
N VAL B 586 -3.21 -1.94 -28.76
CA VAL B 586 -2.82 -2.55 -27.50
C VAL B 586 -3.55 -1.80 -26.39
N HIS B 587 -4.49 -2.48 -25.73
CA HIS B 587 -5.42 -1.77 -24.87
C HIS B 587 -5.92 -2.66 -23.73
N GLY B 588 -6.52 -2.02 -22.74
CA GLY B 588 -7.14 -2.71 -21.62
C GLY B 588 -8.62 -2.94 -21.83
N ASN B 589 -9.29 -3.29 -20.72
CA ASN B 589 -10.68 -3.78 -20.77
C ASN B 589 -11.69 -2.68 -21.08
N GLN B 590 -11.30 -1.41 -21.09
CA GLN B 590 -12.22 -0.33 -21.44
C GLN B 590 -12.19 0.00 -22.94
N GLY B 591 -11.57 -0.83 -23.76
CA GLY B 591 -11.62 -0.67 -25.20
C GLY B 591 -10.31 -0.14 -25.76
N LYS B 592 -10.33 0.09 -27.09
CA LYS B 592 -9.12 0.41 -27.83
C LYS B 592 -8.47 1.70 -27.36
N THR B 593 -9.21 2.57 -26.66
CA THR B 593 -8.66 3.82 -26.14
C THR B 593 -8.02 3.66 -24.77
N ASP B 594 -8.07 2.46 -24.19
CA ASP B 594 -7.64 2.22 -22.82
C ASP B 594 -6.20 1.74 -22.83
N VAL B 595 -5.26 2.63 -22.51
CA VAL B 595 -3.83 2.36 -22.62
C VAL B 595 -3.31 1.93 -21.25
N PRO B 596 -2.87 0.68 -21.08
CA PRO B 596 -2.31 0.25 -19.79
C PRO B 596 -1.08 1.06 -19.39
N ILE B 597 -0.97 1.31 -18.09
CA ILE B 597 0.07 2.15 -17.50
C ILE B 597 0.70 1.37 -16.34
N PHE B 598 2.04 1.29 -16.32
CA PHE B 598 2.71 0.54 -15.27
C PHE B 598 3.79 1.40 -14.62
N ASN B 599 3.89 1.33 -13.30
CA ASN B 599 5.00 2.05 -12.68
C ASN B 599 6.26 1.20 -12.84
N THR B 600 7.39 1.75 -12.38
CA THR B 600 8.67 1.06 -12.57
C THR B 600 8.70 -0.27 -11.86
N LYS B 601 8.00 -0.39 -10.73
CA LYS B 601 7.96 -1.65 -10.00
C LYS B 601 7.20 -2.73 -10.78
N ASP B 602 6.08 -2.36 -11.41
CA ASP B 602 5.22 -3.32 -12.07
C ASP B 602 5.55 -3.54 -13.54
N MET B 603 6.52 -2.79 -14.09
CA MET B 603 6.80 -2.78 -15.52
C MET B 603 7.01 -4.16 -16.09
N ARG B 604 7.96 -4.90 -15.52
CA ARG B 604 8.35 -6.17 -16.13
C ARG B 604 7.21 -7.18 -16.10
N LEU B 605 6.47 -7.22 -15.00
CA LEU B 605 5.30 -8.07 -14.91
C LEU B 605 4.27 -7.70 -16.00
N GLY B 606 3.98 -6.40 -16.14
CA GLY B 606 3.03 -5.98 -17.15
C GLY B 606 3.45 -6.37 -18.56
N ILE B 607 4.73 -6.09 -18.89
CA ILE B 607 5.24 -6.43 -20.22
C ILE B 607 5.12 -7.93 -20.47
N GLY B 608 5.64 -8.74 -19.55
CA GLY B 608 5.63 -10.17 -19.76
C GLY B 608 4.24 -10.74 -19.88
N LEU B 609 3.30 -10.25 -19.06
CA LEU B 609 1.95 -10.79 -19.08
C LEU B 609 1.19 -10.37 -20.35
N HIS B 610 1.37 -9.14 -20.80
CA HIS B 610 0.73 -8.78 -22.08
C HIS B 610 1.37 -9.51 -23.25
N LEU B 611 2.68 -9.77 -23.18
CA LEU B 611 3.33 -10.57 -24.23
C LEU B 611 2.76 -11.98 -24.26
N ILE B 612 2.58 -12.57 -23.08
CA ILE B 612 1.96 -13.90 -22.98
C ILE B 612 0.56 -13.87 -23.58
N ASP B 613 -0.22 -12.84 -23.28
CA ASP B 613 -1.55 -12.72 -23.87
C ASP B 613 -1.48 -12.79 -25.40
N PHE B 614 -0.58 -12.01 -25.98
CA PHE B 614 -0.45 -12.01 -27.45
C PHE B 614 -0.03 -13.37 -27.98
N ILE B 615 1.05 -13.94 -27.43
CA ILE B 615 1.58 -15.21 -27.92
C ILE B 615 0.52 -16.30 -27.80
N ARG B 616 -0.16 -16.36 -26.66
CA ARG B 616 -1.20 -17.36 -26.46
C ARG B 616 -2.32 -17.22 -27.48
N LYS B 617 -2.63 -15.99 -27.91
CA LYS B 617 -3.65 -15.84 -28.95
C LYS B 617 -3.17 -16.26 -30.34
N SER B 618 -1.88 -16.55 -30.53
CA SER B 618 -1.32 -16.65 -31.87
C SER B 618 -1.63 -17.99 -32.53
N LYS B 619 -1.91 -17.93 -33.84
CA LYS B 619 -2.06 -19.12 -34.67
C LYS B 619 -0.76 -19.49 -35.38
N ASP B 620 0.34 -18.82 -35.06
CA ASP B 620 1.64 -19.03 -35.71
C ASP B 620 2.46 -19.93 -34.80
N GLN B 621 2.48 -21.23 -35.13
CA GLN B 621 3.21 -22.18 -34.29
C GLN B 621 4.71 -21.89 -34.28
N GLY B 622 5.27 -21.51 -35.42
CA GLY B 622 6.69 -21.17 -35.44
C GLY B 622 7.01 -19.99 -34.53
N PHE B 623 6.16 -18.97 -34.57
CA PHE B 623 6.35 -17.82 -33.69
C PHE B 623 6.26 -18.23 -32.23
N ARG B 624 5.26 -19.05 -31.88
CA ARG B 624 5.10 -19.50 -30.50
C ARG B 624 6.34 -20.25 -30.03
N GLU B 625 6.82 -21.19 -30.85
CA GLU B 625 8.01 -21.95 -30.49
C GLU B 625 9.23 -21.03 -30.36
N PHE B 626 9.31 -20.00 -31.21
CA PHE B 626 10.43 -19.07 -31.10
C PHE B 626 10.39 -18.33 -29.77
N CYS B 627 9.20 -17.89 -29.34
CA CYS B 627 9.08 -17.18 -28.07
C CYS B 627 9.31 -18.11 -26.88
N TYR B 628 8.90 -19.37 -26.99
CA TYR B 628 9.01 -20.31 -25.89
C TYR B 628 10.28 -21.14 -25.95
N ASN B 629 11.27 -20.68 -26.72
CA ASN B 629 12.60 -21.27 -26.68
C ASN B 629 13.20 -21.06 -25.29
N LYS B 630 13.43 -22.17 -24.57
CA LYS B 630 13.93 -22.08 -23.21
C LYS B 630 15.29 -21.38 -23.14
N ASN B 631 16.07 -21.41 -24.22
CA ASN B 631 17.39 -20.80 -24.26
C ASN B 631 17.42 -19.52 -25.10
N ILE B 632 16.28 -18.84 -25.24
CA ILE B 632 16.20 -17.68 -26.12
C ILE B 632 17.23 -16.63 -25.70
N ASP B 633 17.98 -16.13 -26.66
CA ASP B 633 19.05 -15.19 -26.35
C ASP B 633 18.48 -13.79 -26.16
N PRO B 634 19.25 -12.89 -25.52
CA PRO B 634 18.71 -11.56 -25.23
C PRO B 634 18.30 -10.75 -26.45
N VAL B 635 19.06 -10.82 -27.54
CA VAL B 635 18.71 -10.04 -28.74
C VAL B 635 17.43 -10.59 -29.37
N SER B 636 17.22 -11.91 -29.34
CA SER B 636 15.97 -12.45 -29.86
C SER B 636 14.79 -12.01 -29.00
N LEU B 637 14.97 -12.02 -27.68
CA LEU B 637 13.91 -11.54 -26.80
C LEU B 637 13.61 -10.07 -27.09
N ASP B 638 14.65 -9.28 -27.33
CA ASP B 638 14.43 -7.87 -27.68
C ASP B 638 13.66 -7.74 -28.98
N ARG B 639 14.07 -8.50 -30.01
CA ARG B 639 13.34 -8.52 -31.27
C ARG B 639 11.86 -8.75 -31.03
N ILE B 640 11.54 -9.77 -30.24
CA ILE B 640 10.14 -10.12 -30.00
C ILE B 640 9.43 -8.99 -29.27
N ILE B 641 10.04 -8.47 -28.22
CA ILE B 641 9.38 -7.43 -27.42
C ILE B 641 9.13 -6.17 -28.26
N ASN B 642 10.10 -5.81 -29.10
CA ASN B 642 10.00 -4.59 -29.92
C ASN B 642 9.16 -4.81 -31.16
N PHE B 643 8.84 -6.05 -31.48
CA PHE B 643 7.89 -6.40 -32.54
C PHE B 643 6.45 -6.40 -32.03
N VAL B 644 6.20 -7.08 -30.91
CA VAL B 644 4.85 -7.15 -30.37
C VAL B 644 4.41 -5.82 -29.78
N PHE B 645 5.36 -5.04 -29.28
CA PHE B 645 5.08 -3.77 -28.61
C PHE B 645 6.00 -2.68 -29.14
N GLN B 646 5.75 -1.44 -28.71
CA GLN B 646 6.68 -0.33 -28.86
C GLN B 646 6.79 0.31 -27.47
N LEU B 647 7.48 -0.38 -26.56
CA LEU B 647 7.60 0.06 -25.17
C LEU B 647 8.04 1.51 -25.12
N GLU B 648 7.40 2.27 -24.24
CA GLU B 648 7.73 3.68 -24.07
C GLU B 648 7.89 3.94 -22.58
N TYR B 649 9.09 4.36 -22.18
CA TYR B 649 9.38 4.65 -20.79
C TYR B 649 9.42 6.16 -20.61
N HIS B 650 8.93 6.64 -19.46
CA HIS B 650 8.78 8.06 -19.23
C HIS B 650 9.36 8.41 -17.87
N ILE B 651 10.23 9.41 -17.85
CA ILE B 651 10.85 9.91 -16.63
C ILE B 651 10.38 11.33 -16.39
N PRO B 652 9.91 11.65 -15.18
CA PRO B 652 9.37 13.00 -14.94
C PRO B 652 10.40 14.11 -15.14
N ARG B 653 9.95 15.17 -15.82
CA ARG B 653 10.60 16.48 -15.89
C ARG B 653 11.93 16.53 -16.64
N MET B 654 12.88 15.67 -16.30
CA MET B 654 14.22 15.83 -16.85
C MET B 654 15.07 14.62 -16.53
N LEU B 655 16.12 14.43 -17.32
CA LEU B 655 17.19 13.48 -17.03
C LEU B 655 18.50 14.27 -17.05
N SER B 656 19.22 14.25 -15.93
CA SER B 656 20.47 14.98 -15.79
C SER B 656 21.43 14.05 -15.07
N THR B 657 22.46 13.58 -15.76
CA THR B 657 23.28 12.51 -15.22
C THR B 657 24.63 12.49 -15.93
N ASP B 658 25.62 11.94 -15.25
CA ASP B 658 26.92 11.69 -15.84
C ASP B 658 27.12 10.21 -16.16
N ASN B 659 26.12 9.38 -15.94
CA ASN B 659 26.19 7.94 -16.13
C ASN B 659 25.33 7.60 -17.34
N PHE B 660 25.96 7.56 -18.51
CA PHE B 660 25.23 7.39 -19.77
C PHE B 660 26.23 7.06 -20.86
N LYS B 661 25.71 6.53 -21.96
CA LYS B 661 26.48 6.35 -23.19
C LYS B 661 25.86 7.18 -24.30
N LYS B 662 26.71 7.74 -25.14
CA LYS B 662 26.29 8.41 -26.37
C LYS B 662 26.82 7.63 -27.56
N ILE B 663 25.94 7.31 -28.50
CA ILE B 663 26.31 6.63 -29.73
C ILE B 663 25.91 7.52 -30.90
N LYS B 664 26.89 7.88 -31.73
CA LYS B 664 26.60 8.63 -32.95
C LYS B 664 26.17 7.64 -34.03
N LEU B 665 24.87 7.65 -34.36
CA LEU B 665 24.34 6.67 -35.31
C LEU B 665 24.77 6.98 -36.74
N ARG B 666 25.02 8.23 -37.04
CA ARG B 666 25.24 8.69 -38.42
C ARG B 666 25.60 10.16 -38.34
N ASP B 667 25.99 10.72 -39.48
CA ASP B 667 26.15 12.17 -39.57
C ASP B 667 24.80 12.85 -39.42
N ILE B 668 24.78 13.96 -38.69
CA ILE B 668 23.61 14.83 -38.64
C ILE B 668 23.64 15.72 -39.88
N SER B 669 22.57 15.70 -40.67
CA SER B 669 22.54 16.52 -41.88
C SER B 669 22.35 17.99 -41.54
N LEU B 670 22.61 18.86 -42.51
CA LEU B 670 22.43 20.29 -42.27
C LEU B 670 20.99 20.60 -41.87
N GLU B 671 20.02 20.06 -42.61
CA GLU B 671 18.62 20.36 -42.26
C GLU B 671 18.24 19.77 -40.91
N ASP B 672 18.73 18.56 -40.61
CA ASP B 672 18.48 17.97 -39.29
C ASP B 672 19.01 18.90 -38.20
N ALA B 673 20.24 19.40 -38.37
CA ALA B 673 20.81 20.31 -37.38
C ALA B 673 19.97 21.58 -37.26
N ILE B 674 19.51 22.12 -38.38
CA ILE B 674 18.69 23.33 -38.35
C ILE B 674 17.41 23.09 -37.57
N LYS B 675 16.73 21.97 -37.87
CA LYS B 675 15.45 21.68 -37.23
C LYS B 675 15.62 21.45 -35.73
N ALA B 676 16.74 20.88 -35.32
CA ALA B 676 16.99 20.60 -33.92
C ALA B 676 17.71 21.74 -33.20
N SER B 677 17.93 22.86 -33.87
CA SER B 677 18.65 23.99 -33.27
C SER B 677 19.98 23.55 -32.67
N ASN B 678 20.69 22.69 -33.40
CA ASN B 678 21.98 22.15 -32.96
C ASN B 678 23.07 23.11 -33.43
N TYR B 679 23.41 24.07 -32.58
CA TYR B 679 24.35 25.12 -32.98
C TYR B 679 25.76 24.57 -33.23
N GLU B 680 26.16 23.51 -32.53
CA GLU B 680 27.45 22.91 -32.81
C GLU B 680 27.50 22.36 -34.23
N GLU B 681 26.49 21.56 -34.60
CA GLU B 681 26.46 21.03 -35.96
C GLU B 681 26.34 22.15 -36.98
N ILE B 682 25.46 23.13 -36.70
CA ILE B 682 25.29 24.25 -37.62
C ILE B 682 26.60 24.99 -37.85
N ASN B 683 27.33 25.25 -36.76
CA ASN B 683 28.60 25.97 -36.89
C ASN B 683 29.68 25.14 -37.56
N ASN B 684 29.62 23.80 -37.39
CA ASN B 684 30.57 22.96 -38.11
C ASN B 684 30.28 22.91 -39.60
N LYS B 685 29.01 23.02 -39.99
CA LYS B 685 28.66 22.86 -41.40
C LYS B 685 28.62 24.18 -42.15
N VAL B 686 28.26 25.27 -41.48
CA VAL B 686 28.07 26.55 -42.16
C VAL B 686 29.26 27.45 -41.89
N THR B 687 30.27 27.37 -42.75
CA THR B 687 31.48 28.16 -42.59
C THR B 687 31.68 29.21 -43.68
N ASP B 688 30.95 29.12 -44.79
CA ASP B 688 31.03 30.14 -45.84
C ASP B 688 29.65 30.55 -46.31
N LYS B 689 29.59 31.30 -47.42
CA LYS B 689 28.34 31.90 -47.86
C LYS B 689 27.41 30.91 -48.55
N LYS B 690 27.93 29.99 -49.35
CA LYS B 690 27.02 29.05 -50.02
C LYS B 690 26.36 28.10 -49.03
N MET B 691 27.13 27.64 -48.04
CA MET B 691 26.54 26.85 -46.96
C MET B 691 25.53 27.69 -46.19
N ALA B 692 25.80 28.99 -46.03
CA ALA B 692 24.82 29.88 -45.40
C ALA B 692 23.55 30.00 -46.24
N HIS B 693 23.67 30.01 -47.56
CA HIS B 693 22.48 30.02 -48.42
C HIS B 693 21.61 28.81 -48.13
N GLN B 694 22.22 27.62 -48.17
CA GLN B 694 21.47 26.40 -47.89
C GLN B 694 20.86 26.45 -46.49
N ALA B 695 21.61 26.93 -45.50
CA ALA B 695 21.13 26.90 -44.13
C ALA B 695 19.99 27.88 -43.92
N LEU B 696 20.05 29.04 -44.57
CA LEU B 696 18.95 30.00 -44.45
C LEU B 696 17.71 29.45 -45.14
N ALA B 697 17.86 28.80 -46.29
CA ALA B 697 16.69 28.21 -46.94
C ALA B 697 16.06 27.13 -46.06
N TYR B 698 16.88 26.28 -45.45
CA TYR B 698 16.34 25.26 -44.55
C TYR B 698 15.68 25.89 -43.33
N SER B 699 16.24 26.99 -42.81
CA SER B 699 15.63 27.66 -41.67
C SER B 699 14.27 28.23 -42.03
N LEU B 700 14.18 28.87 -43.20
CA LEU B 700 12.90 29.41 -43.66
C LEU B 700 11.88 28.29 -43.88
N GLY B 701 12.29 27.22 -44.57
CA GLY B 701 11.35 26.17 -44.89
C GLY B 701 10.80 25.45 -43.67
N ASN B 702 11.61 25.34 -42.63
CA ASN B 702 11.19 24.71 -41.38
C ASN B 702 10.72 25.71 -40.33
N LYS B 703 10.60 26.98 -40.70
CA LYS B 703 10.10 28.01 -39.79
C LYS B 703 10.96 28.10 -38.53
N LYS B 704 12.28 28.02 -38.72
CA LYS B 704 13.25 28.12 -37.64
C LYS B 704 13.74 29.57 -37.59
N ALA B 705 12.89 30.44 -37.06
CA ALA B 705 13.11 31.88 -37.19
C ALA B 705 14.36 32.32 -36.42
N ASP B 706 14.58 31.75 -35.24
CA ASP B 706 15.75 32.11 -34.45
C ASP B 706 17.04 31.61 -35.11
N ILE B 707 16.99 30.44 -35.74
CA ILE B 707 18.16 29.99 -36.49
C ILE B 707 18.42 30.90 -37.67
N ALA B 708 17.37 31.30 -38.38
CA ALA B 708 17.54 32.22 -39.51
C ALA B 708 18.17 33.54 -39.06
N LEU B 709 17.67 34.10 -37.95
CA LEU B 709 18.23 35.35 -37.45
C LEU B 709 19.69 35.17 -36.99
N TYR B 710 20.02 34.02 -36.40
CA TYR B 710 21.41 33.74 -36.04
C TYR B 710 22.30 33.72 -37.29
N LEU B 711 21.84 33.05 -38.35
CA LEU B 711 22.61 33.01 -39.58
C LEU B 711 22.79 34.40 -40.18
N LEU B 712 21.74 35.22 -40.13
CA LEU B 712 21.85 36.57 -40.68
C LEU B 712 22.79 37.44 -39.86
N SER B 713 22.84 37.23 -38.54
CA SER B 713 23.80 37.95 -37.70
C SER B 713 25.22 37.43 -37.87
N LYS B 714 25.39 36.21 -38.37
CA LYS B 714 26.72 35.64 -38.56
C LYS B 714 27.30 35.90 -39.94
N PHE B 715 26.45 36.14 -40.95
CA PHE B 715 26.90 36.41 -42.31
C PHE B 715 26.21 37.67 -42.80
N ASN B 716 26.92 38.49 -43.56
CA ASN B 716 26.37 39.72 -44.12
C ASN B 716 25.70 39.37 -45.44
N PHE B 717 24.40 39.09 -45.37
CA PHE B 717 23.65 38.73 -46.57
C PHE B 717 23.38 39.96 -47.43
N THR B 718 23.38 39.76 -48.74
CA THR B 718 23.12 40.80 -49.73
C THR B 718 22.04 40.34 -50.71
N LYS B 719 21.57 41.26 -51.56
CA LYS B 719 20.66 40.88 -52.64
C LYS B 719 21.26 39.80 -53.53
N GLN B 720 22.58 39.83 -53.72
CA GLN B 720 23.18 38.81 -54.58
C GLN B 720 23.11 37.43 -53.94
N ASP B 721 23.24 37.37 -52.61
CA ASP B 721 23.06 36.10 -51.91
C ASP B 721 21.66 35.54 -52.15
N VAL B 722 20.64 36.39 -52.08
CA VAL B 722 19.27 35.94 -52.33
C VAL B 722 19.13 35.43 -53.76
N ALA B 723 19.72 36.17 -54.71
CA ALA B 723 19.68 35.71 -56.10
C ALA B 723 20.34 34.35 -56.26
N GLU B 724 21.44 34.12 -55.55
CA GLU B 724 22.07 32.80 -55.57
C GLU B 724 21.17 31.75 -54.94
N MET B 725 20.50 32.08 -53.84
CA MET B 725 19.59 31.14 -53.21
C MET B 725 18.51 30.70 -54.18
N GLU B 726 18.04 31.61 -55.03
CA GLU B 726 17.00 31.24 -55.99
C GLU B 726 17.46 30.16 -56.97
N LYS B 727 18.77 30.00 -57.18
CA LYS B 727 19.30 29.01 -58.11
C LYS B 727 19.70 27.70 -57.43
N MET B 728 19.37 27.51 -56.15
CA MET B 728 19.75 26.32 -55.39
C MET B 728 18.77 25.17 -55.65
N LYS B 729 18.95 24.51 -56.80
CA LYS B 729 18.07 23.38 -57.11
C LYS B 729 18.42 22.12 -56.32
N ASN B 730 19.54 22.07 -55.62
CA ASN B 730 19.82 20.96 -54.72
C ASN B 730 19.22 21.17 -53.32
N ASN B 731 18.60 22.32 -53.06
CA ASN B 731 17.88 22.57 -51.82
C ASN B 731 16.40 22.33 -52.04
N ARG B 732 15.80 21.48 -51.19
CA ARG B 732 14.43 21.03 -51.47
C ARG B 732 13.41 22.16 -51.33
N TYR B 733 13.68 23.17 -50.49
CA TYR B 733 12.73 24.27 -50.38
C TYR B 733 12.90 25.25 -51.54
N CYS B 734 14.14 25.66 -51.81
CA CYS B 734 14.35 26.63 -52.89
C CYS B 734 14.17 26.02 -54.27
N ASN B 735 14.21 24.69 -54.40
CA ASN B 735 13.87 24.12 -55.70
C ASN B 735 12.40 24.30 -56.02
N LEU B 736 11.56 24.42 -54.98
CA LEU B 736 10.13 24.55 -55.12
C LEU B 736 9.65 26.00 -55.05
N TYR B 737 10.26 26.81 -54.19
CA TYR B 737 9.68 28.07 -53.76
C TYR B 737 10.66 29.23 -53.92
N ASP B 738 10.12 30.40 -54.24
CA ASP B 738 10.87 31.65 -54.16
C ASP B 738 11.24 31.95 -52.71
N VAL B 739 12.37 32.65 -52.54
CA VAL B 739 12.73 33.11 -51.20
C VAL B 739 11.61 33.96 -50.60
N GLU B 740 10.99 34.82 -51.42
CA GLU B 740 9.94 35.69 -50.90
C GLU B 740 8.69 34.91 -50.52
N TYR B 741 8.45 33.80 -51.22
CA TYR B 741 7.39 32.88 -50.85
C TYR B 741 7.66 32.29 -49.47
N LEU B 742 8.90 31.82 -49.24
CA LEU B 742 9.28 31.25 -47.95
C LEU B 742 9.24 32.31 -46.85
N LEU B 743 9.50 33.56 -47.18
CA LEU B 743 9.42 34.60 -46.17
C LEU B 743 7.97 34.84 -45.77
N SER B 744 7.02 34.60 -46.69
CA SER B 744 5.66 35.07 -46.45
C SER B 744 4.60 33.99 -46.26
N LYS B 745 4.92 32.71 -46.48
CA LYS B 745 3.88 31.69 -46.53
C LYS B 745 3.33 31.37 -45.14
N ASP B 746 4.21 31.33 -44.14
CA ASP B 746 3.82 30.99 -42.78
C ASP B 746 4.25 32.12 -41.86
N GLY B 747 3.29 32.69 -41.14
CA GLY B 747 3.57 33.80 -40.24
C GLY B 747 4.66 33.53 -39.22
N ALA B 748 4.99 32.25 -39.00
CA ALA B 748 6.09 31.92 -38.10
C ALA B 748 7.41 32.54 -38.54
N ASN B 749 7.55 32.92 -39.81
CA ASN B 749 8.77 33.54 -40.31
C ASN B 749 8.69 35.06 -40.34
N TYR B 750 7.69 35.66 -39.67
CA TYR B 750 7.47 37.10 -39.78
C TYR B 750 8.73 37.89 -39.43
N LYS B 751 9.36 37.57 -38.30
CA LYS B 751 10.56 38.30 -37.89
C LYS B 751 11.63 38.25 -38.97
N VAL B 752 11.82 37.08 -39.59
CA VAL B 752 12.76 36.98 -40.69
C VAL B 752 12.35 37.92 -41.81
N LEU B 753 11.08 37.85 -42.21
CA LEU B 753 10.56 38.78 -43.21
C LEU B 753 10.92 40.20 -42.84
N GLU B 754 10.67 40.56 -41.58
CA GLU B 754 10.98 41.91 -41.13
C GLU B 754 12.43 42.25 -41.43
N TYR B 755 13.34 41.37 -41.00
CA TYR B 755 14.75 41.60 -41.26
C TYR B 755 14.99 41.80 -42.75
N PHE B 756 14.49 40.87 -43.58
CA PHE B 756 14.73 40.95 -45.00
C PHE B 756 14.23 42.28 -45.56
N ILE B 757 13.10 42.74 -45.06
CA ILE B 757 12.55 43.99 -45.58
C ILE B 757 13.35 45.17 -45.06
N ASN B 758 13.69 45.14 -43.76
CA ASN B 758 14.31 46.33 -43.19
C ASN B 758 15.75 46.50 -43.67
N ASN B 759 16.37 45.45 -44.20
CA ASN B 759 17.72 45.51 -44.73
C ASN B 759 17.75 45.48 -46.25
N GLY B 760 16.61 45.64 -46.91
CA GLY B 760 16.58 45.72 -48.36
C GLY B 760 17.08 44.49 -49.07
N LEU B 761 16.90 43.30 -48.47
CA LEU B 761 17.38 42.07 -49.09
C LEU B 761 16.45 41.56 -50.18
N VAL B 762 15.18 41.96 -50.16
CA VAL B 762 14.22 41.58 -51.19
C VAL B 762 13.38 42.79 -51.56
N ASP B 763 12.88 42.77 -52.79
CA ASP B 763 11.88 43.71 -53.25
C ASP B 763 10.52 43.22 -52.75
N VAL B 764 9.81 44.08 -52.00
CA VAL B 764 8.51 43.69 -51.46
C VAL B 764 7.56 43.24 -52.56
N ASN B 765 7.74 43.71 -53.79
CA ASN B 765 6.80 43.41 -54.86
C ASN B 765 7.36 42.45 -55.92
N LYS B 766 8.45 41.74 -55.62
CA LYS B 766 8.94 40.77 -56.58
C LYS B 766 7.86 39.73 -56.85
N LYS B 767 7.59 39.47 -58.12
CA LYS B 767 6.60 38.46 -58.46
C LYS B 767 7.25 37.08 -58.43
N PHE B 768 6.58 36.13 -57.77
CA PHE B 768 7.11 34.77 -57.66
C PHE B 768 7.40 34.19 -59.04
N GLN B 769 8.52 33.49 -59.17
CA GLN B 769 8.81 32.76 -60.40
C GLN B 769 8.53 31.27 -60.30
N LYS B 770 8.32 30.75 -59.08
CA LYS B 770 8.15 29.31 -58.88
C LYS B 770 6.71 28.97 -58.52
N VAL B 771 6.47 28.34 -57.38
CA VAL B 771 5.09 28.02 -57.02
C VAL B 771 4.30 29.30 -56.81
N ASN B 772 3.06 29.34 -57.34
CA ASN B 772 2.21 30.53 -57.34
C ASN B 772 2.84 31.67 -58.11
N SER B 773 3.41 31.33 -59.28
CA SER B 773 4.08 32.31 -60.14
C SER B 773 3.17 33.49 -60.41
N GLY B 774 3.76 34.69 -60.35
CA GLY B 774 3.01 35.91 -60.55
C GLY B 774 2.49 36.55 -59.28
N ASP B 775 2.37 35.79 -58.19
CA ASP B 775 1.92 36.37 -56.93
C ASP B 775 3.07 37.13 -56.25
N THR B 776 2.71 37.86 -55.18
CA THR B 776 3.68 38.55 -54.36
C THR B 776 3.48 38.12 -52.90
N MET B 777 4.39 38.57 -52.02
CA MET B 777 4.25 38.21 -50.62
C MET B 777 2.89 38.61 -50.07
N LEU B 778 2.33 39.72 -50.55
CA LEU B 778 1.02 40.15 -50.10
C LEU B 778 -0.04 39.09 -50.36
N ASP B 779 0.08 38.36 -51.48
CA ASP B 779 -0.87 37.27 -51.75
C ASP B 779 -0.78 36.18 -50.67
N ASN B 780 0.43 35.78 -50.30
CA ASN B 780 0.59 34.82 -49.20
C ASN B 780 0.01 35.35 -47.90
N ALA B 781 0.32 36.62 -47.58
CA ALA B 781 -0.17 37.19 -46.32
C ALA B 781 -1.69 37.20 -46.26
N MET B 782 -2.33 37.53 -47.38
CA MET B 782 -3.78 37.56 -47.41
C MET B 782 -4.37 36.15 -47.38
N LYS B 783 -3.72 35.20 -48.04
CA LYS B 783 -4.21 33.82 -48.00
C LYS B 783 -4.32 33.31 -46.57
N SER B 784 -3.30 33.58 -45.75
CA SER B 784 -3.32 33.08 -44.38
C SER B 784 -4.07 34.00 -43.42
N LYS B 785 -4.66 35.09 -43.94
CA LYS B 785 -5.43 36.04 -43.12
C LYS B 785 -4.59 36.53 -41.94
N ASP B 786 -3.33 36.85 -42.21
CA ASP B 786 -2.36 37.27 -41.21
C ASP B 786 -2.37 38.79 -41.20
N SER B 787 -3.22 39.37 -40.33
CA SER B 787 -3.44 40.82 -40.40
C SER B 787 -2.15 41.60 -40.16
N LYS B 788 -1.29 41.10 -39.28
CA LYS B 788 -0.03 41.79 -38.98
C LYS B 788 0.89 41.79 -40.19
N MET B 789 1.02 40.64 -40.87
CA MET B 789 1.89 40.59 -42.03
C MET B 789 1.34 41.41 -43.18
N ILE B 790 0.03 41.34 -43.42
CA ILE B 790 -0.59 42.15 -44.47
C ILE B 790 -0.26 43.62 -44.23
N ASP B 791 -0.45 44.07 -42.99
CA ASP B 791 -0.21 45.48 -42.73
C ASP B 791 1.25 45.84 -42.87
N PHE B 792 2.15 44.98 -42.39
CA PHE B 792 3.58 45.27 -42.52
C PHE B 792 3.97 45.42 -43.99
N LEU B 793 3.47 44.51 -44.84
CA LEU B 793 3.79 44.59 -46.27
C LEU B 793 3.26 45.87 -46.89
N LEU B 794 2.02 46.24 -46.55
CA LEU B 794 1.44 47.42 -47.16
C LEU B 794 2.12 48.70 -46.67
N LYS B 795 2.46 48.76 -45.38
CA LYS B 795 3.20 49.92 -44.88
C LYS B 795 4.54 50.08 -45.58
N ASN B 796 5.15 48.96 -45.98
CA ASN B 796 6.47 48.98 -46.61
C ASN B 796 6.39 48.94 -48.14
N GLY B 797 5.30 49.40 -48.73
CA GLY B 797 5.25 49.64 -50.16
C GLY B 797 4.70 48.53 -51.01
N ALA B 798 4.05 47.52 -50.42
CA ALA B 798 3.45 46.49 -51.24
C ALA B 798 2.38 47.09 -52.15
N ILE B 799 2.40 46.64 -53.40
CA ILE B 799 1.42 47.05 -54.41
C ILE B 799 0.17 46.21 -54.24
N LEU B 800 -0.99 46.87 -54.25
CA LEU B 800 -2.27 46.17 -54.20
C LEU B 800 -2.79 45.94 -55.63
N GLY B 801 -3.33 44.75 -55.86
CA GLY B 801 -3.99 44.45 -57.11
C GLY B 801 -3.04 43.86 -58.14
N LYS B 802 -3.61 43.46 -59.28
CA LYS B 802 -2.88 42.82 -60.37
C LYS B 802 -3.35 43.36 -61.71
N ARG B 803 -2.43 43.60 -62.63
CA ARG B 803 -2.78 44.09 -63.96
C ARG B 803 -2.50 43.03 -65.01
N PHE B 804 -3.08 43.24 -66.20
CA PHE B 804 -3.01 42.34 -67.35
C PHE B 804 -2.82 40.86 -67.02
N THR C 10 -40.17 -26.86 13.91
CA THR C 10 -39.97 -25.41 13.79
C THR C 10 -40.56 -24.91 12.47
N GLU C 11 -41.44 -25.71 11.88
CA GLU C 11 -42.08 -25.39 10.62
C GLU C 11 -43.49 -25.96 10.62
N GLU C 12 -44.38 -25.32 9.86
CA GLU C 12 -45.77 -25.75 9.76
C GLU C 12 -46.41 -24.98 8.63
N GLN C 13 -47.68 -25.34 8.33
CA GLN C 13 -48.48 -24.73 7.27
C GLN C 13 -47.88 -25.02 5.90
N ILE C 14 -46.61 -24.64 5.69
CA ILE C 14 -45.91 -25.03 4.48
C ILE C 14 -45.91 -26.55 4.34
N ALA C 15 -45.73 -27.27 5.45
CA ALA C 15 -45.56 -28.72 5.50
C ALA C 15 -44.44 -29.21 4.61
N GLU C 16 -43.38 -28.39 4.47
CA GLU C 16 -42.42 -28.51 3.37
C GLU C 16 -43.24 -28.83 2.13
N PHE C 17 -42.97 -29.93 1.43
CA PHE C 17 -43.89 -30.42 0.41
C PHE C 17 -43.85 -31.95 0.45
N LYS C 18 -44.89 -32.53 1.03
CA LYS C 18 -45.24 -33.91 0.71
C LYS C 18 -45.38 -34.06 -0.80
N GLU C 19 -45.97 -33.06 -1.45
CA GLU C 19 -46.01 -32.99 -2.91
C GLU C 19 -44.67 -33.33 -3.53
N ALA C 20 -43.64 -32.50 -3.28
CA ALA C 20 -42.30 -32.81 -3.76
C ALA C 20 -41.86 -34.20 -3.32
N PHE C 21 -42.12 -34.54 -2.06
CA PHE C 21 -41.78 -35.87 -1.55
C PHE C 21 -42.38 -36.96 -2.44
N SER C 22 -43.66 -36.80 -2.80
CA SER C 22 -44.35 -37.80 -3.59
C SER C 22 -43.68 -38.01 -4.95
N LEU C 23 -42.94 -37.02 -5.45
CA LEU C 23 -42.30 -37.18 -6.76
C LEU C 23 -41.20 -38.24 -6.71
N PHE C 24 -40.59 -38.45 -5.55
CA PHE C 24 -39.52 -39.41 -5.43
C PHE C 24 -39.90 -40.64 -4.61
N ASP C 25 -41.16 -40.74 -4.19
CA ASP C 25 -41.70 -41.92 -3.52
C ASP C 25 -42.04 -42.94 -4.59
N LYS C 26 -41.06 -43.80 -4.92
CA LYS C 26 -41.22 -44.73 -6.04
C LYS C 26 -42.36 -45.71 -5.79
N ASP C 27 -42.50 -46.20 -4.57
CA ASP C 27 -43.51 -47.18 -4.23
C ASP C 27 -44.69 -46.59 -3.46
N GLY C 28 -44.66 -45.30 -3.14
CA GLY C 28 -45.74 -44.69 -2.39
C GLY C 28 -45.85 -45.18 -0.96
N ASP C 29 -44.75 -45.62 -0.36
CA ASP C 29 -44.75 -46.18 0.98
C ASP C 29 -44.36 -45.15 2.04
N GLY C 30 -44.54 -43.86 1.73
CA GLY C 30 -44.15 -42.81 2.66
C GLY C 30 -42.66 -42.66 2.88
N THR C 31 -41.84 -43.36 2.10
CA THR C 31 -40.39 -43.31 2.24
C THR C 31 -39.75 -42.99 0.90
N ILE C 32 -38.49 -42.52 0.97
CA ILE C 32 -37.64 -42.34 -0.19
C ILE C 32 -36.28 -42.94 0.14
N THR C 33 -35.49 -43.18 -0.91
CA THR C 33 -34.17 -43.74 -0.71
C THR C 33 -33.21 -42.67 -0.21
N THR C 34 -32.11 -43.13 0.41
CA THR C 34 -31.11 -42.20 0.94
C THR C 34 -30.36 -41.50 -0.19
N LYS C 35 -30.00 -42.24 -1.24
CA LYS C 35 -29.20 -41.67 -2.31
C LYS C 35 -29.90 -40.53 -3.04
N GLU C 36 -31.22 -40.46 -2.98
CA GLU C 36 -31.98 -39.38 -3.60
C GLU C 36 -32.21 -38.20 -2.67
N LEU C 37 -31.90 -38.36 -1.37
CA LEU C 37 -32.27 -37.36 -0.37
C LEU C 37 -31.81 -35.96 -0.77
N GLY C 38 -30.50 -35.81 -1.04
CA GLY C 38 -29.99 -34.51 -1.46
C GLY C 38 -30.77 -33.91 -2.61
N THR C 39 -31.04 -34.73 -3.63
CA THR C 39 -31.82 -34.25 -4.78
C THR C 39 -33.16 -33.68 -4.32
N VAL C 40 -33.85 -34.40 -3.44
CA VAL C 40 -35.16 -33.93 -2.98
C VAL C 40 -35.01 -32.64 -2.18
N MET C 41 -33.88 -32.46 -1.48
CA MET C 41 -33.65 -31.21 -0.81
C MET C 41 -33.20 -30.11 -1.77
N ARG C 42 -32.56 -30.49 -2.88
CA ARG C 42 -32.19 -29.48 -3.87
C ARG C 42 -33.41 -29.00 -4.66
N SER C 43 -34.45 -29.83 -4.75
CA SER C 43 -35.67 -29.43 -5.42
C SER C 43 -36.46 -28.39 -4.62
N LEU C 44 -36.14 -28.23 -3.34
CA LEU C 44 -36.83 -27.30 -2.45
C LEU C 44 -35.97 -26.12 -2.04
N GLY C 45 -34.75 -26.02 -2.56
CA GLY C 45 -33.90 -24.87 -2.29
C GLY C 45 -32.90 -25.10 -1.17
N GLN C 46 -32.37 -26.31 -1.06
CA GLN C 46 -31.39 -26.66 -0.04
C GLN C 46 -30.12 -27.18 -0.70
N ASN C 47 -28.97 -26.80 -0.15
CA ASN C 47 -27.67 -27.23 -0.67
C ASN C 47 -26.80 -27.73 0.48
N PRO C 48 -27.13 -28.89 1.04
CA PRO C 48 -26.27 -29.46 2.08
C PRO C 48 -25.02 -30.09 1.47
N THR C 49 -23.93 -30.01 2.23
CA THR C 49 -22.65 -30.55 1.77
C THR C 49 -22.72 -32.07 1.69
N GLU C 50 -21.71 -32.66 1.04
CA GLU C 50 -21.61 -34.11 1.03
C GLU C 50 -21.36 -34.66 2.43
N ALA C 51 -20.61 -33.92 3.25
CA ALA C 51 -20.36 -34.36 4.62
C ALA C 51 -21.63 -34.35 5.45
N GLU C 52 -22.43 -33.28 5.34
CA GLU C 52 -23.68 -33.22 6.08
C GLU C 52 -24.68 -34.24 5.57
N LEU C 53 -24.71 -34.45 4.26
CA LEU C 53 -25.55 -35.52 3.69
C LEU C 53 -25.17 -36.87 4.29
N GLN C 54 -23.88 -37.19 4.30
CA GLN C 54 -23.45 -38.49 4.82
C GLN C 54 -23.64 -38.59 6.34
N ASP C 55 -23.62 -37.46 7.04
CA ASP C 55 -23.82 -37.50 8.49
C ASP C 55 -25.30 -37.68 8.84
N MET C 56 -26.20 -37.07 8.06
CA MET C 56 -27.62 -37.32 8.28
C MET C 56 -28.05 -38.68 7.75
N ILE C 57 -27.28 -39.27 6.83
CA ILE C 57 -27.49 -40.67 6.49
C ILE C 57 -26.96 -41.57 7.60
N ASN C 58 -25.93 -41.11 8.33
CA ASN C 58 -25.39 -41.87 9.44
C ASN C 58 -26.45 -42.13 10.51
N GLU C 59 -27.45 -41.26 10.62
CA GLU C 59 -28.49 -41.45 11.63
C GLU C 59 -29.39 -42.63 11.29
N VAL C 60 -29.61 -42.91 10.01
CA VAL C 60 -30.42 -44.05 9.61
C VAL C 60 -29.56 -45.05 8.83
N GLY C 66 -30.80 -48.21 2.25
CA GLY C 66 -31.26 -47.25 3.22
C GLY C 66 -32.46 -46.45 2.75
N THR C 67 -33.42 -46.22 3.65
CA THR C 67 -34.61 -45.48 3.34
C THR C 67 -34.88 -44.45 4.42
N ILE C 68 -35.51 -43.34 4.02
CA ILE C 68 -35.93 -42.28 4.92
C ILE C 68 -37.39 -41.99 4.65
N ASP C 69 -38.16 -41.78 5.71
CA ASP C 69 -39.58 -41.51 5.58
C ASP C 69 -39.86 -40.01 5.69
N PHE C 70 -41.12 -39.65 5.42
CA PHE C 70 -41.50 -38.24 5.49
C PHE C 70 -41.35 -37.64 6.88
N PRO C 71 -41.62 -38.36 8.00
CA PRO C 71 -41.30 -37.80 9.33
C PRO C 71 -39.86 -37.33 9.45
N GLU C 72 -38.91 -38.24 9.19
CA GLU C 72 -37.51 -37.88 9.30
C GLU C 72 -37.11 -36.84 8.26
N PHE C 73 -37.74 -36.87 7.08
CA PHE C 73 -37.41 -35.92 6.02
C PHE C 73 -37.71 -34.49 6.46
N LEU C 74 -38.78 -34.29 7.23
CA LEU C 74 -39.14 -32.96 7.69
C LEU C 74 -38.11 -32.41 8.68
N THR C 75 -37.68 -33.25 9.63
CA THR C 75 -36.73 -32.78 10.63
C THR C 75 -35.40 -32.39 10.01
N MET C 76 -35.00 -33.07 8.94
CA MET C 76 -33.71 -32.78 8.31
C MET C 76 -33.72 -31.42 7.61
N MET C 77 -34.84 -31.07 6.96
CA MET C 77 -34.91 -29.78 6.29
C MET C 77 -35.03 -28.64 7.29
N ALA C 78 -35.56 -28.90 8.49
CA ALA C 78 -35.64 -27.87 9.50
C ALA C 78 -34.25 -27.46 9.98
N ARG C 79 -33.30 -28.38 10.01
CA ARG C 79 -31.94 -28.06 10.39
C ARG C 79 -31.35 -27.01 9.44
N LYS C 80 -31.31 -27.32 8.15
CA LYS C 80 -30.70 -26.44 7.17
C LYS C 80 -31.48 -25.14 6.97
N MET C 81 -32.77 -25.10 7.31
CA MET C 81 -33.57 -23.93 7.07
C MET C 81 -33.13 -22.78 7.98
N LYS C 82 -32.86 -21.63 7.38
CA LYS C 82 -32.30 -20.48 8.07
C LYS C 82 -33.37 -19.42 8.31
N ASP C 83 -33.19 -18.65 9.37
CA ASP C 83 -34.18 -17.66 9.79
C ASP C 83 -34.00 -16.36 9.03
N THR C 84 -35.13 -15.76 8.65
CA THR C 84 -35.11 -14.43 8.05
C THR C 84 -34.68 -13.40 9.09
N ASP C 85 -33.88 -12.43 8.66
CA ASP C 85 -33.54 -11.32 9.55
C ASP C 85 -34.83 -10.62 9.99
N SER C 86 -34.88 -10.24 11.26
CA SER C 86 -36.04 -9.56 11.80
C SER C 86 -35.93 -8.06 11.56
N GLU C 87 -37.08 -7.38 11.65
CA GLU C 87 -37.10 -5.93 11.52
C GLU C 87 -36.21 -5.27 12.57
N GLU C 88 -36.21 -5.82 13.79
CA GLU C 88 -35.37 -5.27 14.84
C GLU C 88 -33.89 -5.45 14.52
N GLU C 89 -33.52 -6.61 13.98
CA GLU C 89 -32.12 -6.84 13.64
C GLU C 89 -31.67 -5.89 12.51
N ILE C 90 -32.53 -5.69 11.51
CA ILE C 90 -32.23 -4.72 10.45
C ILE C 90 -32.05 -3.33 11.04
N ARG C 91 -32.94 -2.94 11.95
CA ARG C 91 -32.87 -1.63 12.57
C ARG C 91 -31.56 -1.45 13.34
N GLU C 92 -31.13 -2.49 14.06
CA GLU C 92 -29.90 -2.39 14.85
C GLU C 92 -28.68 -2.32 13.94
N ALA C 93 -28.69 -3.11 12.86
CA ALA C 93 -27.60 -3.05 11.89
C ALA C 93 -27.47 -1.65 11.29
N PHE C 94 -28.61 -1.00 11.03
CA PHE C 94 -28.55 0.39 10.58
C PHE C 94 -28.06 1.31 11.70
N ARG C 95 -28.56 1.13 12.92
CA ARG C 95 -28.28 2.07 14.00
C ARG C 95 -26.80 2.11 14.37
N VAL C 96 -26.09 1.00 14.22
CA VAL C 96 -24.67 1.04 14.58
C VAL C 96 -23.89 2.01 13.71
N PHE C 97 -24.39 2.35 12.52
CA PHE C 97 -23.74 3.34 11.66
C PHE C 97 -24.39 4.71 11.75
N ASP C 98 -25.28 4.94 12.71
CA ASP C 98 -25.96 6.21 12.88
C ASP C 98 -25.18 7.05 13.89
N LYS C 99 -24.37 7.99 13.37
CA LYS C 99 -23.51 8.80 14.23
C LYS C 99 -24.32 9.71 15.15
N ASP C 100 -25.45 10.22 14.67
CA ASP C 100 -26.27 11.16 15.45
C ASP C 100 -27.33 10.49 16.29
N GLY C 101 -27.66 9.22 16.03
CA GLY C 101 -28.78 8.58 16.69
C GLY C 101 -30.14 9.10 16.29
N ASN C 102 -30.20 10.06 15.35
CA ASN C 102 -31.47 10.64 14.95
C ASN C 102 -32.36 9.67 14.19
N GLY C 103 -31.80 8.58 13.69
CA GLY C 103 -32.51 7.69 12.78
C GLY C 103 -32.22 7.94 11.32
N TYR C 104 -31.23 8.77 11.00
CA TYR C 104 -30.86 9.11 9.64
C TYR C 104 -29.40 8.74 9.39
N ILE C 105 -29.11 8.26 8.18
CA ILE C 105 -27.73 8.07 7.73
C ILE C 105 -27.57 8.78 6.39
N SER C 106 -26.56 9.62 6.28
CA SER C 106 -26.33 10.34 5.03
C SER C 106 -25.92 9.38 3.91
N ALA C 107 -26.20 9.79 2.68
CA ALA C 107 -25.84 8.97 1.52
C ALA C 107 -24.34 8.73 1.47
N ALA C 108 -23.54 9.74 1.82
CA ALA C 108 -22.09 9.56 1.84
C ALA C 108 -21.67 8.57 2.91
N GLU C 109 -22.26 8.66 4.10
CA GLU C 109 -21.92 7.73 5.18
C GLU C 109 -22.34 6.31 4.83
N LEU C 110 -23.56 6.14 4.31
CA LEU C 110 -24.00 4.82 3.91
C LEU C 110 -23.14 4.27 2.78
N ARG C 111 -22.70 5.14 1.87
CA ARG C 111 -21.85 4.70 0.76
C ARG C 111 -20.50 4.23 1.28
N HIS C 112 -19.89 5.00 2.18
CA HIS C 112 -18.64 4.55 2.79
C HIS C 112 -18.83 3.20 3.47
N VAL C 113 -19.90 3.06 4.24
CA VAL C 113 -20.15 1.81 4.96
C VAL C 113 -20.26 0.64 3.99
N MET C 114 -21.20 0.74 3.06
CA MET C 114 -21.46 -0.40 2.17
C MET C 114 -20.32 -0.64 1.19
N THR C 115 -19.46 0.35 0.96
CA THR C 115 -18.31 0.15 0.07
C THR C 115 -17.14 -0.51 0.80
N ASN C 116 -16.91 -0.16 2.06
CA ASN C 116 -15.70 -0.59 2.77
C ASN C 116 -15.92 -1.66 3.83
N LEU C 117 -17.16 -2.00 4.16
CA LEU C 117 -17.42 -3.04 5.14
C LEU C 117 -18.30 -4.12 4.52
N GLY C 118 -18.16 -5.35 5.02
CA GLY C 118 -18.95 -6.44 4.50
C GLY C 118 -18.48 -6.91 3.13
N GLU C 119 -19.30 -7.75 2.51
CA GLU C 119 -18.94 -8.37 1.25
C GLU C 119 -18.86 -7.33 0.12
N LYS C 120 -17.87 -7.50 -0.75
CA LYS C 120 -17.62 -6.56 -1.83
C LYS C 120 -18.79 -6.56 -2.81
N LEU C 121 -19.26 -5.36 -3.15
CA LEU C 121 -20.26 -5.10 -4.18
C LEU C 121 -19.67 -4.14 -5.19
N THR C 122 -20.34 -4.01 -6.34
CA THR C 122 -19.93 -2.95 -7.24
C THR C 122 -20.42 -1.60 -6.72
N ASP C 123 -19.74 -0.54 -7.15
CA ASP C 123 -20.18 0.81 -6.80
C ASP C 123 -21.58 1.08 -7.34
N GLU C 124 -21.88 0.54 -8.53
CA GLU C 124 -23.21 0.73 -9.11
C GLU C 124 -24.29 0.11 -8.23
N GLU C 125 -24.05 -1.09 -7.70
CA GLU C 125 -25.05 -1.69 -6.83
C GLU C 125 -25.23 -0.88 -5.55
N VAL C 126 -24.13 -0.38 -4.99
CA VAL C 126 -24.21 0.46 -3.80
C VAL C 126 -25.02 1.72 -4.08
N ASP C 127 -24.72 2.38 -5.20
CA ASP C 127 -25.45 3.60 -5.53
C ASP C 127 -26.93 3.31 -5.77
N GLU C 128 -27.26 2.15 -6.36
CA GLU C 128 -28.67 1.79 -6.54
C GLU C 128 -29.35 1.58 -5.19
N MET C 129 -28.67 0.90 -4.26
CA MET C 129 -29.24 0.71 -2.93
C MET C 129 -29.49 2.05 -2.24
N ILE C 130 -28.54 2.98 -2.35
CA ILE C 130 -28.71 4.28 -1.71
C ILE C 130 -29.88 5.03 -2.33
N ARG C 131 -29.92 5.09 -3.67
CA ARG C 131 -31.04 5.75 -4.34
C ARG C 131 -32.37 5.11 -3.95
N GLU C 132 -32.40 3.80 -3.80
CA GLU C 132 -33.65 3.15 -3.42
C GLU C 132 -34.05 3.50 -1.99
N ALA C 133 -33.07 3.61 -1.09
CA ALA C 133 -33.37 3.88 0.30
C ALA C 133 -33.72 5.35 0.55
N ASP C 134 -33.29 6.26 -0.31
CA ASP C 134 -33.49 7.70 -0.12
C ASP C 134 -34.82 8.09 -0.74
N ILE C 135 -35.91 7.78 -0.02
CA ILE C 135 -37.23 7.94 -0.61
C ILE C 135 -37.64 9.41 -0.77
N ASP C 136 -36.95 10.33 -0.10
CA ASP C 136 -37.25 11.75 -0.25
C ASP C 136 -36.29 12.46 -1.18
N GLY C 137 -35.23 11.80 -1.63
CA GLY C 137 -34.25 12.43 -2.48
C GLY C 137 -33.47 13.55 -1.83
N ASP C 138 -33.36 13.54 -0.50
CA ASP C 138 -32.73 14.63 0.24
C ASP C 138 -31.26 14.36 0.55
N GLY C 139 -30.69 13.26 0.04
CA GLY C 139 -29.34 12.88 0.41
C GLY C 139 -29.22 12.20 1.75
N GLN C 140 -30.32 12.00 2.46
CA GLN C 140 -30.36 11.31 3.74
C GLN C 140 -31.27 10.10 3.63
N VAL C 141 -31.03 9.10 4.47
CA VAL C 141 -31.83 7.88 4.51
C VAL C 141 -32.39 7.74 5.91
N ASN C 142 -33.72 7.83 6.02
CA ASN C 142 -34.43 7.57 7.27
C ASN C 142 -34.62 6.07 7.36
N TYR C 143 -33.69 5.40 8.05
CA TYR C 143 -33.70 3.94 8.03
C TYR C 143 -34.80 3.35 8.90
N GLU C 144 -35.23 4.06 9.95
CA GLU C 144 -36.33 3.54 10.76
C GLU C 144 -37.62 3.49 9.94
N GLU C 145 -37.95 4.59 9.26
CA GLU C 145 -39.12 4.63 8.40
C GLU C 145 -39.01 3.61 7.28
N PHE C 146 -37.84 3.54 6.63
CA PHE C 146 -37.67 2.64 5.49
C PHE C 146 -37.77 1.18 5.92
N VAL C 147 -37.26 0.85 7.11
CA VAL C 147 -37.30 -0.54 7.57
C VAL C 147 -38.71 -0.92 8.00
N GLN C 148 -39.43 -0.01 8.66
CA GLN C 148 -40.82 -0.30 9.00
C GLN C 148 -41.70 -0.42 7.75
N MET C 149 -41.37 0.33 6.70
CA MET C 149 -42.17 0.31 5.48
C MET C 149 -42.06 -1.01 4.74
N MET C 150 -40.92 -1.69 4.83
CA MET C 150 -40.69 -2.93 4.10
C MET C 150 -41.40 -4.12 4.74
N THR C 151 -42.01 -3.97 5.91
CA THR C 151 -42.75 -5.04 6.54
C THR C 151 -44.22 -4.93 6.16
N ALA C 152 -44.74 -6.00 5.54
CA ALA C 152 -46.14 -6.03 5.11
C ALA C 152 -47.09 -6.08 6.29
N ASP D 7 4.53 -10.64 8.85
CA ASP D 7 3.69 -10.10 7.79
C ASP D 7 2.84 -8.94 8.27
N GLN D 8 3.49 -7.85 8.67
CA GLN D 8 2.78 -6.65 9.08
C GLN D 8 2.42 -5.79 7.87
N LEU D 9 1.74 -6.39 6.90
CA LEU D 9 1.39 -5.75 5.64
C LEU D 9 -0.11 -5.45 5.60
N THR D 10 -0.47 -4.49 4.75
CA THR D 10 -1.87 -4.14 4.59
C THR D 10 -2.62 -5.20 3.79
N GLU D 11 -3.94 -5.06 3.74
CA GLU D 11 -4.76 -6.02 3.00
C GLU D 11 -4.54 -5.88 1.49
N GLU D 12 -4.41 -4.63 1.02
CA GLU D 12 -4.14 -4.43 -0.41
C GLU D 12 -2.80 -5.04 -0.79
N GLN D 13 -1.80 -4.92 0.08
CA GLN D 13 -0.47 -5.46 -0.21
C GLN D 13 -0.49 -6.99 -0.26
N ILE D 14 -1.17 -7.63 0.71
CA ILE D 14 -1.23 -9.09 0.67
C ILE D 14 -2.04 -9.54 -0.53
N ALA D 15 -3.08 -8.79 -0.92
CA ALA D 15 -3.85 -9.15 -2.11
C ALA D 15 -2.99 -9.05 -3.38
N GLU D 16 -2.20 -7.98 -3.50
CA GLU D 16 -1.31 -7.81 -4.65
C GLU D 16 -0.29 -8.95 -4.70
N PHE D 17 0.33 -9.25 -3.55
CA PHE D 17 1.32 -10.32 -3.50
C PHE D 17 0.67 -11.67 -3.79
N LYS D 18 -0.60 -11.84 -3.43
CA LYS D 18 -1.30 -13.09 -3.74
C LYS D 18 -1.52 -13.24 -5.24
N GLU D 19 -1.98 -12.17 -5.89
CA GLU D 19 -2.17 -12.21 -7.33
C GLU D 19 -0.85 -12.51 -8.04
N ALA D 20 0.23 -11.83 -7.66
CA ALA D 20 1.52 -12.11 -8.28
C ALA D 20 2.00 -13.54 -7.96
N PHE D 21 1.78 -13.99 -6.73
CA PHE D 21 2.18 -15.33 -6.31
C PHE D 21 1.49 -16.40 -7.13
N SER D 22 0.20 -16.19 -7.46
CA SER D 22 -0.55 -17.23 -8.15
C SER D 22 -0.01 -17.49 -9.56
N LEU D 23 0.64 -16.50 -10.17
CA LEU D 23 1.23 -16.70 -11.49
C LEU D 23 2.29 -17.79 -11.47
N PHE D 24 3.01 -17.92 -10.35
CA PHE D 24 4.06 -18.92 -10.21
C PHE D 24 3.62 -20.12 -9.37
N ASP D 25 2.34 -20.16 -8.97
CA ASP D 25 1.81 -21.27 -8.18
C ASP D 25 1.21 -22.30 -9.14
N LYS D 26 2.09 -23.06 -9.78
CA LYS D 26 1.66 -24.20 -10.57
C LYS D 26 1.02 -25.24 -9.65
N ASP D 27 -0.03 -25.89 -10.15
CA ASP D 27 -0.89 -26.85 -9.48
C ASP D 27 -1.92 -26.16 -8.58
N GLY D 28 -1.77 -24.87 -8.29
CA GLY D 28 -2.72 -24.17 -7.44
C GLY D 28 -2.75 -24.68 -6.01
N ASP D 29 -1.58 -25.00 -5.44
CA ASP D 29 -1.48 -25.53 -4.09
C ASP D 29 -0.95 -24.51 -3.09
N GLY D 30 -1.04 -23.22 -3.41
CA GLY D 30 -0.52 -22.18 -2.53
C GLY D 30 0.96 -22.27 -2.29
N THR D 31 1.71 -22.83 -3.25
CA THR D 31 3.13 -23.12 -3.04
C THR D 31 3.90 -22.87 -4.33
N ILE D 32 5.00 -22.14 -4.20
CA ILE D 32 5.96 -21.96 -5.28
C ILE D 32 7.24 -22.69 -4.90
N THR D 33 8.09 -22.90 -5.90
CA THR D 33 9.36 -23.57 -5.65
C THR D 33 10.39 -22.58 -5.12
N THR D 34 11.41 -23.11 -4.46
CA THR D 34 12.48 -22.27 -3.93
C THR D 34 13.22 -21.56 -5.06
N LYS D 35 13.51 -22.29 -6.15
CA LYS D 35 14.17 -21.71 -7.32
C LYS D 35 13.50 -20.43 -7.79
N GLU D 36 12.19 -20.34 -7.67
CA GLU D 36 11.45 -19.20 -8.20
C GLU D 36 11.41 -18.00 -7.26
N LEU D 37 11.76 -18.20 -5.99
CA LEU D 37 11.54 -17.17 -4.96
C LEU D 37 12.03 -15.79 -5.41
N GLY D 38 13.33 -15.68 -5.66
CA GLY D 38 13.90 -14.42 -6.10
C GLY D 38 13.12 -13.79 -7.24
N THR D 39 12.83 -14.60 -8.28
CA THR D 39 12.09 -14.09 -9.42
C THR D 39 10.77 -13.47 -8.98
N VAL D 40 9.99 -14.20 -8.17
CA VAL D 40 8.71 -13.66 -7.71
C VAL D 40 8.95 -12.37 -6.95
N MET D 41 9.95 -12.36 -6.06
CA MET D 41 10.23 -11.13 -5.33
C MET D 41 10.64 -10.01 -6.28
N ARG D 42 11.46 -10.35 -7.29
CA ARG D 42 11.82 -9.35 -8.28
C ARG D 42 10.59 -8.82 -8.99
N SER D 43 9.59 -9.68 -9.24
CA SER D 43 8.41 -9.22 -9.95
C SER D 43 7.61 -8.22 -9.13
N LEU D 44 7.82 -8.19 -7.81
CA LEU D 44 7.11 -7.27 -6.91
C LEU D 44 7.99 -6.12 -6.45
N GLY D 45 9.15 -5.93 -7.06
CA GLY D 45 9.97 -4.75 -6.83
C GLY D 45 11.10 -4.90 -5.84
N GLN D 46 11.32 -6.09 -5.29
CA GLN D 46 12.41 -6.32 -4.36
C GLN D 46 13.63 -6.85 -5.10
N ASN D 47 14.81 -6.49 -4.60
CA ASN D 47 16.08 -6.85 -5.23
C ASN D 47 17.02 -7.51 -4.23
N PRO D 48 16.64 -8.67 -3.69
CA PRO D 48 17.49 -9.32 -2.68
C PRO D 48 18.71 -9.95 -3.32
N THR D 49 19.80 -9.95 -2.57
CA THR D 49 21.02 -10.60 -3.04
C THR D 49 20.94 -12.10 -2.79
N GLU D 50 22.03 -12.81 -3.12
CA GLU D 50 21.99 -14.26 -3.12
C GLU D 50 21.98 -14.83 -1.71
N ALA D 51 22.85 -14.33 -0.83
CA ALA D 51 22.91 -14.87 0.53
C ALA D 51 21.61 -14.62 1.29
N GLU D 52 20.96 -13.48 1.04
CA GLU D 52 19.65 -13.24 1.66
C GLU D 52 18.64 -14.29 1.21
N LEU D 53 18.63 -14.61 -0.08
CA LEU D 53 17.76 -15.68 -0.58
C LEU D 53 18.08 -17.01 0.09
N GLN D 54 19.37 -17.32 0.24
CA GLN D 54 19.76 -18.58 0.86
C GLN D 54 19.30 -18.65 2.31
N ASP D 55 19.47 -17.57 3.06
CA ASP D 55 19.00 -17.55 4.44
C ASP D 55 17.48 -17.61 4.52
N MET D 56 16.79 -17.01 3.55
CA MET D 56 15.34 -17.10 3.50
C MET D 56 14.89 -18.55 3.29
N ILE D 57 15.54 -19.26 2.37
CA ILE D 57 15.13 -20.63 2.08
C ILE D 57 15.61 -21.62 3.14
N ASN D 58 16.61 -21.26 3.95
CA ASN D 58 17.06 -22.17 5.00
C ASN D 58 16.00 -22.31 6.10
N GLU D 59 15.33 -21.22 6.44
CA GLU D 59 14.35 -21.23 7.53
C GLU D 59 12.97 -21.69 7.09
N VAL D 60 12.80 -22.06 5.83
CA VAL D 60 11.50 -22.54 5.34
C VAL D 60 11.57 -23.91 4.69
N ASP D 61 12.75 -24.43 4.34
CA ASP D 61 12.88 -25.71 3.65
C ASP D 61 13.69 -26.65 4.54
N ALA D 62 13.10 -27.80 4.85
CA ALA D 62 13.77 -28.80 5.69
C ALA D 62 13.34 -30.20 5.29
N GLY D 66 12.06 -28.11 -1.31
CA GLY D 66 12.26 -26.71 -1.64
C GLY D 66 10.99 -26.04 -2.14
N THR D 67 10.05 -25.83 -1.22
CA THR D 67 8.72 -25.34 -1.57
C THR D 67 8.29 -24.29 -0.54
N ILE D 68 8.19 -23.04 -0.97
CA ILE D 68 7.81 -21.95 -0.07
C ILE D 68 6.29 -21.87 0.03
N ASP D 69 5.80 -21.65 1.24
CA ASP D 69 4.39 -21.37 1.47
C ASP D 69 4.12 -19.89 1.23
N PHE D 70 2.85 -19.58 0.97
CA PHE D 70 2.45 -18.19 0.72
C PHE D 70 2.56 -17.32 1.97
N PRO D 71 2.13 -17.79 3.15
CA PRO D 71 2.43 -17.02 4.38
C PRO D 71 3.92 -16.81 4.61
N GLU D 72 4.74 -17.85 4.40
CA GLU D 72 6.18 -17.67 4.47
C GLU D 72 6.66 -16.66 3.43
N PHE D 73 6.03 -16.67 2.25
CA PHE D 73 6.37 -15.68 1.23
C PHE D 73 6.01 -14.27 1.69
N LEU D 74 4.84 -14.11 2.32
CA LEU D 74 4.46 -12.81 2.85
C LEU D 74 5.43 -12.35 3.93
N THR D 75 5.93 -13.29 4.73
CA THR D 75 6.95 -12.95 5.73
C THR D 75 8.22 -12.45 5.06
N MET D 76 8.71 -13.19 4.05
CA MET D 76 9.96 -12.81 3.41
C MET D 76 9.83 -11.48 2.66
N MET D 77 8.66 -11.23 2.09
CA MET D 77 8.41 -9.93 1.47
C MET D 77 8.47 -8.81 2.52
N ALA D 78 7.90 -9.06 3.70
CA ALA D 78 7.76 -8.01 4.71
C ALA D 78 9.10 -7.58 5.29
N ARG D 79 10.07 -8.50 5.40
CA ARG D 79 11.37 -8.12 5.94
C ARG D 79 12.13 -7.19 5.01
N LYS D 80 11.90 -7.31 3.71
CA LYS D 80 12.57 -6.47 2.74
C LYS D 80 11.89 -5.11 2.56
N MET D 81 10.62 -4.99 2.97
CA MET D 81 9.86 -3.77 2.76
C MET D 81 10.53 -2.57 3.43
N LYS D 82 11.07 -1.67 2.61
CA LYS D 82 11.55 -0.40 3.13
C LYS D 82 10.38 0.45 3.62
N ASP D 83 10.70 1.52 4.33
CA ASP D 83 9.70 2.44 4.83
C ASP D 83 9.99 3.85 4.34
N THR D 84 8.92 4.60 4.08
CA THR D 84 9.04 5.96 3.58
C THR D 84 9.31 6.94 4.72
N ASP D 85 10.10 7.98 4.41
CA ASP D 85 10.34 9.03 5.38
C ASP D 85 9.01 9.70 5.75
N SER D 86 8.82 9.93 7.04
CA SER D 86 7.59 10.55 7.51
C SER D 86 7.67 12.07 7.35
N GLU D 87 6.51 12.71 7.44
CA GLU D 87 6.45 14.17 7.31
C GLU D 87 7.32 14.85 8.36
N GLU D 88 7.31 14.34 9.58
CA GLU D 88 8.10 14.94 10.65
C GLU D 88 9.58 14.79 10.40
N GLU D 89 10.01 13.60 9.95
CA GLU D 89 11.43 13.39 9.64
C GLU D 89 11.92 14.33 8.54
N ILE D 90 11.12 14.50 7.48
CA ILE D 90 11.49 15.41 6.40
C ILE D 90 11.57 16.84 6.93
N ARG D 91 10.57 17.24 7.71
CA ARG D 91 10.59 18.53 8.39
C ARG D 91 11.92 18.76 9.11
N GLU D 92 12.31 17.81 9.96
CA GLU D 92 13.53 17.98 10.76
C GLU D 92 14.77 18.03 9.89
N ALA D 93 14.81 17.21 8.84
CA ALA D 93 15.92 17.25 7.89
C ALA D 93 16.07 18.65 7.29
N PHE D 94 14.95 19.30 6.97
CA PHE D 94 15.04 20.69 6.51
C PHE D 94 15.48 21.61 7.64
N ARG D 95 14.88 21.45 8.82
CA ARG D 95 15.08 22.39 9.92
C ARG D 95 16.55 22.51 10.30
N VAL D 96 17.31 21.40 10.20
CA VAL D 96 18.72 21.50 10.54
C VAL D 96 19.47 22.51 9.67
N PHE D 97 18.97 22.80 8.47
CA PHE D 97 19.62 23.76 7.59
C PHE D 97 18.99 25.15 7.66
N ASP D 98 18.09 25.38 8.62
CA ASP D 98 17.42 26.66 8.80
C ASP D 98 18.26 27.49 9.78
N LYS D 99 19.10 28.36 9.23
CA LYS D 99 20.02 29.14 10.07
C LYS D 99 19.26 30.07 10.99
N ASP D 100 18.25 30.76 10.46
CA ASP D 100 17.40 31.61 11.28
C ASP D 100 16.36 30.74 11.99
N GLY D 101 15.29 31.40 12.45
CA GLY D 101 14.40 30.73 13.39
C GLY D 101 13.61 29.61 12.78
N ASN D 102 12.73 29.93 11.84
CA ASN D 102 11.72 28.97 11.46
C ASN D 102 11.24 29.20 10.04
N GLY D 103 11.22 28.12 9.26
CA GLY D 103 10.37 28.05 8.09
C GLY D 103 11.03 28.39 6.77
N TYR D 104 12.15 29.10 6.79
CA TYR D 104 12.70 29.67 5.57
C TYR D 104 14.17 29.30 5.41
N ILE D 105 14.50 28.78 4.22
CA ILE D 105 15.89 28.61 3.79
C ILE D 105 16.04 29.33 2.46
N SER D 106 17.09 30.14 2.33
CA SER D 106 17.28 30.88 1.09
C SER D 106 17.64 29.94 -0.05
N ALA D 107 17.46 30.42 -1.28
CA ALA D 107 17.84 29.64 -2.45
C ALA D 107 19.34 29.34 -2.43
N ALA D 108 20.17 30.32 -2.10
CA ALA D 108 21.61 30.11 -2.06
C ALA D 108 22.01 29.11 -0.98
N GLU D 109 21.39 29.19 0.21
CA GLU D 109 21.70 28.26 1.28
C GLU D 109 21.31 26.83 0.91
N LEU D 110 20.09 26.66 0.38
CA LEU D 110 19.64 25.34 -0.04
C LEU D 110 20.52 24.80 -1.16
N ARG D 111 20.93 25.67 -2.09
CA ARG D 111 21.81 25.25 -3.16
C ARG D 111 23.15 24.75 -2.63
N HIS D 112 23.74 25.52 -1.70
CA HIS D 112 25.00 25.10 -1.12
C HIS D 112 24.85 23.74 -0.43
N VAL D 113 23.78 23.58 0.35
CA VAL D 113 23.56 22.33 1.09
C VAL D 113 23.43 21.17 0.12
N MET D 114 22.57 21.29 -0.89
CA MET D 114 22.32 20.16 -1.76
C MET D 114 23.46 19.90 -2.75
N THR D 115 24.29 20.90 -3.03
CA THR D 115 25.44 20.67 -3.89
C THR D 115 26.59 20.01 -3.15
N ASN D 116 26.79 20.37 -1.87
CA ASN D 116 28.01 19.98 -1.19
C ASN D 116 27.84 18.90 -0.13
N LEU D 117 26.61 18.62 0.29
CA LEU D 117 26.34 17.58 1.28
C LEU D 117 25.47 16.50 0.67
N GLY D 118 25.74 15.25 1.04
CA GLY D 118 24.94 14.14 0.55
C GLY D 118 25.43 13.59 -0.78
N GLU D 119 24.57 12.77 -1.39
CA GLU D 119 24.89 12.16 -2.68
C GLU D 119 25.08 13.24 -3.74
N LYS D 120 26.15 13.11 -4.52
CA LYS D 120 26.45 14.09 -5.56
C LYS D 120 25.42 14.01 -6.69
N LEU D 121 24.99 15.18 -7.15
CA LEU D 121 24.03 15.34 -8.24
C LEU D 121 24.57 16.38 -9.20
N THR D 122 23.90 16.51 -10.35
CA THR D 122 24.24 17.58 -11.28
C THR D 122 23.73 18.92 -10.77
N ASP D 123 24.41 19.99 -11.19
CA ASP D 123 23.93 21.33 -10.86
C ASP D 123 22.54 21.58 -11.42
N GLU D 124 22.24 20.98 -12.57
CA GLU D 124 20.90 21.14 -13.17
C GLU D 124 19.83 20.57 -12.26
N GLU D 125 20.08 19.39 -11.68
CA GLU D 125 19.07 18.78 -10.82
C GLU D 125 18.87 19.61 -9.55
N VAL D 126 19.96 20.12 -8.97
CA VAL D 126 19.84 20.97 -7.79
C VAL D 126 19.04 22.23 -8.12
N ASP D 127 19.35 22.88 -9.25
CA ASP D 127 18.61 24.05 -9.67
C ASP D 127 17.13 23.74 -9.86
N GLU D 128 16.82 22.58 -10.44
CA GLU D 128 15.42 22.21 -10.64
C GLU D 128 14.70 22.01 -9.32
N MET D 129 15.34 21.31 -8.38
CA MET D 129 14.74 21.16 -7.05
C MET D 129 14.48 22.52 -6.41
N ILE D 130 15.44 23.44 -6.51
CA ILE D 130 15.27 24.75 -5.91
C ILE D 130 14.10 25.49 -6.54
N ARG D 131 14.06 25.53 -7.88
CA ARG D 131 12.97 26.22 -8.58
C ARG D 131 11.64 25.58 -8.25
N GLU D 132 11.59 24.26 -8.08
CA GLU D 132 10.34 23.61 -7.73
C GLU D 132 9.89 24.00 -6.33
N ALA D 133 10.83 24.13 -5.40
CA ALA D 133 10.47 24.47 -4.03
C ALA D 133 10.18 25.95 -3.82
N ASP D 134 10.72 26.82 -4.68
CA ASP D 134 10.52 28.27 -4.54
C ASP D 134 9.19 28.66 -5.17
N ILE D 135 8.11 28.38 -4.41
CA ILE D 135 6.75 28.59 -4.92
C ILE D 135 6.56 30.01 -5.43
N ASP D 136 7.04 31.01 -4.69
CA ASP D 136 6.76 32.40 -5.01
C ASP D 136 7.83 33.05 -5.88
N GLY D 137 8.89 32.32 -6.25
CA GLY D 137 9.94 32.91 -7.05
C GLY D 137 10.66 34.06 -6.38
N ASP D 138 10.72 34.05 -5.04
CA ASP D 138 11.35 35.11 -4.28
C ASP D 138 12.70 34.69 -3.70
N GLY D 139 13.25 33.56 -4.14
CA GLY D 139 14.54 33.11 -3.65
C GLY D 139 14.53 32.56 -2.25
N GLN D 140 13.35 32.30 -1.68
CA GLN D 140 13.21 31.70 -0.36
C GLN D 140 12.35 30.45 -0.46
N VAL D 141 12.65 29.47 0.37
CA VAL D 141 11.92 28.21 0.41
C VAL D 141 11.30 28.11 1.79
N ASN D 142 9.97 28.17 1.83
CA ASN D 142 9.18 27.92 3.04
C ASN D 142 8.98 26.42 3.14
N TYR D 143 9.93 25.76 3.81
CA TYR D 143 9.92 24.30 3.82
C TYR D 143 8.80 23.73 4.71
N GLU D 144 8.38 24.48 5.73
CA GLU D 144 7.23 24.02 6.51
C GLU D 144 6.00 23.91 5.63
N GLU D 145 5.65 25.00 4.95
CA GLU D 145 4.52 24.99 4.03
C GLU D 145 4.70 23.91 2.97
N PHE D 146 5.89 23.79 2.38
CA PHE D 146 6.10 22.87 1.28
C PHE D 146 5.94 21.42 1.71
N VAL D 147 6.54 21.04 2.83
CA VAL D 147 6.45 19.66 3.30
C VAL D 147 5.02 19.33 3.71
N GLN D 148 4.33 20.27 4.39
CA GLN D 148 2.93 20.02 4.70
C GLN D 148 2.11 19.88 3.43
N MET D 149 2.44 20.65 2.39
CA MET D 149 1.69 20.59 1.14
C MET D 149 1.89 19.26 0.43
N MET D 150 3.10 18.68 0.53
CA MET D 150 3.32 17.41 -0.16
C MET D 150 2.56 16.25 0.47
N THR D 151 2.02 16.40 1.68
CA THR D 151 1.22 15.35 2.30
C THR D 151 -0.22 15.46 1.82
N ALA D 152 -0.75 14.36 1.27
CA ALA D 152 -2.10 14.37 0.71
C ALA D 152 -3.12 14.59 1.82
N LYS D 153 -4.04 15.53 1.60
CA LYS D 153 -5.05 15.86 2.59
C LYS D 153 -6.46 15.63 2.04
#